data_6NHH
#
_entry.id   6NHH
#
_cell.length_a   89.309
_cell.length_b   154.655
_cell.length_c   100.939
_cell.angle_alpha   90.000
_cell.angle_beta   95.360
_cell.angle_gamma   90.000
#
_symmetry.space_group_name_H-M   'P 1 21 1'
#
loop_
_entity.id
_entity.type
_entity.pdbx_description
1 polymer 'Cytochrome b'
2 polymer 'Cytochrome c1'
3 polymer 'Ubiquinol-cytochrome c reductase iron-sulfur subunit'
4 non-polymer 'PROTOPORPHYRIN IX CONTAINING FE'
5 non-polymer 'METHYL (2Z)-2-(2-{[6-(2-CYANOPHENOXY)PYRIMIDIN-4-YL]OXY}PHENYL)-3-METHOXYACRYLATE'
6 non-polymer 1,2-DIHEXANOYL-SN-GLYCERO-3-PHOSPHOETHANOLAMINE
7 non-polymer O-[(R)-{[(2R)-2,3-bis(octanoyloxy)propyl]oxy}(hydroxy)phosphoryl]-L-serine
8 non-polymer 'STRONTIUM ION'
9 non-polymer 'octyl beta-D-glucopyranoside'
10 non-polymer 'HEME C'
11 non-polymer 'FE2/S2 (INORGANIC) CLUSTER'
#
loop_
_entity_poly.entity_id
_entity_poly.type
_entity_poly.pdbx_seq_one_letter_code
_entity_poly.pdbx_strand_id
1 'polypeptide(L)'
;MSGIPHDHYEPRTGIEKWLHSRLPIVALAYDTIMIPTPRNLNWMWIWGVVLAFCLVLQIVTGIVLAMHYTPHVDLAFASV
EHIMRNVNGGFMLRYLHANGASLFFIAVYLHIFRGLYYGSYKAPREVTWIVGMLIYLAMMATAFMGYVLPWGQMSFWGAT
VITGLFGAIPGIGHSIQTWLLGGPAVDNATLNRFFSLHYLLPFVIAALVAIHIWAFHSTGNNNPTGVEVRRTSKAEAQKD
TVPFWPYFIIKDVFALAVVLLVFFAIVGFMPNYLGHPDNYIEANPLSTPAHIVPEWYFLPFYAILRAFTADVWVVQIANF
ISFGIIDAKFFGVLAMFGAILVMALVPWLDTSPVRSGRYRPMFKIYFWLLAADFVILTWVGAQQTTFPYDWISLIASAYW
FAYFLVILPILGAIEKPVAPPATIEEDFNAHYSPATGGTKTVVAE
;
A,E
2 'polypeptide(L)'
;AGGGHVEDVPFSFEGPFGTFDQHQLQRGLQVYTEVCAACHGMKFVPIRSLSEPGGPELPEDQVRAYATQFTVTDEETGED
REGKPTDHFPHSALENAPDLSLMAKARAGFHGPMGTGISQLFNGIGGPEYIYSVLTGFPEEPPKCAEGHEPDGFYYNRAF
QNGSVPDTCKDANGVKTTAGSWIAMPPPLMDDLVEYADGHDASVHAMAEDVSAFLMWAAEPKLMARKQAGFTAVMFLTVL
SVLLYLTNKRLWAGVKGKKKTNVGTGHHHHHH
;
B,F
3 'polypeptide(L)'
;MSNAEDHAGTRRDFLYYATAGAGAVATGAAVWPLINQMNPSADVQALASIFVDVSSVEPGVQLTVKFLGKPIFIRRRTEA
DIELGRSVQLGQLVDTNARNANIDAGAEATDQNRTLDEAGEWLVMWGVCTHLGCVPIGGVSGDFGGWFCPCHGSHYDSAG
RIRKGPAPENLPIPLAKFIDETTIQLG
;
C,G
#
# COMPACT_ATOMS: atom_id res chain seq x y z
N GLY A 3 40.27 11.11 -11.17
CA GLY A 3 41.57 10.76 -11.73
C GLY A 3 42.72 11.46 -11.03
N ILE A 4 42.59 11.65 -9.73
CA ILE A 4 43.61 12.33 -8.92
C ILE A 4 44.58 11.27 -8.42
N PRO A 5 45.91 11.54 -8.36
CA PRO A 5 46.82 10.54 -7.79
C PRO A 5 46.60 10.28 -6.30
N HIS A 6 46.09 9.09 -5.99
CA HIS A 6 45.99 8.58 -4.63
C HIS A 6 46.71 7.22 -4.60
N ASP A 7 46.55 6.49 -3.51
CA ASP A 7 47.20 5.19 -3.32
C ASP A 7 46.15 4.09 -3.29
N HIS A 8 46.41 3.01 -4.03
CA HIS A 8 45.47 1.90 -4.12
C HIS A 8 45.29 1.24 -2.75
N TYR A 9 44.25 0.42 -2.65
CA TYR A 9 44.00 -0.35 -1.44
C TYR A 9 44.80 -1.63 -1.46
N GLU A 10 45.43 -1.94 -0.31
CA GLU A 10 46.23 -3.13 -0.13
C GLU A 10 45.54 -4.04 0.89
N PRO A 11 45.22 -5.30 0.59
CA PRO A 11 44.66 -6.16 1.64
C PRO A 11 45.67 -6.41 2.75
N ARG A 12 45.22 -6.21 3.99
CA ARG A 12 46.09 -6.25 5.16
C ARG A 12 46.05 -7.60 5.86
N THR A 13 44.97 -7.85 6.62
CA THR A 13 44.86 -9.06 7.41
C THR A 13 44.52 -10.25 6.53
N GLY A 14 44.30 -11.40 7.15
CA GLY A 14 43.97 -12.61 6.43
C GLY A 14 42.54 -12.64 5.93
N ILE A 15 41.60 -12.12 6.73
CA ILE A 15 40.21 -12.07 6.30
C ILE A 15 40.03 -11.16 5.09
N GLU A 16 40.87 -10.12 4.98
CA GLU A 16 40.77 -9.20 3.85
C GLU A 16 41.36 -9.81 2.58
N LYS A 17 42.45 -10.57 2.71
CA LYS A 17 43.02 -11.25 1.55
C LYS A 17 42.08 -12.34 1.04
N TRP A 18 41.40 -13.04 1.95
CA TRP A 18 40.43 -14.04 1.54
C TRP A 18 39.25 -13.43 0.80
N LEU A 19 38.87 -12.20 1.15
CA LEU A 19 37.71 -11.55 0.57
C LEU A 19 38.05 -10.76 -0.69
N HIS A 20 39.21 -10.10 -0.72
CA HIS A 20 39.56 -9.25 -1.86
C HIS A 20 39.80 -10.07 -3.12
N SER A 21 40.20 -11.33 -2.98
CA SER A 21 40.41 -12.20 -4.12
C SER A 21 39.12 -12.83 -4.64
N ARG A 22 37.95 -12.44 -4.10
CA ARG A 22 36.67 -12.98 -4.53
C ARG A 22 35.72 -11.85 -4.89
N LEU A 23 35.61 -10.86 -3.99
CA LEU A 23 34.77 -9.69 -4.20
C LEU A 23 35.52 -8.50 -3.61
N PRO A 24 36.14 -7.64 -4.45
CA PRO A 24 36.87 -6.49 -3.88
C PRO A 24 35.93 -5.37 -3.44
N ILE A 25 35.10 -5.66 -2.44
CA ILE A 25 34.19 -4.66 -1.89
C ILE A 25 34.89 -3.81 -0.85
N VAL A 26 35.85 -4.39 -0.12
CA VAL A 26 36.66 -3.59 0.81
C VAL A 26 37.56 -2.63 0.06
N ALA A 27 37.91 -2.95 -1.19
CA ALA A 27 38.70 -2.03 -2.00
C ALA A 27 37.85 -0.87 -2.52
N LEU A 28 36.64 -1.16 -3.00
CA LEU A 28 35.74 -0.11 -3.47
C LEU A 28 35.33 0.82 -2.33
N ALA A 29 35.32 0.32 -1.10
CA ALA A 29 35.01 1.16 0.06
C ALA A 29 36.21 2.02 0.46
N TYR A 30 37.43 1.55 0.23
CA TYR A 30 38.62 2.32 0.59
C TYR A 30 38.88 3.43 -0.41
N ASP A 31 38.90 3.11 -1.70
CA ASP A 31 39.15 4.12 -2.72
C ASP A 31 38.05 5.17 -2.74
N THR A 32 36.82 4.77 -2.42
CA THR A 32 35.72 5.72 -2.38
C THR A 32 35.84 6.65 -1.17
N ILE A 33 36.04 6.07 0.02
CA ILE A 33 36.09 6.86 1.25
C ILE A 33 37.44 7.54 1.46
N MET A 34 38.40 7.35 0.54
CA MET A 34 39.71 7.99 0.60
C MET A 34 39.97 8.84 -0.65
N ILE A 35 38.93 9.34 -1.28
CA ILE A 35 39.11 10.14 -2.50
C ILE A 35 39.81 11.44 -2.14
N PRO A 36 40.75 11.96 -2.94
CA PRO A 36 41.30 13.29 -2.62
C PRO A 36 40.29 14.40 -2.81
N THR A 37 39.88 15.04 -1.71
CA THR A 37 38.94 16.14 -1.73
C THR A 37 39.68 17.46 -1.51
N PRO A 38 39.38 18.54 -2.22
CA PRO A 38 40.03 19.82 -1.93
C PRO A 38 39.84 20.23 -0.48
N ARG A 39 40.89 20.83 0.08
CA ARG A 39 40.91 21.18 1.50
C ARG A 39 40.40 22.59 1.77
N ASN A 40 39.87 23.28 0.75
CA ASN A 40 39.35 24.64 0.89
C ASN A 40 37.83 24.68 0.84
N LEU A 41 37.16 23.55 1.01
CA LEU A 41 35.71 23.52 0.93
C LEU A 41 35.09 24.25 2.11
N ASN A 42 34.17 25.16 1.83
CA ASN A 42 33.47 25.91 2.86
C ASN A 42 32.22 25.12 3.27
N TRP A 43 31.38 25.71 4.11
CA TRP A 43 30.25 24.99 4.68
C TRP A 43 29.15 24.69 3.68
N MET A 44 29.21 25.22 2.46
CA MET A 44 28.17 24.94 1.48
C MET A 44 28.31 23.58 0.81
N TRP A 45 29.34 22.79 1.15
CA TRP A 45 29.52 21.44 0.63
C TRP A 45 28.98 20.37 1.57
N ILE A 46 28.22 20.76 2.61
CA ILE A 46 27.64 19.79 3.52
C ILE A 46 26.28 19.25 3.06
N TRP A 47 25.58 19.97 2.19
CA TRP A 47 24.19 19.64 1.91
C TRP A 47 24.04 18.34 1.13
N GLY A 48 25.08 17.90 0.44
CA GLY A 48 25.05 16.57 -0.16
C GLY A 48 24.84 15.47 0.87
N VAL A 49 25.50 15.60 2.02
CA VAL A 49 25.33 14.62 3.08
C VAL A 49 23.98 14.79 3.77
N VAL A 50 23.49 16.02 3.88
CA VAL A 50 22.18 16.25 4.47
C VAL A 50 21.09 15.68 3.57
N LEU A 51 21.24 15.83 2.25
CA LEU A 51 20.33 15.17 1.34
C LEU A 51 20.45 13.65 1.43
N ALA A 52 21.66 13.15 1.67
CA ALA A 52 21.85 11.72 1.83
C ALA A 52 21.11 11.22 3.07
N PHE A 53 21.26 11.93 4.18
CA PHE A 53 20.53 11.56 5.40
C PHE A 53 19.03 11.65 5.18
N CYS A 54 18.57 12.67 4.45
CA CYS A 54 17.14 12.86 4.24
C CYS A 54 16.53 11.70 3.49
N LEU A 55 17.19 11.22 2.43
CA LEU A 55 16.63 10.13 1.64
C LEU A 55 16.49 8.86 2.47
N VAL A 56 17.41 8.62 3.40
CA VAL A 56 17.29 7.46 4.29
C VAL A 56 16.16 7.68 5.27
N LEU A 57 16.04 8.90 5.81
CA LEU A 57 14.99 9.20 6.77
C LEU A 57 13.61 9.01 6.16
N GLN A 58 13.41 9.50 4.93
CA GLN A 58 12.10 9.39 4.30
C GLN A 58 11.75 7.95 3.96
N ILE A 59 12.75 7.13 3.60
CA ILE A 59 12.46 5.74 3.27
C ILE A 59 12.16 4.95 4.53
N VAL A 60 12.93 5.18 5.60
CA VAL A 60 12.73 4.43 6.84
C VAL A 60 11.37 4.75 7.44
N THR A 61 11.12 6.03 7.74
CA THR A 61 9.81 6.41 8.27
C THR A 61 8.72 6.19 7.24
N GLY A 62 9.04 6.29 5.95
CA GLY A 62 8.05 6.00 4.93
C GLY A 62 7.57 4.56 4.98
N ILE A 63 8.51 3.61 5.05
CA ILE A 63 8.14 2.20 5.10
C ILE A 63 7.34 1.90 6.36
N VAL A 64 7.73 2.52 7.48
CA VAL A 64 7.02 2.30 8.74
C VAL A 64 5.59 2.83 8.64
N LEU A 65 5.42 4.03 8.10
CA LEU A 65 4.08 4.60 7.98
C LEU A 65 3.21 3.78 7.03
N ALA A 66 3.81 3.10 6.05
CA ALA A 66 3.05 2.25 5.16
C ALA A 66 2.56 0.97 5.83
N MET A 67 3.18 0.57 6.95
CA MET A 67 2.69 -0.58 7.71
C MET A 67 1.39 -0.30 8.45
N HIS A 68 0.92 0.96 8.45
CA HIS A 68 -0.29 1.35 9.16
C HIS A 68 -1.22 2.22 8.35
N TYR A 69 -0.86 2.59 7.12
CA TYR A 69 -1.68 3.43 6.27
C TYR A 69 -2.51 2.58 5.32
N THR A 70 -3.72 3.05 5.03
CA THR A 70 -4.65 2.37 4.13
C THR A 70 -4.97 3.27 2.94
N PRO A 71 -4.46 2.99 1.72
CA PRO A 71 -4.79 3.90 0.60
C PRO A 71 -6.19 3.66 0.06
N HIS A 72 -7.17 4.25 0.74
CA HIS A 72 -8.54 4.24 0.30
C HIS A 72 -9.23 5.48 0.84
N VAL A 73 -10.11 6.05 0.02
CA VAL A 73 -10.77 7.31 0.37
C VAL A 73 -11.53 7.18 1.69
N ASP A 74 -12.18 6.03 1.90
CA ASP A 74 -12.96 5.84 3.11
C ASP A 74 -12.09 5.63 4.35
N LEU A 75 -10.81 5.29 4.19
CA LEU A 75 -9.95 4.91 5.32
C LEU A 75 -8.64 5.69 5.40
N ALA A 76 -8.25 6.41 4.35
CA ALA A 76 -6.94 7.06 4.34
C ALA A 76 -6.82 8.09 5.46
N PHE A 77 -7.77 9.03 5.53
CA PHE A 77 -7.72 10.07 6.54
C PHE A 77 -7.76 9.47 7.95
N ALA A 78 -8.53 8.40 8.13
CA ALA A 78 -8.65 7.79 9.45
C ALA A 78 -7.39 6.99 9.81
N SER A 79 -6.79 6.30 8.83
CA SER A 79 -5.59 5.53 9.11
C SER A 79 -4.44 6.43 9.53
N VAL A 80 -4.41 7.69 9.06
CA VAL A 80 -3.36 8.61 9.47
C VAL A 80 -3.60 9.10 10.89
N GLU A 81 -4.86 9.30 11.28
CA GLU A 81 -5.16 9.64 12.67
C GLU A 81 -5.06 8.43 13.57
N HIS A 82 -5.26 7.23 13.02
CA HIS A 82 -4.91 6.02 13.75
C HIS A 82 -3.43 5.99 14.09
N ILE A 83 -2.58 6.42 13.13
CA ILE A 83 -1.15 6.47 13.35
C ILE A 83 -0.79 7.53 14.39
N MET A 84 -1.43 8.69 14.32
CA MET A 84 -1.13 9.76 15.26
C MET A 84 -1.49 9.37 16.69
N ARG A 85 -2.59 8.64 16.86
CA ARG A 85 -3.20 8.45 18.17
C ARG A 85 -2.86 7.13 18.84
N ASN A 86 -2.60 6.07 18.06
CA ASN A 86 -2.52 4.71 18.59
C ASN A 86 -1.19 4.02 18.34
N VAL A 87 -0.60 4.17 17.16
CA VAL A 87 0.67 3.52 16.88
C VAL A 87 1.75 4.08 17.80
N ASN A 88 2.59 3.19 18.33
CA ASN A 88 3.63 3.59 19.26
C ASN A 88 4.57 4.59 18.60
N GLY A 89 4.61 5.80 19.14
CA GLY A 89 5.42 6.83 18.53
C GLY A 89 5.02 7.22 17.13
N GLY A 90 3.81 6.83 16.70
CA GLY A 90 3.38 7.14 15.34
C GLY A 90 3.23 8.63 15.10
N PHE A 91 2.94 9.39 16.15
CA PHE A 91 2.81 10.83 15.98
C PHE A 91 4.15 11.46 15.62
N MET A 92 5.25 10.92 16.17
CA MET A 92 6.57 11.44 15.84
C MET A 92 6.98 11.00 14.44
N LEU A 93 6.59 9.78 14.04
CA LEU A 93 7.00 9.27 12.74
C LEU A 93 6.36 10.04 11.60
N ARG A 94 5.10 10.48 11.76
CA ARG A 94 4.49 11.29 10.71
C ARG A 94 5.20 12.63 10.60
N TYR A 95 5.33 13.35 11.73
CA TYR A 95 5.98 14.65 11.71
C TYR A 95 7.42 14.57 11.22
N LEU A 96 8.12 13.47 11.52
CA LEU A 96 9.43 13.25 10.94
C LEU A 96 9.31 13.08 9.43
N HIS A 97 8.30 12.35 8.98
CA HIS A 97 8.12 12.16 7.54
C HIS A 97 7.63 13.43 6.87
N ALA A 98 6.78 14.20 7.56
CA ALA A 98 6.20 15.40 6.97
C ALA A 98 7.21 16.55 6.96
N ASN A 99 7.73 16.91 8.15
CA ASN A 99 8.80 17.91 8.19
C ASN A 99 10.03 17.43 7.45
N GLY A 100 10.26 16.11 7.40
CA GLY A 100 11.42 15.58 6.70
C GLY A 100 11.45 15.95 5.23
N ALA A 101 10.28 16.05 4.59
CA ALA A 101 10.24 16.50 3.21
C ALA A 101 10.69 17.95 3.10
N SER A 102 10.33 18.79 4.08
CA SER A 102 10.78 20.18 4.06
C SER A 102 12.29 20.27 4.27
N LEU A 103 12.84 19.50 5.21
CA LEU A 103 14.29 19.42 5.35
C LEU A 103 14.93 18.89 4.08
N PHE A 104 14.27 17.94 3.42
CA PHE A 104 14.80 17.36 2.20
C PHE A 104 14.79 18.37 1.07
N PHE A 105 13.82 19.29 1.07
CA PHE A 105 13.67 20.25 -0.02
C PHE A 105 14.41 21.57 0.23
N ILE A 106 14.56 21.99 1.48
CA ILE A 106 15.42 23.14 1.75
C ILE A 106 16.88 22.80 1.45
N ALA A 107 17.25 21.52 1.55
CA ALA A 107 18.64 21.14 1.31
C ALA A 107 18.99 21.25 -0.16
N VAL A 108 18.12 20.78 -1.07
CA VAL A 108 18.45 20.82 -2.50
C VAL A 108 18.62 22.26 -2.97
N TYR A 109 17.81 23.18 -2.44
CA TYR A 109 17.87 24.55 -2.90
C TYR A 109 19.17 25.22 -2.47
N LEU A 110 19.67 24.90 -1.28
CA LEU A 110 21.02 25.33 -0.92
C LEU A 110 22.07 24.52 -1.66
N HIS A 111 21.81 23.23 -1.85
CA HIS A 111 22.67 22.38 -2.69
C HIS A 111 22.73 22.90 -4.12
N ILE A 112 21.60 23.37 -4.65
CA ILE A 112 21.54 23.82 -6.04
C ILE A 112 22.16 25.21 -6.18
N PHE A 113 21.72 26.15 -5.35
CA PHE A 113 22.25 27.50 -5.43
C PHE A 113 23.73 27.56 -5.08
N ARG A 114 24.24 26.57 -4.34
CA ARG A 114 25.68 26.35 -4.29
C ARG A 114 26.22 26.11 -5.68
N GLY A 115 25.62 25.17 -6.40
CA GLY A 115 26.11 24.82 -7.73
C GLY A 115 25.96 25.94 -8.74
N LEU A 116 25.00 26.84 -8.53
CA LEU A 116 24.82 27.95 -9.45
C LEU A 116 25.87 29.04 -9.24
N TYR A 117 26.26 29.28 -7.98
CA TYR A 117 27.27 30.29 -7.70
C TYR A 117 28.65 29.83 -8.16
N TYR A 118 29.10 28.68 -7.67
CA TYR A 118 30.45 28.20 -7.92
C TYR A 118 30.62 27.50 -9.25
N GLY A 119 29.62 27.51 -10.12
CA GLY A 119 29.78 26.92 -11.44
C GLY A 119 30.11 25.44 -11.42
N SER A 120 29.58 24.70 -10.45
CA SER A 120 29.76 23.26 -10.41
C SER A 120 28.98 22.54 -11.51
N TYR A 121 28.12 23.26 -12.24
CA TYR A 121 27.41 22.68 -13.39
C TYR A 121 28.24 22.72 -14.66
N LYS A 122 29.18 23.66 -14.76
CA LYS A 122 30.00 23.78 -15.95
C LYS A 122 30.96 22.61 -16.06
N ALA A 123 31.47 22.39 -17.29
CA ALA A 123 32.27 21.23 -17.65
C ALA A 123 33.47 21.05 -16.72
N PRO A 124 33.90 19.81 -16.43
CA PRO A 124 33.44 18.51 -16.92
C PRO A 124 32.23 17.93 -16.16
N ARG A 125 31.50 18.78 -15.42
CA ARG A 125 30.47 18.33 -14.49
C ARG A 125 29.06 18.48 -15.04
N GLU A 126 28.86 18.28 -16.35
CA GLU A 126 27.51 18.35 -16.90
C GLU A 126 26.66 17.16 -16.47
N VAL A 127 27.26 15.97 -16.43
CA VAL A 127 26.48 14.76 -16.15
C VAL A 127 26.01 14.74 -14.70
N THR A 128 26.84 15.26 -13.78
CA THR A 128 26.39 15.37 -12.39
C THR A 128 25.17 16.27 -12.28
N TRP A 129 25.12 17.32 -13.09
CA TRP A 129 23.98 18.23 -13.07
C TRP A 129 22.73 17.56 -13.62
N ILE A 130 22.86 16.92 -14.79
CA ILE A 130 21.69 16.29 -15.42
C ILE A 130 21.17 15.17 -14.55
N VAL A 131 22.07 14.37 -13.96
CA VAL A 131 21.64 13.37 -12.99
C VAL A 131 21.01 14.06 -11.79
N GLY A 132 21.53 15.23 -11.41
CA GLY A 132 20.92 16.00 -10.34
C GLY A 132 19.52 16.45 -10.69
N MET A 133 19.33 16.94 -11.93
CA MET A 133 18.03 17.45 -12.33
C MET A 133 16.97 16.35 -12.34
N LEU A 134 17.35 15.15 -12.77
CA LEU A 134 16.40 14.04 -12.75
C LEU A 134 15.99 13.70 -11.33
N ILE A 135 16.97 13.72 -10.40
CA ILE A 135 16.65 13.54 -8.99
C ILE A 135 15.69 14.63 -8.52
N TYR A 136 15.87 15.85 -9.01
CA TYR A 136 15.00 16.95 -8.60
C TYR A 136 13.57 16.70 -9.07
N LEU A 137 13.40 16.11 -10.27
CA LEU A 137 12.06 15.84 -10.77
C LEU A 137 11.40 14.71 -9.97
N ALA A 138 12.14 13.63 -9.73
CA ALA A 138 11.58 12.51 -8.96
C ALA A 138 11.23 12.94 -7.54
N MET A 139 12.03 13.84 -6.96
CA MET A 139 11.72 14.33 -5.61
C MET A 139 10.38 15.05 -5.59
N MET A 140 10.17 15.99 -6.52
CA MET A 140 8.95 16.77 -6.53
C MET A 140 7.74 15.90 -6.84
N ALA A 141 7.85 15.00 -7.82
CA ALA A 141 6.75 14.09 -8.11
C ALA A 141 6.48 13.17 -6.92
N THR A 142 7.52 12.78 -6.19
CA THR A 142 7.33 11.93 -5.01
C THR A 142 6.58 12.68 -3.92
N ALA A 143 7.03 13.88 -3.57
CA ALA A 143 6.38 14.62 -2.49
C ALA A 143 4.96 15.02 -2.85
N PHE A 144 4.73 15.35 -4.13
CA PHE A 144 3.39 15.70 -4.59
C PHE A 144 2.43 14.55 -4.34
N MET A 145 2.80 13.34 -4.74
CA MET A 145 1.94 12.18 -4.53
C MET A 145 1.84 11.83 -3.05
N GLY A 146 2.87 12.13 -2.27
CA GLY A 146 2.81 11.87 -0.84
C GLY A 146 1.77 12.73 -0.13
N TYR A 147 1.64 13.98 -0.58
CA TYR A 147 0.67 14.89 0.03
C TYR A 147 -0.77 14.45 -0.24
N VAL A 148 -1.01 13.65 -1.28
CA VAL A 148 -2.35 13.16 -1.55
C VAL A 148 -2.78 12.13 -0.51
N LEU A 149 -1.85 11.45 0.15
CA LEU A 149 -2.15 10.25 0.92
C LEU A 149 -2.93 10.51 2.21
N PRO A 150 -2.70 11.61 2.96
CA PRO A 150 -3.60 11.90 4.07
C PRO A 150 -5.05 12.14 3.65
N TRP A 151 -5.25 12.57 2.40
CA TRP A 151 -6.58 12.71 1.83
C TRP A 151 -7.40 13.75 2.60
N GLY A 152 -6.75 14.85 2.95
CA GLY A 152 -7.44 16.03 3.45
C GLY A 152 -7.93 16.92 2.32
N GLN A 153 -8.29 18.15 2.69
CA GLN A 153 -8.76 19.10 1.69
C GLN A 153 -7.63 19.47 0.73
N MET A 154 -6.48 19.87 1.28
CA MET A 154 -5.35 20.23 0.43
C MET A 154 -4.86 19.03 -0.38
N SER A 155 -4.95 17.82 0.19
CA SER A 155 -4.61 16.62 -0.56
C SER A 155 -5.49 16.48 -1.80
N PHE A 156 -6.81 16.61 -1.62
CA PHE A 156 -7.74 16.40 -2.73
C PHE A 156 -7.66 17.54 -3.75
N TRP A 157 -7.72 18.78 -3.27
CA TRP A 157 -7.83 19.91 -4.18
C TRP A 157 -6.49 20.28 -4.80
N GLY A 158 -5.39 20.05 -4.09
CA GLY A 158 -4.09 20.16 -4.73
C GLY A 158 -3.93 19.20 -5.89
N ALA A 159 -4.39 17.97 -5.71
CA ALA A 159 -4.36 17.00 -6.80
C ALA A 159 -5.35 17.36 -7.90
N THR A 160 -6.43 18.08 -7.56
CA THR A 160 -7.45 18.42 -8.55
C THR A 160 -6.96 19.52 -9.47
N VAL A 161 -6.19 20.48 -8.95
CA VAL A 161 -5.67 21.57 -9.75
C VAL A 161 -4.54 21.08 -10.65
N ILE A 162 -3.59 20.34 -10.08
CA ILE A 162 -2.40 19.96 -10.83
C ILE A 162 -2.73 18.95 -11.91
N THR A 163 -3.62 17.99 -11.61
CA THR A 163 -4.05 17.05 -12.64
C THR A 163 -4.83 17.75 -13.74
N GLY A 164 -5.48 18.87 -13.43
CA GLY A 164 -6.19 19.63 -14.44
C GLY A 164 -5.26 20.35 -15.41
N LEU A 165 -4.03 20.66 -14.97
CA LEU A 165 -3.08 21.30 -15.87
C LEU A 165 -2.72 20.41 -17.04
N PHE A 166 -2.74 19.09 -16.84
CA PHE A 166 -2.48 18.18 -17.95
C PHE A 166 -3.61 18.17 -18.97
N GLY A 167 -4.82 18.54 -18.55
CA GLY A 167 -5.91 18.71 -19.50
C GLY A 167 -5.72 19.87 -20.44
N ALA A 168 -4.87 20.84 -20.06
CA ALA A 168 -4.64 22.03 -20.88
C ALA A 168 -3.67 21.78 -22.02
N ILE A 169 -3.05 20.60 -22.10
CA ILE A 169 -2.18 20.31 -23.25
C ILE A 169 -3.02 20.30 -24.52
N PRO A 170 -2.56 20.84 -25.65
CA PRO A 170 -3.40 20.81 -26.86
C PRO A 170 -3.62 19.39 -27.36
N GLY A 171 -4.88 19.06 -27.61
CA GLY A 171 -5.24 17.79 -28.20
C GLY A 171 -5.17 16.62 -27.24
N ILE A 172 -3.94 16.18 -26.90
CA ILE A 172 -3.76 15.00 -26.07
C ILE A 172 -3.95 15.27 -24.59
N GLY A 173 -4.32 16.49 -24.19
CA GLY A 173 -4.37 16.81 -22.79
C GLY A 173 -5.44 16.05 -22.02
N HIS A 174 -6.60 15.84 -22.65
CA HIS A 174 -7.69 15.15 -21.96
C HIS A 174 -7.38 13.69 -21.73
N SER A 175 -6.69 13.06 -22.69
CA SER A 175 -6.36 11.64 -22.54
C SER A 175 -5.34 11.43 -21.44
N ILE A 176 -4.35 12.32 -21.33
CA ILE A 176 -3.34 12.20 -20.29
C ILE A 176 -3.97 12.42 -18.92
N GLN A 177 -4.92 13.35 -18.82
CA GLN A 177 -5.60 13.58 -17.55
C GLN A 177 -6.45 12.37 -17.15
N THR A 178 -7.21 11.83 -18.11
CA THR A 178 -8.02 10.64 -17.86
C THR A 178 -7.13 9.46 -17.48
N TRP A 179 -6.02 9.29 -18.19
CA TRP A 179 -5.08 8.21 -17.87
C TRP A 179 -4.50 8.38 -16.47
N LEU A 180 -4.07 9.60 -16.15
CA LEU A 180 -3.54 9.88 -14.81
C LEU A 180 -4.58 9.59 -13.74
N LEU A 181 -5.73 10.27 -13.81
CA LEU A 181 -6.73 10.17 -12.75
C LEU A 181 -7.35 8.79 -12.69
N GLY A 182 -7.39 8.07 -13.82
CA GLY A 182 -8.16 6.85 -13.87
C GLY A 182 -9.65 7.08 -13.85
N GLY A 183 -10.10 8.27 -14.25
CA GLY A 183 -11.50 8.60 -14.23
C GLY A 183 -11.76 10.07 -14.54
N PRO A 184 -13.02 10.49 -14.47
CA PRO A 184 -13.33 11.90 -14.78
C PRO A 184 -12.74 12.89 -13.79
N ALA A 185 -12.36 12.46 -12.59
CA ALA A 185 -11.86 13.40 -11.58
C ALA A 185 -11.01 12.64 -10.57
N VAL A 186 -10.37 13.42 -9.70
CA VAL A 186 -9.60 12.87 -8.60
C VAL A 186 -10.51 12.00 -7.73
N ASP A 187 -10.16 10.73 -7.59
CA ASP A 187 -11.00 9.81 -6.83
C ASP A 187 -10.10 8.72 -6.23
N ASN A 188 -10.69 7.56 -5.94
CA ASN A 188 -9.97 6.52 -5.20
C ASN A 188 -8.89 5.87 -6.05
N ALA A 189 -9.17 5.66 -7.35
CA ALA A 189 -8.15 5.11 -8.23
C ALA A 189 -6.93 6.00 -8.29
N THR A 190 -7.10 7.31 -8.19
CA THR A 190 -5.98 8.23 -8.14
C THR A 190 -5.18 8.05 -6.85
N LEU A 191 -5.87 7.96 -5.72
CA LEU A 191 -5.20 7.73 -4.45
C LEU A 191 -4.51 6.38 -4.44
N ASN A 192 -5.14 5.39 -5.07
CA ASN A 192 -4.61 4.02 -5.03
C ASN A 192 -3.31 3.92 -5.83
N ARG A 193 -3.24 4.55 -7.00
CA ARG A 193 -2.03 4.49 -7.82
C ARG A 193 -0.97 5.46 -7.33
N PHE A 194 -1.38 6.64 -6.85
CA PHE A 194 -0.42 7.60 -6.32
C PHE A 194 0.35 7.01 -5.14
N PHE A 195 -0.31 6.17 -4.34
CA PHE A 195 0.37 5.55 -3.22
C PHE A 195 1.45 4.58 -3.67
N SER A 196 1.16 3.77 -4.70
CA SER A 196 2.15 2.81 -5.19
C SER A 196 3.38 3.52 -5.73
N LEU A 197 3.18 4.54 -6.56
CA LEU A 197 4.28 5.30 -7.13
C LEU A 197 5.01 6.11 -6.06
N HIS A 198 4.33 6.46 -4.98
CA HIS A 198 5.03 7.14 -3.89
C HIS A 198 6.02 6.21 -3.21
N TYR A 199 5.75 4.90 -3.24
CA TYR A 199 6.69 3.91 -2.74
C TYR A 199 7.83 3.68 -3.73
N LEU A 200 7.51 3.68 -5.02
CA LEU A 200 8.49 3.31 -6.05
C LEU A 200 9.57 4.36 -6.19
N LEU A 201 9.18 5.61 -6.47
CA LEU A 201 10.13 6.64 -6.88
C LEU A 201 11.28 6.86 -5.90
N PRO A 202 11.11 6.76 -4.57
CA PRO A 202 12.28 6.86 -3.69
C PRO A 202 13.35 5.83 -3.97
N PHE A 203 12.96 4.61 -4.40
CA PHE A 203 13.97 3.64 -4.83
C PHE A 203 14.62 4.08 -6.13
N VAL A 204 13.82 4.61 -7.07
CA VAL A 204 14.39 5.16 -8.29
C VAL A 204 15.33 6.31 -7.96
N ILE A 205 14.96 7.15 -6.99
CA ILE A 205 15.85 8.22 -6.56
C ILE A 205 17.13 7.64 -5.96
N ALA A 206 17.01 6.54 -5.22
CA ALA A 206 18.19 5.92 -4.62
C ALA A 206 19.17 5.46 -5.69
N ALA A 207 18.65 4.95 -6.82
CA ALA A 207 19.52 4.55 -7.91
C ALA A 207 20.20 5.77 -8.53
N LEU A 208 19.47 6.86 -8.71
CA LEU A 208 20.07 8.05 -9.29
C LEU A 208 21.14 8.66 -8.39
N VAL A 209 20.99 8.53 -7.07
CA VAL A 209 22.02 9.04 -6.18
C VAL A 209 23.30 8.23 -6.35
N ALA A 210 23.20 6.94 -6.68
CA ALA A 210 24.38 6.13 -6.95
C ALA A 210 25.13 6.65 -8.17
N ILE A 211 24.41 6.98 -9.24
CA ILE A 211 25.03 7.58 -10.41
C ILE A 211 25.50 8.99 -10.09
N HIS A 212 24.71 9.72 -9.28
CA HIS A 212 25.11 11.04 -8.82
C HIS A 212 26.44 10.98 -8.07
N ILE A 213 26.62 9.96 -7.22
CA ILE A 213 27.84 9.85 -6.45
C ILE A 213 28.97 9.29 -7.30
N TRP A 214 28.65 8.41 -8.25
CA TRP A 214 29.63 7.96 -9.23
C TRP A 214 30.06 9.10 -10.14
N ALA A 215 29.23 10.13 -10.31
CA ALA A 215 29.55 11.20 -11.23
C ALA A 215 30.64 12.12 -10.66
N PHE A 216 30.40 12.70 -9.47
CA PHE A 216 31.39 13.65 -8.96
C PHE A 216 32.64 12.93 -8.45
N HIS A 217 32.56 11.63 -8.18
CA HIS A 217 33.78 10.89 -7.85
C HIS A 217 34.66 10.70 -9.07
N SER A 218 34.08 10.64 -10.26
CA SER A 218 34.87 10.51 -11.48
C SER A 218 35.67 11.77 -11.76
N THR A 219 35.02 12.94 -11.68
CA THR A 219 35.66 14.20 -12.02
C THR A 219 36.33 14.87 -10.85
N GLY A 220 35.85 14.64 -9.63
CA GLY A 220 36.39 15.25 -8.44
C GLY A 220 35.53 16.41 -7.96
N ASN A 221 35.60 16.68 -6.66
CA ASN A 221 34.77 17.71 -6.07
C ASN A 221 35.24 19.10 -6.48
N ASN A 222 34.30 19.95 -6.85
CA ASN A 222 34.58 21.36 -7.06
C ASN A 222 34.93 22.02 -5.73
N ASN A 223 35.47 23.24 -5.80
CA ASN A 223 35.88 23.98 -4.62
C ASN A 223 35.52 25.46 -4.80
N PRO A 224 35.63 26.29 -3.75
CA PRO A 224 35.22 27.70 -3.89
C PRO A 224 36.00 28.49 -4.93
N THR A 225 37.23 28.08 -5.26
CA THR A 225 38.03 28.85 -6.21
C THR A 225 37.70 28.49 -7.65
N GLY A 226 37.22 27.26 -7.90
CA GLY A 226 37.04 26.77 -9.25
C GLY A 226 38.31 26.27 -9.90
N VAL A 227 39.43 26.26 -9.18
CA VAL A 227 40.70 25.76 -9.72
C VAL A 227 40.80 24.28 -9.40
N GLU A 228 40.87 23.45 -10.45
CA GLU A 228 40.91 22.01 -10.28
C GLU A 228 42.17 21.59 -9.53
N VAL A 229 42.10 20.41 -8.93
CA VAL A 229 43.24 19.84 -8.21
C VAL A 229 44.36 19.50 -9.19
N ARG A 230 45.59 19.74 -8.78
CA ARG A 230 46.74 19.35 -9.59
C ARG A 230 46.92 17.84 -9.58
N ARG A 231 46.91 17.22 -10.76
CA ARG A 231 46.97 15.78 -10.93
C ARG A 231 48.15 15.38 -11.80
N THR A 232 49.29 16.05 -11.60
CA THR A 232 50.54 15.74 -12.30
C THR A 232 51.52 14.97 -11.43
N SER A 233 51.36 15.00 -10.11
CA SER A 233 52.25 14.30 -9.20
C SER A 233 51.54 14.14 -7.87
N LYS A 234 51.82 13.02 -7.19
CA LYS A 234 51.22 12.78 -5.88
C LYS A 234 51.64 13.84 -4.86
N ALA A 235 52.86 14.37 -4.97
CA ALA A 235 53.31 15.37 -4.03
C ALA A 235 52.57 16.70 -4.19
N GLU A 236 52.04 16.98 -5.38
CA GLU A 236 51.28 18.21 -5.61
C GLU A 236 49.83 18.07 -5.17
N ALA A 237 49.19 16.94 -5.52
CA ALA A 237 47.79 16.74 -5.17
C ALA A 237 47.59 16.74 -3.66
N GLN A 238 48.56 16.22 -2.91
CA GLN A 238 48.47 16.22 -1.46
C GLN A 238 48.46 17.62 -0.87
N LYS A 239 48.99 18.61 -1.59
CA LYS A 239 48.98 19.99 -1.10
C LYS A 239 47.64 20.67 -1.34
N ASP A 240 46.94 20.29 -2.42
CA ASP A 240 45.63 20.85 -2.72
C ASP A 240 44.49 20.16 -1.99
N THR A 241 44.71 18.94 -1.48
CA THR A 241 43.62 18.08 -1.04
C THR A 241 43.97 17.40 0.27
N VAL A 242 42.92 16.90 0.91
CA VAL A 242 43.03 15.94 2.01
C VAL A 242 42.06 14.80 1.70
N PRO A 243 42.30 13.60 2.24
CA PRO A 243 41.37 12.50 1.96
C PRO A 243 40.01 12.76 2.57
N PHE A 244 38.99 12.14 1.97
CA PHE A 244 37.64 12.26 2.49
C PHE A 244 37.58 11.80 3.94
N TRP A 245 37.89 10.51 4.18
CA TRP A 245 37.98 10.04 5.55
C TRP A 245 39.33 10.43 6.14
N PRO A 246 39.39 10.92 7.38
CA PRO A 246 38.36 11.32 8.35
C PRO A 246 38.05 12.82 8.31
N TYR A 247 38.70 13.56 7.41
CA TYR A 247 38.72 15.01 7.52
C TYR A 247 37.36 15.61 7.18
N PHE A 248 36.79 15.23 6.04
CA PHE A 248 35.49 15.76 5.61
C PHE A 248 34.32 14.90 6.06
N ILE A 249 34.55 13.62 6.39
CA ILE A 249 33.49 12.81 7.00
C ILE A 249 33.06 13.42 8.32
N ILE A 250 34.03 13.76 9.17
CA ILE A 250 33.71 14.37 10.46
C ILE A 250 33.20 15.80 10.27
N LYS A 251 33.64 16.49 9.22
CA LYS A 251 33.15 17.84 8.98
C LYS A 251 31.69 17.82 8.55
N ASP A 252 31.30 16.83 7.74
CA ASP A 252 29.91 16.73 7.31
C ASP A 252 29.02 16.16 8.41
N VAL A 253 29.50 15.12 9.10
CA VAL A 253 28.72 14.54 10.19
C VAL A 253 28.55 15.54 11.32
N PHE A 254 29.53 16.42 11.54
CA PHE A 254 29.33 17.51 12.50
C PHE A 254 28.22 18.44 12.04
N ALA A 255 28.27 18.88 10.80
CA ALA A 255 27.26 19.81 10.31
C ALA A 255 25.89 19.16 10.25
N LEU A 256 25.84 17.85 10.02
CA LEU A 256 24.56 17.15 10.04
C LEU A 256 23.96 17.18 11.45
N ALA A 257 24.80 17.02 12.47
CA ALA A 257 24.30 17.04 13.84
C ALA A 257 23.69 18.40 14.18
N VAL A 258 24.28 19.49 13.70
CA VAL A 258 23.72 20.81 13.94
C VAL A 258 22.41 20.98 13.19
N VAL A 259 22.34 20.49 11.95
CA VAL A 259 21.11 20.60 11.18
C VAL A 259 19.99 19.81 11.85
N LEU A 260 20.28 18.58 12.30
CA LEU A 260 19.24 17.80 12.97
C LEU A 260 18.87 18.41 14.31
N LEU A 261 19.80 19.10 14.97
CA LEU A 261 19.47 19.79 16.21
C LEU A 261 18.39 20.84 15.98
N VAL A 262 18.34 21.44 14.80
CA VAL A 262 17.25 22.35 14.45
C VAL A 262 16.04 21.57 13.99
N PHE A 263 16.23 20.56 13.14
CA PHE A 263 15.11 19.83 12.57
C PHE A 263 14.27 19.15 13.65
N PHE A 264 14.93 18.55 14.64
CA PHE A 264 14.19 17.91 15.72
C PHE A 264 13.51 18.94 16.62
N ALA A 265 14.09 20.12 16.77
CA ALA A 265 13.42 21.18 17.51
C ALA A 265 12.16 21.63 16.79
N ILE A 266 12.18 21.65 15.46
CA ILE A 266 10.97 21.94 14.69
C ILE A 266 9.94 20.84 14.90
N VAL A 267 10.33 19.58 14.67
CA VAL A 267 9.41 18.46 14.84
C VAL A 267 8.97 18.33 16.29
N GLY A 268 9.80 18.78 17.22
CA GLY A 268 9.50 18.62 18.63
C GLY A 268 8.65 19.71 19.23
N PHE A 269 8.61 20.88 18.60
CA PHE A 269 7.96 22.05 19.18
C PHE A 269 7.12 22.88 18.21
N MET A 270 7.34 22.79 16.90
CA MET A 270 6.45 23.44 15.95
C MET A 270 6.32 22.57 14.71
N PRO A 271 5.78 21.34 14.84
CA PRO A 271 5.72 20.44 13.68
C PRO A 271 4.67 20.81 12.66
N ASN A 272 3.76 21.72 12.98
CA ASN A 272 2.69 22.14 12.08
C ASN A 272 2.89 23.54 11.50
N TYR A 273 4.00 24.21 11.82
CA TYR A 273 4.25 25.55 11.27
C TYR A 273 4.37 25.50 9.76
N LEU A 274 5.09 24.50 9.24
CA LEU A 274 5.31 24.38 7.80
C LEU A 274 4.15 23.68 7.08
N GLY A 275 3.00 23.50 7.73
CA GLY A 275 1.87 22.80 7.16
C GLY A 275 0.69 23.73 6.99
N HIS A 276 -0.34 23.21 6.29
CA HIS A 276 -1.61 23.88 6.06
C HIS A 276 -2.66 23.31 7.00
N PRO A 277 -3.35 24.10 7.84
CA PRO A 277 -4.38 23.50 8.72
C PRO A 277 -5.51 22.82 7.97
N ASP A 278 -5.78 23.21 6.73
CA ASP A 278 -6.88 22.60 5.98
C ASP A 278 -6.65 21.12 5.72
N ASN A 279 -5.43 20.62 5.84
CA ASN A 279 -5.18 19.20 5.61
C ASN A 279 -5.61 18.33 6.79
N TYR A 280 -5.97 18.93 7.92
CA TYR A 280 -6.68 18.25 8.99
C TYR A 280 -8.20 18.27 8.79
N ILE A 281 -8.66 18.63 7.60
CA ILE A 281 -10.08 18.58 7.22
C ILE A 281 -10.22 17.54 6.13
N GLU A 282 -11.17 16.61 6.32
CA GLU A 282 -11.34 15.50 5.39
C GLU A 282 -11.61 16.00 3.98
N ALA A 283 -11.28 15.16 2.99
CA ALA A 283 -11.43 15.53 1.59
C ALA A 283 -12.90 15.75 1.27
N ASN A 284 -13.23 16.95 0.81
CA ASN A 284 -14.60 17.36 0.49
C ASN A 284 -14.66 17.77 -0.97
N PRO A 285 -15.09 16.88 -1.89
CA PRO A 285 -15.23 17.30 -3.30
C PRO A 285 -16.27 18.37 -3.54
N LEU A 286 -17.18 18.63 -2.59
CA LEU A 286 -18.24 19.61 -2.75
C LEU A 286 -17.97 20.88 -1.94
N SER A 287 -16.71 21.19 -1.64
CA SER A 287 -16.39 22.38 -0.86
C SER A 287 -14.93 22.75 -1.13
N THR A 288 -14.73 23.75 -1.99
CA THR A 288 -13.38 24.22 -2.28
C THR A 288 -12.86 25.06 -1.12
N PRO A 289 -11.61 24.87 -0.68
CA PRO A 289 -11.07 25.76 0.36
C PRO A 289 -11.00 27.20 -0.13
N ALA A 290 -10.82 28.11 0.84
CA ALA A 290 -10.70 29.52 0.50
C ALA A 290 -9.38 29.82 -0.22
N HIS A 291 -8.33 29.05 0.07
CA HIS A 291 -7.00 29.32 -0.47
C HIS A 291 -6.29 28.00 -0.69
N ILE A 292 -6.03 27.65 -1.95
CA ILE A 292 -5.35 26.41 -2.31
C ILE A 292 -3.87 26.73 -2.42
N VAL A 293 -3.13 26.46 -1.35
CA VAL A 293 -1.70 26.78 -1.24
C VAL A 293 -0.91 25.48 -1.26
N PRO A 294 0.05 25.29 -2.16
CA PRO A 294 0.97 24.16 -2.02
C PRO A 294 1.97 24.41 -0.89
N GLU A 295 2.70 23.36 -0.54
CA GLU A 295 3.77 23.49 0.43
C GLU A 295 4.82 24.47 -0.07
N TRP A 296 5.62 24.99 0.87
CA TRP A 296 6.52 26.10 0.57
C TRP A 296 7.50 25.75 -0.53
N TYR A 297 7.93 24.49 -0.60
CA TYR A 297 8.92 24.09 -1.59
C TYR A 297 8.34 23.99 -3.01
N PHE A 298 7.02 24.09 -3.15
CA PHE A 298 6.38 24.19 -4.46
C PHE A 298 5.87 25.59 -4.78
N LEU A 299 5.92 26.53 -3.83
CA LEU A 299 5.35 27.86 -4.04
C LEU A 299 5.95 28.61 -5.22
N PRO A 300 7.27 28.67 -5.44
CA PRO A 300 7.77 29.48 -6.56
C PRO A 300 7.29 29.00 -7.93
N PHE A 301 7.12 27.68 -8.11
CA PHE A 301 6.53 27.20 -9.35
C PHE A 301 5.02 27.43 -9.40
N TYR A 302 4.37 27.54 -8.24
CA TYR A 302 2.96 27.90 -8.22
C TYR A 302 2.75 29.35 -8.61
N ALA A 303 3.67 30.23 -8.20
CA ALA A 303 3.59 31.64 -8.56
C ALA A 303 3.76 31.85 -10.06
N ILE A 304 4.72 31.15 -10.68
CA ILE A 304 4.93 31.30 -12.12
C ILE A 304 3.72 30.82 -12.90
N LEU A 305 3.00 29.81 -12.38
CA LEU A 305 1.82 29.31 -13.07
C LEU A 305 0.73 30.38 -13.14
N ARG A 306 0.44 31.03 -12.00
CA ARG A 306 -0.66 31.97 -11.93
C ARG A 306 -0.28 33.37 -12.40
N ALA A 307 1.02 33.67 -12.54
CA ALA A 307 1.42 35.01 -12.98
C ALA A 307 1.05 35.27 -14.44
N PHE A 308 0.91 34.23 -15.26
CA PHE A 308 0.65 34.37 -16.69
C PHE A 308 -0.84 34.16 -16.95
N THR A 309 -1.62 35.17 -16.62
CA THR A 309 -3.06 35.20 -16.90
C THR A 309 -3.30 35.56 -18.36
N ALA A 310 -4.58 35.56 -18.75
CA ALA A 310 -4.93 35.72 -20.17
C ALA A 310 -4.71 37.13 -20.68
N ASP A 311 -4.62 38.12 -19.80
CA ASP A 311 -4.44 39.52 -20.22
C ASP A 311 -2.98 39.96 -20.21
N VAL A 312 -2.04 39.06 -19.90
CA VAL A 312 -0.63 39.38 -19.99
C VAL A 312 -0.26 39.56 -21.46
N TRP A 313 0.57 40.57 -21.73
CA TRP A 313 0.89 40.92 -23.13
C TRP A 313 1.60 39.77 -23.83
N VAL A 314 2.55 39.13 -23.16
CA VAL A 314 3.25 38.00 -23.77
C VAL A 314 2.30 36.85 -24.02
N VAL A 315 1.29 36.67 -23.15
CA VAL A 315 0.31 35.61 -23.33
C VAL A 315 -0.58 35.89 -24.55
N GLN A 316 -1.01 37.15 -24.70
CA GLN A 316 -1.87 37.50 -25.82
C GLN A 316 -1.12 37.37 -27.15
N ILE A 317 0.16 37.69 -27.16
CA ILE A 317 0.96 37.54 -28.37
C ILE A 317 1.05 36.08 -28.77
N ALA A 318 1.25 35.19 -27.77
CA ALA A 318 1.37 33.77 -28.06
C ALA A 318 0.06 33.19 -28.57
N ASN A 319 -1.05 33.56 -27.94
CA ASN A 319 -2.36 33.03 -28.36
C ASN A 319 -2.70 33.46 -29.78
N PHE A 320 -2.27 34.66 -30.19
CA PHE A 320 -2.53 35.12 -31.56
C PHE A 320 -1.60 34.39 -32.55
N ILE A 321 -0.31 34.29 -32.22
CA ILE A 321 0.65 33.68 -33.13
C ILE A 321 0.31 32.20 -33.32
N SER A 322 -0.04 31.51 -32.25
CA SER A 322 -0.27 30.07 -32.29
C SER A 322 -1.67 29.69 -32.79
N PHE A 323 -2.43 30.64 -33.32
CA PHE A 323 -3.76 30.38 -33.88
C PHE A 323 -4.70 29.77 -32.83
N GLY A 324 -4.56 30.21 -31.59
CA GLY A 324 -5.42 29.75 -30.51
C GLY A 324 -4.99 28.47 -29.83
N ILE A 325 -3.90 27.83 -30.29
CA ILE A 325 -3.44 26.60 -29.65
C ILE A 325 -2.97 26.89 -28.23
N ILE A 326 -2.14 27.93 -28.06
CA ILE A 326 -1.56 28.26 -26.76
C ILE A 326 -2.51 29.24 -26.10
N ASP A 327 -3.44 28.71 -25.31
CA ASP A 327 -4.32 29.54 -24.49
C ASP A 327 -3.58 30.01 -23.25
N ALA A 328 -4.27 30.79 -22.42
CA ALA A 328 -3.63 31.34 -21.23
C ALA A 328 -3.22 30.24 -20.25
N LYS A 329 -4.00 29.17 -20.16
CA LYS A 329 -3.70 28.13 -19.18
C LYS A 329 -2.48 27.32 -19.62
N PHE A 330 -2.44 26.89 -20.89
CA PHE A 330 -1.32 26.09 -21.36
C PHE A 330 -0.02 26.89 -21.36
N PHE A 331 -0.11 28.21 -21.53
CA PHE A 331 1.09 29.05 -21.40
C PHE A 331 1.66 28.96 -19.99
N GLY A 332 0.79 29.04 -18.98
CA GLY A 332 1.24 28.88 -17.61
C GLY A 332 1.87 27.54 -17.34
N VAL A 333 1.37 26.49 -18.01
CA VAL A 333 1.95 25.15 -17.85
C VAL A 333 3.37 25.12 -18.40
N LEU A 334 3.56 25.64 -19.61
CA LEU A 334 4.91 25.69 -20.19
C LEU A 334 5.84 26.55 -19.33
N ALA A 335 5.34 27.70 -18.86
CA ALA A 335 6.16 28.55 -18.01
C ALA A 335 6.47 27.90 -16.67
N MET A 336 5.60 27.00 -16.20
CA MET A 336 5.82 26.36 -14.90
C MET A 336 6.89 25.28 -14.99
N PHE A 337 6.78 24.41 -16.00
CA PHE A 337 7.83 23.42 -16.25
C PHE A 337 9.04 24.02 -16.96
N GLY A 338 8.84 25.12 -17.70
CA GLY A 338 9.97 25.78 -18.33
C GLY A 338 10.98 26.31 -17.35
N ALA A 339 10.54 26.64 -16.13
CA ALA A 339 11.46 27.07 -15.10
C ALA A 339 12.47 25.98 -14.76
N ILE A 340 12.03 24.72 -14.79
CA ILE A 340 12.96 23.60 -14.57
C ILE A 340 13.92 23.48 -15.75
N LEU A 341 13.42 23.58 -16.97
CA LEU A 341 14.22 23.26 -18.15
C LEU A 341 15.39 24.24 -18.31
N VAL A 342 15.12 25.54 -18.18
CA VAL A 342 16.19 26.53 -18.29
C VAL A 342 17.21 26.31 -17.19
N MET A 343 16.78 25.83 -16.02
CA MET A 343 17.71 25.52 -14.95
C MET A 343 18.51 24.27 -15.27
N ALA A 344 17.96 23.34 -16.06
CA ALA A 344 18.69 22.16 -16.47
C ALA A 344 19.70 22.46 -17.58
N LEU A 345 19.40 23.44 -18.43
CA LEU A 345 20.26 23.79 -19.55
C LEU A 345 21.32 24.82 -19.18
N VAL A 346 21.47 25.15 -17.90
CA VAL A 346 22.40 26.22 -17.51
C VAL A 346 23.86 25.88 -17.78
N PRO A 347 24.30 24.61 -17.97
CA PRO A 347 25.66 24.43 -18.50
C PRO A 347 25.83 24.98 -19.90
N TRP A 348 24.80 24.89 -20.74
CA TRP A 348 24.89 25.32 -22.14
C TRP A 348 24.37 26.74 -22.36
N LEU A 349 23.91 27.42 -21.30
CA LEU A 349 23.54 28.82 -21.37
C LEU A 349 24.57 29.74 -20.74
N ASP A 350 25.35 29.23 -19.78
CA ASP A 350 26.46 29.98 -19.20
C ASP A 350 27.67 29.78 -20.10
N THR A 351 27.96 30.78 -20.93
CA THR A 351 29.07 30.73 -21.87
C THR A 351 30.37 31.27 -21.29
N SER A 352 30.38 31.71 -20.04
CA SER A 352 31.61 32.20 -19.43
C SER A 352 32.58 31.04 -19.23
N PRO A 353 33.85 31.15 -19.62
CA PRO A 353 34.81 30.08 -19.29
C PRO A 353 35.26 30.09 -17.84
N VAL A 354 34.92 31.12 -17.07
CA VAL A 354 35.29 31.16 -15.66
C VAL A 354 34.40 30.20 -14.87
N ARG A 355 35.01 29.49 -13.92
CA ARG A 355 34.29 28.47 -13.15
C ARG A 355 33.48 29.10 -12.03
N SER A 356 34.14 29.48 -10.94
CA SER A 356 33.44 29.98 -9.77
C SER A 356 32.92 31.39 -10.03
N GLY A 357 31.78 31.69 -9.42
CA GLY A 357 31.27 33.05 -9.44
C GLY A 357 32.00 34.00 -8.50
N ARG A 358 32.94 33.49 -7.71
CA ARG A 358 33.72 34.33 -6.83
C ARG A 358 34.54 35.35 -7.60
N TYR A 359 34.90 35.03 -8.86
CA TYR A 359 35.74 35.86 -9.70
C TYR A 359 35.01 36.35 -10.94
N ARG A 360 33.70 36.61 -10.79
CA ARG A 360 32.86 37.15 -11.86
C ARG A 360 32.07 38.31 -11.25
N PRO A 361 32.55 39.56 -11.37
CA PRO A 361 31.86 40.65 -10.67
C PRO A 361 30.43 40.91 -11.15
N MET A 362 30.20 40.94 -12.46
CA MET A 362 28.86 41.26 -12.97
C MET A 362 27.90 40.10 -12.76
N PHE A 363 28.37 38.87 -12.92
CA PHE A 363 27.54 37.70 -12.62
C PHE A 363 27.11 37.67 -11.16
N LYS A 364 27.99 38.14 -10.25
CA LYS A 364 27.68 38.07 -8.84
C LYS A 364 26.46 38.91 -8.48
N ILE A 365 26.22 39.99 -9.22
CA ILE A 365 25.02 40.81 -8.98
C ILE A 365 23.78 40.02 -9.38
N TYR A 366 23.79 39.45 -10.59
CA TYR A 366 22.60 38.77 -11.10
C TYR A 366 22.29 37.50 -10.31
N PHE A 367 23.30 36.84 -9.76
CA PHE A 367 23.05 35.65 -8.93
C PHE A 367 22.25 36.02 -7.69
N TRP A 368 22.76 36.97 -6.90
CA TRP A 368 22.09 37.32 -5.66
C TRP A 368 20.70 37.91 -5.90
N LEU A 369 20.46 38.50 -7.07
CA LEU A 369 19.10 38.86 -7.44
C LEU A 369 18.26 37.63 -7.73
N LEU A 370 18.87 36.57 -8.27
CA LEU A 370 18.14 35.31 -8.46
C LEU A 370 17.80 34.68 -7.13
N ALA A 371 18.72 34.72 -6.16
CA ALA A 371 18.43 34.19 -4.84
C ALA A 371 17.32 34.97 -4.17
N ALA A 372 17.35 36.30 -4.29
CA ALA A 372 16.24 37.11 -3.79
C ALA A 372 14.97 36.86 -4.59
N ASP A 373 15.10 36.72 -5.91
CA ASP A 373 13.94 36.48 -6.76
C ASP A 373 13.27 35.15 -6.42
N PHE A 374 14.06 34.15 -6.02
CA PHE A 374 13.49 32.87 -5.63
C PHE A 374 12.63 33.01 -4.37
N VAL A 375 13.11 33.80 -3.41
CA VAL A 375 12.34 34.04 -2.19
C VAL A 375 11.05 34.78 -2.52
N ILE A 376 11.12 35.74 -3.44
CA ILE A 376 9.93 36.51 -3.81
C ILE A 376 8.92 35.62 -4.50
N LEU A 377 9.37 34.74 -5.40
CA LEU A 377 8.46 33.79 -6.03
C LEU A 377 7.83 32.86 -4.99
N THR A 378 8.62 32.45 -4.00
CA THR A 378 8.08 31.61 -2.92
C THR A 378 7.05 32.37 -2.09
N TRP A 379 7.15 33.69 -2.03
CA TRP A 379 6.25 34.49 -1.21
C TRP A 379 4.93 34.78 -1.93
N VAL A 380 5.01 35.25 -3.19
CA VAL A 380 3.79 35.56 -3.93
C VAL A 380 2.98 34.31 -4.27
N GLY A 381 3.59 33.12 -4.21
CA GLY A 381 2.84 31.91 -4.46
C GLY A 381 1.69 31.71 -3.49
N ALA A 382 1.81 32.25 -2.28
CA ALA A 382 0.76 32.18 -1.28
C ALA A 382 -0.19 33.37 -1.32
N GLN A 383 0.09 34.40 -2.12
CA GLN A 383 -0.74 35.60 -2.17
C GLN A 383 -1.83 35.45 -3.24
N GLN A 384 -2.78 36.37 -3.20
CA GLN A 384 -3.90 36.36 -4.14
C GLN A 384 -3.46 36.90 -5.50
N THR A 385 -4.35 36.74 -6.49
CA THR A 385 -4.13 37.24 -7.84
C THR A 385 -4.42 38.73 -7.96
N THR A 386 -4.81 39.41 -6.88
CA THR A 386 -5.17 40.81 -6.95
C THR A 386 -3.93 41.68 -7.04
N PHE A 387 -4.17 42.97 -7.31
CA PHE A 387 -3.11 43.96 -7.33
C PHE A 387 -2.53 44.12 -5.93
N PRO A 388 -1.21 44.35 -5.79
CA PRO A 388 -0.09 44.41 -6.75
C PRO A 388 0.61 43.06 -6.93
N TYR A 389 0.06 42.00 -6.35
CA TYR A 389 0.76 40.71 -6.36
C TYR A 389 0.81 40.13 -7.77
N ASP A 390 -0.16 40.46 -8.62
CA ASP A 390 -0.11 40.01 -10.01
C ASP A 390 1.09 40.59 -10.74
N TRP A 391 1.52 41.81 -10.39
CA TRP A 391 2.68 42.41 -11.03
C TRP A 391 3.98 41.93 -10.40
N ILE A 392 3.99 41.73 -9.08
CA ILE A 392 5.20 41.25 -8.41
C ILE A 392 5.60 39.89 -8.96
N SER A 393 4.64 38.99 -9.14
CA SER A 393 4.93 37.68 -9.70
C SER A 393 5.36 37.78 -11.16
N LEU A 394 4.85 38.78 -11.89
CA LEU A 394 5.17 38.90 -13.30
C LEU A 394 6.57 39.44 -13.50
N ILE A 395 6.99 40.41 -12.69
CA ILE A 395 8.38 40.84 -12.70
C ILE A 395 9.29 39.71 -12.24
N ALA A 396 8.84 38.96 -11.23
CA ALA A 396 9.69 37.89 -10.68
C ALA A 396 9.81 36.72 -11.63
N SER A 397 8.69 36.29 -12.22
CA SER A 397 8.74 35.23 -13.22
C SER A 397 9.58 35.63 -14.42
N ALA A 398 9.58 36.91 -14.78
CA ALA A 398 10.36 37.36 -15.93
C ALA A 398 11.85 37.25 -15.65
N TYR A 399 12.29 37.70 -14.48
CA TYR A 399 13.72 37.69 -14.17
C TYR A 399 14.26 36.27 -14.07
N TRP A 400 13.42 35.30 -13.70
CA TRP A 400 13.88 33.91 -13.64
C TRP A 400 14.35 33.44 -15.01
N PHE A 401 13.53 33.65 -16.04
CA PHE A 401 13.91 33.25 -17.38
C PHE A 401 14.97 34.15 -17.98
N ALA A 402 14.99 35.44 -17.58
CA ALA A 402 16.01 36.35 -18.08
C ALA A 402 17.40 35.96 -17.61
N TYR A 403 17.50 35.43 -16.38
CA TYR A 403 18.80 35.01 -15.85
C TYR A 403 19.41 33.92 -16.71
N PHE A 404 18.63 32.91 -17.07
CA PHE A 404 19.15 31.74 -17.77
C PHE A 404 19.23 31.93 -19.27
N LEU A 405 18.19 32.54 -19.88
CA LEU A 405 18.10 32.60 -21.33
C LEU A 405 18.76 33.83 -21.94
N VAL A 406 18.88 34.92 -21.18
CA VAL A 406 19.33 36.20 -21.72
C VAL A 406 20.61 36.66 -21.05
N ILE A 407 20.59 36.76 -19.72
CA ILE A 407 21.70 37.38 -19.00
C ILE A 407 22.95 36.50 -19.08
N LEU A 408 22.82 35.21 -18.80
CA LEU A 408 23.98 34.34 -18.70
C LEU A 408 24.68 34.17 -20.06
N PRO A 409 23.95 33.97 -21.17
CA PRO A 409 24.64 33.99 -22.47
C PRO A 409 25.31 35.31 -22.78
N ILE A 410 24.62 36.43 -22.52
CA ILE A 410 25.20 37.75 -22.80
C ILE A 410 26.41 37.99 -21.91
N LEU A 411 26.35 37.55 -20.65
CA LEU A 411 27.44 37.84 -19.72
C LEU A 411 28.75 37.21 -20.16
N GLY A 412 28.68 36.05 -20.82
CA GLY A 412 29.91 35.38 -21.26
C GLY A 412 30.75 36.22 -22.19
N ALA A 413 30.12 37.11 -22.96
CA ALA A 413 30.83 37.95 -23.91
C ALA A 413 31.39 39.22 -23.27
N ILE A 414 30.65 39.83 -22.35
CA ILE A 414 30.99 41.15 -21.82
C ILE A 414 31.57 41.09 -20.41
N GLU A 415 31.62 39.92 -19.77
CA GLU A 415 32.18 39.83 -18.44
C GLU A 415 33.65 40.22 -18.46
N LYS A 416 34.08 40.94 -17.41
CA LYS A 416 35.46 41.31 -17.18
C LYS A 416 35.95 40.58 -15.93
N PRO A 417 36.36 39.30 -16.02
CA PRO A 417 36.65 38.53 -14.80
C PRO A 417 37.82 39.03 -13.98
N VAL A 418 38.14 38.27 -12.93
CA VAL A 418 39.29 38.52 -12.05
C VAL A 418 40.13 37.26 -12.02
N ALA A 419 41.44 37.44 -11.92
CA ALA A 419 42.39 36.33 -11.92
C ALA A 419 42.12 35.41 -10.73
N PRO A 420 41.81 34.13 -10.94
CA PRO A 420 41.69 33.22 -9.80
C PRO A 420 43.07 32.90 -9.22
N PRO A 421 43.13 32.21 -8.08
CA PRO A 421 44.44 31.76 -7.59
C PRO A 421 45.08 30.77 -8.55
N ALA A 422 46.37 30.55 -8.36
CA ALA A 422 47.09 29.60 -9.19
C ALA A 422 46.71 28.17 -8.85
N THR A 423 46.50 27.90 -7.56
CA THR A 423 46.19 26.56 -7.09
C THR A 423 45.25 26.66 -5.89
N ILE A 424 44.70 25.51 -5.50
CA ILE A 424 43.91 25.43 -4.27
C ILE A 424 44.79 25.71 -3.06
N GLU A 425 46.08 25.33 -3.13
CA GLU A 425 47.00 25.57 -2.02
C GLU A 425 47.12 27.04 -1.71
N GLU A 426 47.13 27.90 -2.74
CA GLU A 426 47.24 29.33 -2.52
C GLU A 426 46.03 29.84 -1.73
N ASP A 427 44.83 29.42 -2.13
CA ASP A 427 43.63 29.91 -1.46
C ASP A 427 43.52 29.36 -0.04
N PHE A 428 43.98 28.13 0.18
CA PHE A 428 43.88 27.55 1.52
C PHE A 428 44.84 28.24 2.49
N ASN A 429 46.05 28.56 2.02
CA ASN A 429 47.02 29.27 2.86
C ASN A 429 46.72 30.75 2.98
N ALA A 430 46.00 31.35 2.02
CA ALA A 430 45.63 32.75 2.13
C ALA A 430 44.69 32.98 3.30
N HIS A 431 43.88 31.97 3.65
CA HIS A 431 42.99 32.08 4.80
C HIS A 431 43.71 31.77 6.10
N TYR A 432 44.64 30.81 6.07
CA TYR A 432 45.41 30.40 7.24
C TYR A 432 46.89 30.26 6.89
N ALA B 1 -11.43 35.20 1.20
CA ALA B 1 -11.40 35.37 2.69
C ALA B 1 -10.02 35.84 3.14
N GLY B 2 -9.82 35.88 4.44
CA GLY B 2 -8.55 36.31 5.01
C GLY B 2 -8.43 35.87 6.45
N GLY B 3 -7.69 36.65 7.23
CA GLY B 3 -7.46 36.36 8.63
C GLY B 3 -7.66 37.58 9.50
N GLY B 4 -8.63 37.50 10.43
CA GLY B 4 -8.95 38.61 11.32
C GLY B 4 -8.23 38.53 12.65
N HIS B 5 -8.84 39.12 13.65
CA HIS B 5 -8.25 39.23 14.99
C HIS B 5 -8.72 38.07 15.88
N VAL B 6 -7.91 37.78 16.89
CA VAL B 6 -8.21 36.73 17.86
C VAL B 6 -7.62 37.14 19.21
N GLU B 7 -8.20 36.60 20.27
CA GLU B 7 -7.72 36.85 21.62
C GLU B 7 -6.58 35.88 21.93
N ASP B 8 -5.40 36.43 22.21
CA ASP B 8 -4.23 35.60 22.55
C ASP B 8 -4.38 35.15 23.99
N VAL B 9 -4.75 33.89 24.19
CA VAL B 9 -4.99 33.33 25.51
C VAL B 9 -3.70 32.73 26.05
N PRO B 10 -3.25 33.05 27.29
CA PRO B 10 -2.09 32.32 27.84
C PRO B 10 -2.41 30.88 28.22
N PHE B 11 -2.60 30.03 27.21
CA PHE B 11 -2.84 28.62 27.48
C PHE B 11 -1.63 27.99 28.16
N SER B 12 -1.88 26.99 29.00
CA SER B 12 -0.80 26.33 29.72
C SER B 12 0.05 25.45 28.81
N PHE B 13 -0.56 24.82 27.81
CA PHE B 13 0.17 23.92 26.92
C PHE B 13 1.09 24.64 25.95
N GLU B 14 1.06 25.96 25.88
CA GLU B 14 1.92 26.70 24.97
C GLU B 14 3.33 26.83 25.52
N GLY B 15 4.29 26.96 24.62
CA GLY B 15 5.68 27.08 24.97
C GLY B 15 6.38 25.73 25.00
N PRO B 16 7.72 25.72 25.05
CA PRO B 16 8.41 24.42 25.05
C PRO B 16 8.10 23.58 26.28
N PHE B 17 8.11 24.19 27.46
CA PHE B 17 7.80 23.49 28.71
C PHE B 17 6.31 23.55 29.05
N GLY B 18 5.46 23.81 28.05
CA GLY B 18 4.03 23.88 28.30
C GLY B 18 3.42 22.50 28.41
N THR B 19 2.51 22.36 29.39
CA THR B 19 1.82 21.10 29.63
C THR B 19 0.35 21.38 29.88
N PHE B 20 -0.50 20.42 29.52
CA PHE B 20 -1.93 20.56 29.76
C PHE B 20 -2.21 20.60 31.25
N ASP B 21 -3.12 21.47 31.65
CA ASP B 21 -3.62 21.47 33.02
C ASP B 21 -4.69 20.39 33.14
N GLN B 22 -4.44 19.39 33.98
CA GLN B 22 -5.31 18.22 34.04
C GLN B 22 -6.73 18.60 34.44
N HIS B 23 -6.87 19.46 35.45
CA HIS B 23 -8.21 19.88 35.87
C HIS B 23 -8.92 20.65 34.76
N GLN B 24 -8.17 21.44 33.99
CA GLN B 24 -8.78 22.20 32.91
C GLN B 24 -9.33 21.29 31.82
N LEU B 25 -8.58 20.26 31.43
CA LEU B 25 -9.08 19.32 30.44
C LEU B 25 -10.30 18.57 30.94
N GLN B 26 -10.39 18.35 32.25
CA GLN B 26 -11.58 17.73 32.83
C GLN B 26 -12.78 18.66 32.74
N ARG B 27 -12.57 19.96 32.98
CA ARG B 27 -13.66 20.92 32.88
C ARG B 27 -14.17 21.05 31.45
N GLY B 28 -13.26 21.16 30.49
CA GLY B 28 -13.67 21.24 29.10
C GLY B 28 -14.39 19.99 28.63
N LEU B 29 -14.03 18.84 29.17
CA LEU B 29 -14.74 17.60 28.86
C LEU B 29 -16.19 17.69 29.32
N GLN B 30 -16.41 18.25 30.51
CA GLN B 30 -17.77 18.46 30.99
C GLN B 30 -18.51 19.45 30.10
N VAL B 31 -17.84 20.51 29.68
CA VAL B 31 -18.48 21.50 28.82
C VAL B 31 -18.76 20.92 27.44
N TYR B 32 -17.89 20.04 26.94
CA TYR B 32 -18.18 19.40 25.65
C TYR B 32 -19.39 18.48 25.76
N THR B 33 -19.41 17.65 26.81
CA THR B 33 -20.46 16.65 26.94
C THR B 33 -21.84 17.27 27.15
N GLU B 34 -21.90 18.44 27.79
CA GLU B 34 -23.15 19.06 28.21
C GLU B 34 -23.61 20.19 27.30
N VAL B 35 -22.74 20.67 26.39
CA VAL B 35 -23.06 21.81 25.53
C VAL B 35 -22.75 21.46 24.09
N CYS B 36 -21.46 21.30 23.77
CA CYS B 36 -21.06 21.16 22.38
C CYS B 36 -21.50 19.83 21.79
N ALA B 37 -21.63 18.78 22.62
CA ALA B 37 -21.97 17.47 22.11
C ALA B 37 -23.36 17.43 21.48
N ALA B 38 -24.23 18.38 21.82
CA ALA B 38 -25.59 18.40 21.28
C ALA B 38 -25.59 18.49 19.76
N CYS B 39 -24.60 19.16 19.18
CA CYS B 39 -24.47 19.33 17.73
C CYS B 39 -23.21 18.72 17.17
N HIS B 40 -22.08 18.80 17.88
CA HIS B 40 -20.78 18.38 17.39
C HIS B 40 -20.45 16.97 17.82
N GLY B 41 -19.43 16.39 17.18
CA GLY B 41 -18.93 15.08 17.50
C GLY B 41 -17.41 15.06 17.39
N MET B 42 -16.83 13.89 17.75
CA MET B 42 -15.38 13.68 17.69
C MET B 42 -15.12 12.27 17.14
N LYS B 43 -15.37 12.10 15.84
CA LYS B 43 -15.36 10.78 15.22
C LYS B 43 -14.00 10.08 15.32
N PHE B 44 -12.90 10.82 15.54
CA PHE B 44 -11.56 10.25 15.55
C PHE B 44 -11.00 10.04 16.94
N VAL B 45 -11.65 10.53 17.98
CA VAL B 45 -11.14 10.43 19.35
C VAL B 45 -11.68 9.13 19.96
N PRO B 46 -10.82 8.20 20.40
CA PRO B 46 -11.34 7.06 21.17
C PRO B 46 -11.71 7.49 22.58
N ILE B 47 -12.85 6.98 23.07
CA ILE B 47 -13.32 7.36 24.40
C ILE B 47 -12.33 6.91 25.47
N ARG B 48 -11.63 5.80 25.23
CA ARG B 48 -10.67 5.28 26.21
C ARG B 48 -9.52 6.26 26.47
N SER B 49 -9.25 7.18 25.55
CA SER B 49 -8.15 8.11 25.76
C SER B 49 -8.39 9.11 26.88
N LEU B 50 -9.60 9.17 27.43
CA LEU B 50 -9.86 10.03 28.59
C LEU B 50 -9.10 9.57 29.82
N SER B 51 -8.67 8.31 29.88
CA SER B 51 -7.80 7.79 30.92
C SER B 51 -6.35 7.64 30.47
N GLU B 52 -6.04 8.00 29.23
CA GLU B 52 -4.66 7.96 28.74
C GLU B 52 -3.80 8.94 29.53
N PRO B 53 -2.50 8.70 29.67
CA PRO B 53 -1.64 9.71 30.30
C PRO B 53 -1.52 10.96 29.44
N GLY B 54 -1.07 12.03 30.08
CA GLY B 54 -0.92 13.29 29.39
C GLY B 54 -2.22 13.82 28.85
N GLY B 55 -3.22 13.94 29.72
CA GLY B 55 -4.55 14.32 29.32
C GLY B 55 -5.43 14.53 30.53
N PRO B 56 -6.75 14.34 30.38
CA PRO B 56 -7.63 14.43 31.56
C PRO B 56 -7.27 13.42 32.63
N GLU B 57 -6.86 12.20 32.23
CA GLU B 57 -6.45 11.15 33.16
C GLU B 57 -7.54 10.84 34.19
N LEU B 58 -8.69 10.42 33.68
CA LEU B 58 -9.75 9.94 34.56
C LEU B 58 -9.49 8.47 34.91
N PRO B 59 -10.01 7.98 36.03
CA PRO B 59 -9.98 6.55 36.28
C PRO B 59 -10.78 5.80 35.22
N GLU B 60 -10.38 4.55 34.96
CA GLU B 60 -10.98 3.80 33.87
C GLU B 60 -12.45 3.50 34.12
N ASP B 61 -12.86 3.40 35.38
CA ASP B 61 -14.27 3.12 35.68
C ASP B 61 -15.16 4.31 35.33
N GLN B 62 -14.68 5.54 35.56
CA GLN B 62 -15.45 6.72 35.19
C GLN B 62 -15.61 6.80 33.67
N VAL B 63 -14.53 6.54 32.92
CA VAL B 63 -14.63 6.52 31.47
C VAL B 63 -15.54 5.39 31.00
N ARG B 64 -15.52 4.27 31.72
CA ARG B 64 -16.39 3.16 31.39
C ARG B 64 -17.86 3.55 31.55
N ALA B 65 -18.18 4.27 32.64
CA ALA B 65 -19.53 4.77 32.83
C ALA B 65 -19.84 5.96 31.93
N TYR B 66 -18.84 6.78 31.61
CA TYR B 66 -19.05 7.88 30.68
C TYR B 66 -19.43 7.34 29.30
N ALA B 67 -18.79 6.26 28.87
CA ALA B 67 -19.04 5.71 27.55
C ALA B 67 -20.42 5.08 27.41
N THR B 68 -21.09 4.77 28.53
CA THR B 68 -22.38 4.10 28.45
C THR B 68 -23.49 5.02 27.97
N GLN B 69 -23.35 6.34 28.20
CA GLN B 69 -24.42 7.25 27.81
C GLN B 69 -24.62 7.29 26.31
N PHE B 70 -23.59 7.02 25.53
CA PHE B 70 -23.72 6.99 24.08
C PHE B 70 -24.39 5.71 23.62
N THR B 71 -25.20 5.83 22.57
CA THR B 71 -25.78 4.67 21.88
C THR B 71 -24.93 4.40 20.65
N VAL B 72 -24.48 3.15 20.52
CA VAL B 72 -23.52 2.75 19.49
C VAL B 72 -24.05 1.52 18.79
N THR B 73 -24.00 1.53 17.46
CA THR B 73 -24.34 0.35 16.66
C THR B 73 -23.13 -0.58 16.59
N ASP B 74 -23.31 -1.83 17.02
CA ASP B 74 -22.21 -2.78 17.02
C ASP B 74 -21.78 -3.06 15.58
N GLU B 75 -20.45 -3.07 15.36
CA GLU B 75 -19.93 -3.22 14.01
C GLU B 75 -20.27 -4.58 13.41
N GLU B 76 -20.45 -5.61 14.25
CA GLU B 76 -20.75 -6.95 13.78
C GLU B 76 -22.25 -7.24 13.85
N THR B 77 -22.86 -7.11 15.03
CA THR B 77 -24.25 -7.49 15.19
C THR B 77 -25.17 -6.57 14.39
N GLY B 78 -25.00 -5.26 14.51
CA GLY B 78 -25.86 -4.27 13.89
C GLY B 78 -26.90 -3.68 14.82
N GLU B 79 -27.19 -4.33 15.95
CA GLU B 79 -28.10 -3.79 16.94
C GLU B 79 -27.37 -2.78 17.83
N ASP B 80 -28.12 -1.78 18.29
CA ASP B 80 -27.57 -0.74 19.14
C ASP B 80 -27.19 -1.32 20.50
N ARG B 81 -26.30 -0.61 21.20
CA ARG B 81 -25.82 -1.03 22.50
C ARG B 81 -25.24 0.16 23.23
N GLU B 82 -24.97 -0.02 24.52
CA GLU B 82 -24.30 1.01 25.29
C GLU B 82 -22.84 1.08 24.88
N GLY B 83 -22.29 2.30 24.87
CA GLY B 83 -20.95 2.52 24.37
C GLY B 83 -19.89 2.05 25.36
N LYS B 84 -18.81 1.52 24.81
CA LYS B 84 -17.63 1.09 25.56
C LYS B 84 -16.54 2.14 25.44
N PRO B 85 -15.47 2.02 26.23
CA PRO B 85 -14.29 2.88 25.98
C PRO B 85 -13.63 2.60 24.64
N THR B 86 -13.82 1.41 24.07
CA THR B 86 -13.19 1.06 22.81
C THR B 86 -13.77 1.82 21.62
N ASP B 87 -14.96 2.39 21.75
CA ASP B 87 -15.61 3.11 20.68
C ASP B 87 -15.16 4.57 20.64
N HIS B 88 -15.27 5.16 19.45
CA HIS B 88 -15.02 6.59 19.30
C HIS B 88 -16.26 7.37 19.70
N PHE B 89 -16.08 8.68 19.92
CA PHE B 89 -17.22 9.55 20.14
C PHE B 89 -18.11 9.54 18.90
N PRO B 90 -19.40 9.85 19.04
CA PRO B 90 -20.28 9.78 17.88
C PRO B 90 -19.99 10.90 16.89
N HIS B 91 -20.51 10.72 15.68
CA HIS B 91 -20.45 11.79 14.69
C HIS B 91 -21.28 12.98 15.16
N SER B 92 -21.13 14.10 14.46
CA SER B 92 -21.91 15.28 14.78
C SER B 92 -23.39 15.01 14.57
N ALA B 93 -24.19 15.21 15.63
CA ALA B 93 -25.63 15.02 15.54
C ALA B 93 -26.24 15.95 14.49
N LEU B 94 -25.77 17.19 14.46
CA LEU B 94 -26.22 18.15 13.47
C LEU B 94 -25.35 18.04 12.22
N GLU B 95 -25.98 18.07 11.04
CA GLU B 95 -25.28 17.76 9.80
C GLU B 95 -24.18 18.77 9.50
N ASN B 96 -24.54 20.06 9.45
CA ASN B 96 -23.56 21.10 9.11
C ASN B 96 -22.72 21.56 10.29
N ALA B 97 -22.75 20.84 11.42
CA ALA B 97 -21.84 21.11 12.52
C ALA B 97 -20.55 20.33 12.26
N PRO B 98 -19.42 20.98 11.97
CA PRO B 98 -18.21 20.22 11.66
C PRO B 98 -17.70 19.42 12.86
N ASP B 99 -17.03 18.32 12.56
CA ASP B 99 -16.45 17.48 13.61
C ASP B 99 -15.35 18.25 14.33
N LEU B 100 -15.24 18.03 15.65
CA LEU B 100 -14.32 18.76 16.50
C LEU B 100 -13.11 17.93 16.94
N SER B 101 -12.85 16.79 16.28
CA SER B 101 -11.69 15.99 16.63
C SER B 101 -10.39 16.77 16.44
N LEU B 102 -10.25 17.44 15.29
CA LEU B 102 -9.02 18.12 14.90
C LEU B 102 -9.23 19.61 14.68
N MET B 103 -10.26 20.20 15.30
CA MET B 103 -10.55 21.61 15.07
C MET B 103 -9.44 22.51 15.60
N ALA B 104 -8.76 22.10 16.68
CA ALA B 104 -7.67 22.90 17.22
C ALA B 104 -6.42 22.86 16.36
N LYS B 105 -6.38 22.01 15.34
CA LYS B 105 -5.31 22.02 14.34
C LYS B 105 -5.81 22.31 12.93
N ALA B 106 -7.13 22.43 12.72
CA ALA B 106 -7.70 22.68 11.42
C ALA B 106 -8.04 24.16 11.18
N ARG B 107 -7.77 25.04 12.15
CA ARG B 107 -8.02 26.46 12.01
C ARG B 107 -6.81 27.22 12.53
N ALA B 108 -6.42 28.26 11.81
CA ALA B 108 -5.30 29.11 12.19
C ALA B 108 -5.82 30.40 12.82
N GLY B 109 -5.28 30.74 13.98
CA GLY B 109 -5.66 31.95 14.69
C GLY B 109 -4.83 33.15 14.30
N PHE B 110 -3.54 32.93 14.04
CA PHE B 110 -2.61 33.98 13.67
C PHE B 110 -2.21 33.84 12.21
N HIS B 111 -2.15 34.96 11.51
CA HIS B 111 -1.71 35.01 10.11
C HIS B 111 -0.76 36.19 9.98
N GLY B 112 -0.42 36.53 8.74
CA GLY B 112 0.34 37.72 8.47
C GLY B 112 1.74 37.66 9.03
N PRO B 113 2.42 38.81 9.17
CA PRO B 113 2.05 40.19 8.83
C PRO B 113 1.63 40.43 7.37
N MET B 114 2.48 40.09 6.43
CA MET B 114 2.22 40.27 4.99
C MET B 114 2.46 38.95 4.27
N GLY B 115 1.81 37.89 4.74
CA GLY B 115 2.09 36.55 4.23
C GLY B 115 3.53 36.12 4.45
N THR B 116 4.19 36.67 5.48
CA THR B 116 5.58 36.37 5.77
C THR B 116 5.77 35.32 6.85
N GLY B 117 4.70 34.90 7.53
CA GLY B 117 4.79 33.84 8.52
C GLY B 117 5.55 34.21 9.76
N ILE B 118 5.74 35.50 10.04
CA ILE B 118 6.46 35.91 11.23
C ILE B 118 5.59 35.77 12.47
N SER B 119 4.27 35.92 12.32
CA SER B 119 3.38 35.84 13.48
C SER B 119 3.27 34.42 14.01
N GLN B 120 3.00 33.46 13.12
CA GLN B 120 2.89 32.06 13.55
C GLN B 120 4.19 31.55 14.12
N LEU B 121 5.33 32.10 13.68
CA LEU B 121 6.62 31.65 14.18
C LEU B 121 6.75 31.91 15.68
N PHE B 122 6.27 33.06 16.15
CA PHE B 122 6.35 33.45 17.56
C PHE B 122 5.04 33.27 18.32
N ASN B 123 3.91 33.06 17.63
CA ASN B 123 2.62 32.89 18.27
C ASN B 123 1.97 31.53 18.00
N GLY B 124 2.55 30.72 17.12
CA GLY B 124 1.95 29.43 16.79
C GLY B 124 0.80 29.59 15.80
N ILE B 125 0.18 28.45 15.48
CA ILE B 125 -0.90 28.45 14.51
C ILE B 125 -2.11 29.19 15.06
N GLY B 126 -2.36 29.11 16.36
CA GLY B 126 -3.47 29.82 16.97
C GLY B 126 -4.79 29.10 16.91
N GLY B 127 -4.79 27.78 16.76
CA GLY B 127 -6.00 27.00 16.72
C GLY B 127 -6.86 27.12 17.97
N PRO B 128 -6.35 26.66 19.12
CA PRO B 128 -7.14 26.76 20.36
C PRO B 128 -7.44 28.18 20.79
N GLU B 129 -6.66 29.16 20.30
CA GLU B 129 -6.91 30.55 20.61
C GLU B 129 -7.95 31.16 19.68
N TYR B 130 -8.13 30.59 18.49
CA TYR B 130 -9.19 31.02 17.58
C TYR B 130 -10.54 30.48 18.01
N ILE B 131 -10.59 29.24 18.48
CA ILE B 131 -11.85 28.68 18.98
C ILE B 131 -12.36 29.51 20.15
N TYR B 132 -11.46 29.93 21.04
CA TYR B 132 -11.84 30.80 22.14
C TYR B 132 -12.45 32.09 21.63
N SER B 133 -11.96 32.62 20.51
CA SER B 133 -12.45 33.87 19.96
C SER B 133 -13.78 33.71 19.24
N VAL B 134 -14.14 32.49 18.83
CA VAL B 134 -15.44 32.27 18.20
C VAL B 134 -16.54 32.18 19.25
N LEU B 135 -16.29 31.42 20.32
CA LEU B 135 -17.31 31.28 21.36
C LEU B 135 -17.57 32.60 22.06
N THR B 136 -16.51 33.31 22.43
CA THR B 136 -16.63 34.60 23.11
C THR B 136 -16.76 35.77 22.14
N GLY B 137 -16.97 35.52 20.85
CA GLY B 137 -17.03 36.56 19.84
C GLY B 137 -18.43 36.87 19.35
N PHE B 138 -19.46 36.54 20.14
CA PHE B 138 -20.85 36.80 19.79
C PHE B 138 -21.29 38.10 20.45
N PRO B 139 -21.38 39.24 19.76
CA PRO B 139 -21.76 40.49 20.44
C PRO B 139 -23.26 40.56 20.68
N GLU B 140 -23.66 41.60 21.42
CA GLU B 140 -25.06 41.79 21.76
C GLU B 140 -25.89 42.10 20.53
N GLU B 141 -25.53 43.16 19.80
CA GLU B 141 -26.21 43.60 18.59
C GLU B 141 -25.29 43.44 17.38
N PRO B 142 -25.84 43.36 16.17
CA PRO B 142 -24.96 43.27 14.99
C PRO B 142 -24.28 44.60 14.72
N PRO B 143 -23.44 44.66 13.68
CA PRO B 143 -22.89 45.97 13.28
C PRO B 143 -23.98 46.91 12.81
N LYS B 144 -23.59 48.17 12.60
CA LYS B 144 -24.57 49.18 12.19
C LYS B 144 -25.02 48.96 10.76
N CYS B 145 -24.11 48.52 9.89
CA CYS B 145 -24.46 48.30 8.48
C CYS B 145 -25.42 47.14 8.29
N ALA B 146 -25.55 46.23 9.27
CA ALA B 146 -26.35 45.02 9.13
C ALA B 146 -27.68 45.09 9.87
N GLU B 147 -28.05 46.24 10.42
CA GLU B 147 -29.31 46.35 11.15
C GLU B 147 -30.48 46.20 10.18
N GLY B 148 -31.25 45.12 10.35
CA GLY B 148 -32.40 44.87 9.49
C GLY B 148 -32.08 44.19 8.18
N HIS B 149 -30.89 43.59 8.06
CA HIS B 149 -30.50 42.89 6.83
C HIS B 149 -29.73 41.60 7.11
N GLU B 150 -29.81 41.07 8.32
CA GLU B 150 -29.12 39.82 8.63
C GLU B 150 -29.77 38.67 7.85
N PRO B 151 -28.99 37.75 7.28
CA PRO B 151 -29.61 36.56 6.69
C PRO B 151 -30.28 35.71 7.76
N ASP B 152 -31.48 35.24 7.45
CA ASP B 152 -32.25 34.45 8.41
C ASP B 152 -31.57 33.12 8.68
N GLY B 153 -31.47 32.75 9.95
CA GLY B 153 -30.84 31.51 10.36
C GLY B 153 -29.35 31.60 10.63
N PHE B 154 -28.76 32.80 10.63
CA PHE B 154 -27.35 32.98 10.89
C PHE B 154 -27.17 34.05 11.96
N TYR B 155 -25.97 34.07 12.54
CA TYR B 155 -25.66 34.91 13.69
C TYR B 155 -24.28 35.52 13.49
N TYR B 156 -24.12 36.79 13.87
CA TYR B 156 -22.86 37.48 13.68
C TYR B 156 -21.83 37.03 14.72
N ASN B 157 -20.59 36.86 14.28
CA ASN B 157 -19.47 36.52 15.14
C ASN B 157 -18.27 37.33 14.72
N ARG B 158 -17.50 37.81 15.71
CA ARG B 158 -16.36 38.67 15.39
C ARG B 158 -15.24 37.90 14.73
N ALA B 159 -14.95 36.68 15.21
CA ALA B 159 -13.79 35.94 14.74
C ALA B 159 -14.05 35.20 13.43
N PHE B 160 -15.28 34.73 13.23
CA PHE B 160 -15.60 33.92 12.06
C PHE B 160 -15.45 34.76 10.78
N GLN B 161 -14.68 34.23 9.81
CA GLN B 161 -14.37 34.94 8.57
C GLN B 161 -15.00 34.31 7.33
N ASN B 162 -15.32 33.02 7.36
CA ASN B 162 -15.77 32.31 6.16
C ASN B 162 -17.29 32.30 6.02
N GLY B 163 -17.97 33.33 6.52
CA GLY B 163 -19.41 33.43 6.46
C GLY B 163 -19.87 34.51 5.48
N SER B 164 -21.17 34.46 5.19
CA SER B 164 -21.77 35.46 4.31
C SER B 164 -21.82 36.82 4.99
N VAL B 165 -22.01 37.86 4.18
CA VAL B 165 -22.13 39.23 4.65
C VAL B 165 -23.23 39.90 3.84
N PRO B 166 -24.14 40.70 4.42
CA PRO B 166 -25.13 41.40 3.60
C PRO B 166 -24.47 42.40 2.68
N ASP B 167 -25.16 42.71 1.57
CA ASP B 167 -24.65 43.70 0.64
C ASP B 167 -24.53 45.08 1.27
N THR B 168 -25.33 45.35 2.31
CA THR B 168 -25.24 46.63 3.01
C THR B 168 -23.90 46.82 3.71
N CYS B 169 -23.19 45.74 4.05
CA CYS B 169 -21.92 45.81 4.76
C CYS B 169 -20.71 45.64 3.85
N LYS B 170 -20.90 45.26 2.59
CA LYS B 170 -19.78 45.10 1.68
C LYS B 170 -19.36 46.44 1.10
N ASP B 171 -18.10 46.53 0.69
CA ASP B 171 -17.57 47.75 0.10
C ASP B 171 -17.90 47.79 -1.39
N ALA B 172 -17.21 48.65 -2.15
CA ALA B 172 -17.54 48.81 -3.56
C ALA B 172 -17.12 47.60 -4.41
N ASN B 173 -16.23 46.75 -3.91
CA ASN B 173 -15.69 45.62 -4.67
C ASN B 173 -15.81 44.32 -3.90
N GLY B 174 -16.94 44.14 -3.21
CA GLY B 174 -17.30 42.86 -2.63
C GLY B 174 -16.67 42.54 -1.27
N VAL B 175 -15.67 43.30 -0.84
CA VAL B 175 -15.01 43.02 0.43
C VAL B 175 -15.90 43.51 1.57
N LYS B 176 -15.89 42.77 2.68
CA LYS B 176 -16.73 43.10 3.83
C LYS B 176 -16.07 44.17 4.69
N THR B 177 -16.90 45.06 5.23
CA THR B 177 -16.46 46.09 6.17
C THR B 177 -16.54 45.64 7.63
N THR B 178 -17.05 44.44 7.90
CA THR B 178 -17.14 43.92 9.25
C THR B 178 -15.89 43.14 9.61
N ALA B 179 -15.61 43.06 10.91
CA ALA B 179 -14.45 42.30 11.38
C ALA B 179 -14.60 40.82 11.04
N GLY B 180 -15.74 40.24 11.41
CA GLY B 180 -16.02 38.84 11.15
C GLY B 180 -17.10 38.65 10.10
N SER B 181 -18.00 37.71 10.33
CA SER B 181 -19.08 37.44 9.38
C SER B 181 -20.17 36.68 10.12
N TRP B 182 -21.16 36.19 9.38
CA TRP B 182 -22.33 35.54 9.94
C TRP B 182 -22.13 34.03 9.93
N ILE B 183 -22.19 33.43 11.12
CA ILE B 183 -21.98 31.99 11.31
C ILE B 183 -23.31 31.34 11.63
N ALA B 184 -23.46 30.09 11.19
CA ALA B 184 -24.68 29.33 11.40
C ALA B 184 -24.79 28.75 12.82
N MET B 185 -23.80 28.95 13.68
CA MET B 185 -23.85 28.41 15.03
C MET B 185 -24.48 29.44 15.96
N PRO B 186 -25.58 29.15 16.66
CA PRO B 186 -26.07 30.08 17.68
C PRO B 186 -25.06 30.20 18.81
N PRO B 187 -25.09 31.28 19.60
CA PRO B 187 -24.15 31.39 20.73
C PRO B 187 -24.37 30.26 21.72
N PRO B 188 -23.43 29.31 21.84
CA PRO B 188 -23.72 28.13 22.65
C PRO B 188 -23.46 28.29 24.14
N LEU B 189 -22.65 29.26 24.54
CA LEU B 189 -22.25 29.42 25.93
C LEU B 189 -23.04 30.54 26.62
N MET B 190 -23.46 30.26 27.85
CA MET B 190 -24.15 31.21 28.71
C MET B 190 -23.51 31.13 30.10
N ASP B 191 -23.56 32.24 30.83
CA ASP B 191 -22.92 32.30 32.14
C ASP B 191 -23.49 31.24 33.07
N ASP B 192 -22.60 30.46 33.69
CA ASP B 192 -22.95 29.42 34.66
C ASP B 192 -23.85 28.34 34.03
N LEU B 193 -23.72 28.13 32.72
CA LEU B 193 -24.49 27.09 32.06
C LEU B 193 -24.07 25.69 32.52
N VAL B 194 -22.89 25.55 33.11
CA VAL B 194 -22.39 24.28 33.62
C VAL B 194 -22.01 24.48 35.08
N GLU B 195 -22.31 23.48 35.91
CA GLU B 195 -22.00 23.50 37.34
C GLU B 195 -20.83 22.56 37.60
N TYR B 196 -19.66 23.14 37.86
CA TYR B 196 -18.48 22.33 38.17
C TYR B 196 -18.56 21.82 39.60
N ALA B 197 -17.88 20.70 39.84
CA ALA B 197 -17.91 20.08 41.16
C ALA B 197 -17.24 20.97 42.21
N ASP B 198 -16.05 21.50 41.90
CA ASP B 198 -15.29 22.30 42.84
C ASP B 198 -15.67 23.79 42.80
N GLY B 199 -16.81 24.13 42.21
CA GLY B 199 -17.24 25.52 42.18
C GLY B 199 -16.33 26.43 41.40
N HIS B 200 -15.58 25.91 40.43
CA HIS B 200 -14.70 26.73 39.64
C HIS B 200 -15.51 27.73 38.81
N ASP B 201 -14.84 28.78 38.35
CA ASP B 201 -15.50 29.81 37.56
C ASP B 201 -16.09 29.21 36.29
N ALA B 202 -17.36 29.50 36.04
CA ALA B 202 -18.10 28.95 34.90
C ALA B 202 -18.65 30.05 34.00
N SER B 203 -17.99 31.22 33.98
CA SER B 203 -18.38 32.26 33.05
C SER B 203 -18.16 31.79 31.61
N VAL B 204 -18.72 32.54 30.67
CA VAL B 204 -18.60 32.17 29.25
C VAL B 204 -17.14 32.18 28.84
N HIS B 205 -16.37 33.14 29.34
CA HIS B 205 -14.95 33.22 29.01
C HIS B 205 -14.19 32.06 29.62
N ALA B 206 -14.50 31.70 30.88
CA ALA B 206 -13.78 30.62 31.54
C ALA B 206 -14.10 29.28 30.89
N MET B 207 -15.36 29.07 30.49
CA MET B 207 -15.72 27.82 29.82
C MET B 207 -15.10 27.73 28.44
N ALA B 208 -15.12 28.84 27.69
CA ALA B 208 -14.53 28.85 26.35
C ALA B 208 -13.04 28.58 26.41
N GLU B 209 -12.36 29.02 27.47
CA GLU B 209 -10.94 28.74 27.61
C GLU B 209 -10.71 27.26 27.93
N ASP B 210 -11.49 26.71 28.86
CA ASP B 210 -11.29 25.32 29.25
C ASP B 210 -11.63 24.37 28.11
N VAL B 211 -12.75 24.61 27.43
CA VAL B 211 -13.15 23.73 26.33
C VAL B 211 -12.17 23.87 25.17
N SER B 212 -11.57 25.05 24.99
CA SER B 212 -10.52 25.19 23.98
C SER B 212 -9.31 24.35 24.35
N ALA B 213 -8.90 24.37 25.63
CA ALA B 213 -7.79 23.53 26.07
C ALA B 213 -8.11 22.06 25.89
N PHE B 214 -9.36 21.66 26.20
CA PHE B 214 -9.77 20.27 25.96
C PHE B 214 -9.73 19.94 24.48
N LEU B 215 -10.23 20.85 23.63
CA LEU B 215 -10.26 20.60 22.20
C LEU B 215 -8.86 20.54 21.61
N MET B 216 -7.86 21.15 22.27
CA MET B 216 -6.49 20.97 21.86
C MET B 216 -6.02 19.55 22.12
N TRP B 217 -6.32 19.02 23.30
CA TRP B 217 -5.95 17.65 23.63
C TRP B 217 -6.64 16.66 22.71
N ALA B 218 -7.87 16.96 22.29
CA ALA B 218 -8.57 16.05 21.38
C ALA B 218 -7.88 15.96 20.03
N ALA B 219 -7.33 17.08 19.56
CA ALA B 219 -6.62 17.10 18.30
C ALA B 219 -5.23 16.49 18.44
N GLU B 220 -4.54 16.77 19.54
CA GLU B 220 -3.22 16.20 19.83
C GLU B 220 -3.21 15.63 21.24
N PRO B 221 -3.52 14.34 21.40
CA PRO B 221 -3.34 13.73 22.73
C PRO B 221 -1.89 13.65 23.14
N LYS B 222 -0.97 13.48 22.19
CA LYS B 222 0.44 13.25 22.45
C LYS B 222 1.27 14.53 22.43
N LEU B 223 0.70 15.65 22.88
CA LEU B 223 1.44 16.91 22.92
C LEU B 223 2.59 16.83 23.92
N MET B 224 2.32 16.39 25.14
CA MET B 224 3.34 16.38 26.17
C MET B 224 4.44 15.36 25.87
N ALA B 225 4.07 14.21 25.30
CA ALA B 225 5.08 13.22 24.94
C ALA B 225 5.98 13.73 23.83
N ARG B 226 5.41 14.48 22.88
CA ARG B 226 6.20 15.02 21.78
C ARG B 226 7.25 16.00 22.29
N LYS B 227 6.85 16.90 23.21
CA LYS B 227 7.77 17.91 23.70
C LYS B 227 8.88 17.29 24.56
N GLN B 228 8.59 16.16 25.20
CA GLN B 228 9.66 15.43 25.89
C GLN B 228 10.62 14.80 24.89
N ALA B 229 10.09 14.21 23.82
CA ALA B 229 10.93 13.68 22.76
C ALA B 229 11.73 14.78 22.08
N GLY B 230 11.08 15.92 21.81
CA GLY B 230 11.81 17.03 21.23
C GLY B 230 12.91 17.54 22.13
N PHE B 231 12.61 17.70 23.43
CA PHE B 231 13.64 18.13 24.36
C PHE B 231 14.77 17.11 24.46
N THR B 232 14.43 15.82 24.43
CA THR B 232 15.45 14.78 24.55
C THR B 232 16.34 14.74 23.31
N ALA B 233 15.74 14.82 22.12
CA ALA B 233 16.55 14.83 20.89
C ALA B 233 17.47 16.03 20.84
N VAL B 234 17.03 17.16 21.40
CA VAL B 234 17.89 18.35 21.46
C VAL B 234 19.09 18.09 22.39
N MET B 235 18.86 17.40 23.50
CA MET B 235 19.96 17.15 24.44
C MET B 235 20.97 16.18 23.86
N PHE B 236 20.51 15.10 23.23
CA PHE B 236 21.43 14.16 22.59
C PHE B 236 22.20 14.84 21.48
N LEU B 237 21.48 15.58 20.62
CA LEU B 237 22.13 16.17 19.45
C LEU B 237 22.99 17.37 19.83
N THR B 238 22.69 18.04 20.95
CA THR B 238 23.55 19.12 21.41
C THR B 238 24.90 18.58 21.88
N VAL B 239 24.88 17.50 22.67
CA VAL B 239 26.13 16.89 23.12
C VAL B 239 26.90 16.33 21.94
N LEU B 240 26.22 15.56 21.08
CA LEU B 240 26.88 14.98 19.92
C LEU B 240 27.42 16.05 18.98
N SER B 241 26.72 17.19 18.87
CA SER B 241 27.23 18.29 18.05
C SER B 241 28.47 18.91 18.66
N VAL B 242 28.50 19.07 19.99
CA VAL B 242 29.67 19.66 20.64
C VAL B 242 30.85 18.71 20.56
N LEU B 243 30.61 17.41 20.76
CA LEU B 243 31.71 16.44 20.63
C LEU B 243 32.20 16.37 19.19
N LEU B 244 31.28 16.35 18.22
CA LEU B 244 31.70 16.33 16.83
C LEU B 244 32.41 17.63 16.44
N TYR B 245 32.09 18.74 17.10
CA TYR B 245 32.82 19.98 16.85
C TYR B 245 34.28 19.86 17.27
N LEU B 246 34.51 19.48 18.54
CA LEU B 246 35.86 19.38 19.06
C LEU B 246 36.67 18.34 18.31
N THR B 247 36.02 17.22 17.93
CA THR B 247 36.70 16.21 17.13
C THR B 247 37.12 16.79 15.78
N ASN B 248 36.22 17.56 15.14
CA ASN B 248 36.57 18.20 13.88
C ASN B 248 37.70 19.22 14.07
N LYS B 249 37.76 19.86 15.24
CA LYS B 249 38.80 20.86 15.48
C LYS B 249 40.16 20.21 15.63
N ARG B 250 40.28 19.24 16.53
CA ARG B 250 41.55 18.54 16.73
C ARG B 250 41.99 17.83 15.46
N LEU B 251 41.04 17.28 14.72
CA LEU B 251 41.37 16.52 13.52
C LEU B 251 41.95 17.42 12.44
N TRP B 252 41.42 18.63 12.28
CA TRP B 252 41.98 19.60 11.34
C TRP B 252 43.13 20.40 11.93
N ALA B 253 43.45 20.21 13.21
CA ALA B 253 44.58 20.91 13.81
C ALA B 253 45.91 20.48 13.22
N GLY B 254 45.99 19.26 12.65
CA GLY B 254 47.20 18.78 12.01
C GLY B 254 47.29 19.14 10.54
N VAL B 255 46.57 20.18 10.13
CA VAL B 255 46.59 20.69 8.77
C VAL B 255 46.77 22.21 8.82
N LYS B 256 45.92 22.86 9.60
CA LYS B 256 45.98 24.32 9.77
C LYS B 256 47.04 24.69 10.81
N ASP C 13 42.31 11.02 23.81
CA ASP C 13 41.75 9.76 23.33
C ASP C 13 40.28 9.61 23.73
N PHE C 14 39.90 10.25 24.84
CA PHE C 14 38.52 10.19 25.30
C PHE C 14 37.57 10.80 24.27
N LEU C 15 38.01 11.88 23.60
CA LEU C 15 37.13 12.60 22.69
C LEU C 15 36.74 11.73 21.49
N TYR C 16 37.72 11.05 20.89
CA TYR C 16 37.44 10.22 19.73
C TYR C 16 36.61 9.00 20.09
N TYR C 17 36.57 8.61 21.37
CA TYR C 17 35.75 7.50 21.83
C TYR C 17 34.38 7.99 22.33
N ALA C 18 34.33 9.15 22.98
CA ALA C 18 33.05 9.70 23.39
C ALA C 18 32.21 10.10 22.19
N THR C 19 32.86 10.62 21.14
CA THR C 19 32.13 10.98 19.93
C THR C 19 31.54 9.75 19.25
N ALA C 20 32.27 8.62 19.29
CA ALA C 20 31.74 7.39 18.72
C ALA C 20 30.62 6.82 19.59
N GLY C 21 30.81 6.83 20.91
CA GLY C 21 29.79 6.30 21.80
C GLY C 21 28.51 7.13 21.76
N ALA C 22 28.65 8.46 21.70
CA ALA C 22 27.48 9.32 21.61
C ALA C 22 26.73 9.10 20.30
N GLY C 23 27.45 8.74 19.24
CA GLY C 23 26.78 8.45 17.97
C GLY C 23 26.05 7.12 17.99
N ALA C 24 26.66 6.11 18.62
CA ALA C 24 26.00 4.81 18.73
C ALA C 24 24.72 4.90 19.57
N VAL C 25 24.76 5.69 20.64
CA VAL C 25 23.58 5.89 21.47
C VAL C 25 22.46 6.55 20.67
N ALA C 26 22.82 7.53 19.83
CA ALA C 26 21.82 8.18 19.00
C ALA C 26 21.23 7.21 17.99
N THR C 27 22.07 6.36 17.39
CA THR C 27 21.56 5.34 16.47
C THR C 27 20.60 4.40 17.17
N GLY C 28 20.98 3.90 18.34
CA GLY C 28 20.11 3.01 19.09
C GLY C 28 18.81 3.67 19.50
N ALA C 29 18.89 4.96 19.88
CA ALA C 29 17.68 5.69 20.24
C ALA C 29 16.75 5.85 19.05
N ALA C 30 17.28 5.85 17.83
CA ALA C 30 16.48 5.95 16.62
C ALA C 30 15.98 4.61 16.12
N VAL C 31 16.66 3.51 16.46
CA VAL C 31 16.28 2.21 15.94
C VAL C 31 15.14 1.61 16.75
N TRP C 32 15.14 1.80 18.07
CA TRP C 32 14.13 1.17 18.90
C TRP C 32 12.72 1.65 18.60
N PRO C 33 12.46 2.94 18.37
CA PRO C 33 11.12 3.32 17.90
C PRO C 33 10.72 2.66 16.58
N LEU C 34 11.69 2.36 15.72
CA LEU C 34 11.37 1.69 14.46
C LEU C 34 10.97 0.23 14.67
N ILE C 35 11.34 -0.36 15.79
CA ILE C 35 10.91 -1.71 16.14
C ILE C 35 9.59 -1.70 16.89
N ASN C 36 9.49 -0.86 17.92
CA ASN C 36 8.30 -0.86 18.78
C ASN C 36 7.04 -0.44 18.04
N GLN C 37 7.17 0.23 16.89
CA GLN C 37 5.99 0.59 16.11
C GLN C 37 5.20 -0.63 15.67
N MET C 38 5.87 -1.77 15.48
CA MET C 38 5.20 -3.00 15.07
C MET C 38 4.55 -3.74 16.23
N ASN C 39 4.84 -3.37 17.48
CA ASN C 39 4.13 -3.96 18.60
C ASN C 39 2.66 -3.55 18.53
N PRO C 40 1.78 -4.20 19.30
CA PRO C 40 0.34 -3.91 19.18
C PRO C 40 0.02 -2.45 19.47
N SER C 41 -0.86 -1.89 18.65
CA SER C 41 -1.30 -0.51 18.78
C SER C 41 -2.02 -0.29 20.10
N ALA C 42 -2.28 0.98 20.41
CA ALA C 42 -2.99 1.32 21.64
C ALA C 42 -4.41 0.79 21.64
N ASP C 43 -5.03 0.63 20.46
CA ASP C 43 -6.39 0.10 20.40
C ASP C 43 -6.42 -1.41 20.61
N VAL C 44 -5.35 -2.11 20.21
CA VAL C 44 -5.27 -3.54 20.47
C VAL C 44 -4.93 -3.81 21.93
N GLN C 45 -4.06 -2.98 22.52
CA GLN C 45 -3.75 -3.11 23.93
C GLN C 45 -4.98 -2.92 24.80
N ALA C 46 -5.93 -2.09 24.36
CA ALA C 46 -7.14 -1.85 25.14
C ALA C 46 -8.10 -3.04 25.10
N LEU C 47 -8.00 -3.90 24.09
CA LEU C 47 -8.78 -5.13 24.02
C LEU C 47 -8.09 -6.32 24.68
N ALA C 48 -7.01 -6.09 25.42
CA ALA C 48 -6.37 -7.18 26.16
C ALA C 48 -7.32 -7.75 27.20
N SER C 49 -8.19 -6.92 27.76
CA SER C 49 -9.22 -7.36 28.69
C SER C 49 -10.48 -6.54 28.43
N ILE C 50 -11.62 -7.11 28.82
CA ILE C 50 -12.92 -6.46 28.67
C ILE C 50 -13.71 -6.67 29.95
N PHE C 51 -14.81 -5.93 30.07
CA PHE C 51 -15.68 -5.95 31.23
C PHE C 51 -17.11 -6.21 30.78
N VAL C 52 -17.75 -7.21 31.38
CA VAL C 52 -19.10 -7.63 31.03
C VAL C 52 -20.01 -7.30 32.22
N ASP C 53 -21.15 -6.67 31.92
CA ASP C 53 -22.15 -6.33 32.94
C ASP C 53 -23.22 -7.43 32.92
N VAL C 54 -23.16 -8.31 33.91
CA VAL C 54 -24.06 -9.45 34.00
C VAL C 54 -25.18 -9.13 34.99
N SER C 55 -25.61 -7.87 35.02
CA SER C 55 -26.65 -7.47 35.96
C SER C 55 -28.02 -8.03 35.57
N SER C 56 -28.27 -8.21 34.27
CA SER C 56 -29.56 -8.67 33.77
C SER C 56 -29.42 -10.00 33.03
N VAL C 57 -28.76 -10.97 33.66
CA VAL C 57 -28.56 -12.31 33.10
C VAL C 57 -29.20 -13.29 34.08
N GLU C 58 -30.39 -13.77 33.75
CA GLU C 58 -31.08 -14.75 34.58
C GLU C 58 -30.53 -16.14 34.31
N PRO C 59 -30.84 -17.12 35.16
CA PRO C 59 -30.39 -18.49 34.88
C PRO C 59 -31.00 -19.02 33.58
N GLY C 60 -30.19 -19.80 32.85
CA GLY C 60 -30.61 -20.39 31.60
C GLY C 60 -30.36 -19.55 30.37
N VAL C 61 -30.12 -18.25 30.53
CA VAL C 61 -29.88 -17.35 29.41
C VAL C 61 -28.40 -17.33 29.08
N GLN C 62 -28.08 -17.48 27.80
CA GLN C 62 -26.71 -17.43 27.31
C GLN C 62 -26.38 -16.01 26.85
N LEU C 63 -25.13 -15.61 27.09
CA LEU C 63 -24.64 -14.28 26.72
C LEU C 63 -23.34 -14.45 25.95
N THR C 64 -23.39 -14.23 24.63
CA THR C 64 -22.22 -14.34 23.78
C THR C 64 -21.53 -12.99 23.67
N VAL C 65 -20.21 -12.98 23.83
CA VAL C 65 -19.40 -11.77 23.82
C VAL C 65 -18.16 -12.02 22.98
N LYS C 66 -17.77 -11.02 22.20
CA LYS C 66 -16.57 -11.12 21.37
C LYS C 66 -15.33 -10.78 22.20
N PHE C 67 -14.28 -11.57 22.02
CA PHE C 67 -13.04 -11.36 22.77
C PHE C 67 -11.89 -11.96 21.98
N LEU C 68 -10.92 -11.12 21.60
CA LEU C 68 -9.76 -11.55 20.80
C LEU C 68 -10.20 -12.16 19.48
N GLY C 69 -11.24 -11.60 18.88
CA GLY C 69 -11.73 -12.02 17.59
C GLY C 69 -12.75 -13.14 17.62
N LYS C 70 -12.69 -14.01 18.63
CA LYS C 70 -13.55 -15.17 18.76
C LYS C 70 -14.60 -14.96 19.83
N PRO C 71 -15.68 -15.74 19.84
CA PRO C 71 -16.73 -15.56 20.86
C PRO C 71 -16.47 -16.37 22.11
N ILE C 72 -16.93 -15.82 23.24
CA ILE C 72 -16.92 -16.48 24.53
C ILE C 72 -18.36 -16.63 25.00
N PHE C 73 -18.69 -17.81 25.50
CA PHE C 73 -20.02 -18.10 26.04
C PHE C 73 -20.01 -17.90 27.55
N ILE C 74 -21.01 -17.18 28.05
CA ILE C 74 -21.18 -16.95 29.49
C ILE C 74 -22.62 -17.32 29.81
N ARG C 75 -22.84 -18.58 30.20
CA ARG C 75 -24.16 -19.11 30.49
C ARG C 75 -24.31 -19.30 31.99
N ARG C 76 -25.39 -18.74 32.55
CA ARG C 76 -25.73 -18.95 33.96
C ARG C 76 -26.55 -20.23 34.04
N ARG C 77 -25.91 -21.31 34.48
CA ARG C 77 -26.54 -22.62 34.48
C ARG C 77 -27.70 -22.66 35.47
N THR C 78 -28.72 -23.45 35.13
CA THR C 78 -29.92 -23.56 35.93
C THR C 78 -29.77 -24.73 36.92
N GLU C 79 -30.85 -25.06 37.63
CA GLU C 79 -30.79 -26.13 38.61
C GLU C 79 -30.57 -27.49 37.94
N ALA C 80 -31.08 -27.65 36.72
CA ALA C 80 -30.92 -28.94 36.02
C ALA C 80 -29.56 -29.04 35.35
N ASP C 81 -29.06 -27.93 34.80
CA ASP C 81 -27.77 -27.96 34.12
C ASP C 81 -26.62 -28.25 35.09
N ILE C 82 -26.72 -27.73 36.31
CA ILE C 82 -25.65 -27.96 37.29
C ILE C 82 -25.70 -29.41 37.79
N GLU C 83 -26.89 -30.01 37.81
CA GLU C 83 -27.02 -31.38 38.29
C GLU C 83 -26.30 -32.35 37.35
N LEU C 84 -26.52 -32.21 36.04
CA LEU C 84 -25.86 -33.08 35.08
C LEU C 84 -24.35 -32.86 35.08
N GLY C 85 -23.90 -31.64 35.38
CA GLY C 85 -22.47 -31.37 35.36
C GLY C 85 -21.73 -32.10 36.46
N ARG C 86 -22.21 -31.99 37.70
CA ARG C 86 -21.56 -32.62 38.83
C ARG C 86 -21.80 -34.13 38.91
N SER C 87 -22.72 -34.68 38.11
CA SER C 87 -23.02 -36.10 38.16
C SER C 87 -22.03 -36.92 37.34
N VAL C 88 -21.45 -36.33 36.29
CA VAL C 88 -20.53 -37.07 35.44
C VAL C 88 -19.25 -37.36 36.21
N GLN C 89 -18.76 -38.59 36.08
CA GLN C 89 -17.51 -39.01 36.70
C GLN C 89 -16.33 -38.67 35.81
N LEU C 90 -15.13 -38.73 36.41
CA LEU C 90 -13.92 -38.36 35.67
C LEU C 90 -13.55 -39.40 34.62
N GLY C 91 -14.00 -40.66 34.78
CA GLY C 91 -13.69 -41.68 33.81
C GLY C 91 -14.58 -41.66 32.58
N GLN C 92 -15.75 -41.03 32.67
CA GLN C 92 -16.68 -40.96 31.54
C GLN C 92 -16.27 -39.90 30.51
N LEU C 93 -15.33 -39.02 30.84
CA LEU C 93 -14.95 -37.92 29.96
C LEU C 93 -13.88 -38.38 28.99
N VAL C 94 -13.92 -37.82 27.77
CA VAL C 94 -12.90 -38.12 26.77
C VAL C 94 -11.60 -37.40 27.11
N ASP C 95 -11.70 -36.15 27.55
CA ASP C 95 -10.55 -35.35 27.97
C ASP C 95 -10.70 -35.01 29.45
N THR C 96 -9.75 -35.47 30.26
CA THR C 96 -9.80 -35.26 31.70
C THR C 96 -9.12 -33.97 32.15
N ASN C 97 -8.59 -33.17 31.22
CA ASN C 97 -7.93 -31.92 31.56
C ASN C 97 -8.97 -30.80 31.59
N ALA C 98 -8.83 -29.91 32.58
CA ALA C 98 -9.78 -28.80 32.72
C ALA C 98 -9.56 -27.74 31.65
N ARG C 99 -8.32 -27.57 31.18
CA ARG C 99 -8.00 -26.56 30.16
C ARG C 99 -8.34 -25.16 30.66
N ASN C 100 -7.85 -24.84 31.86
CA ASN C 100 -8.09 -23.55 32.50
C ASN C 100 -6.75 -22.88 32.77
N ALA C 101 -6.66 -21.59 32.44
CA ALA C 101 -5.44 -20.83 32.65
C ALA C 101 -5.30 -20.31 34.07
N ASN C 102 -6.41 -20.16 34.80
CA ASN C 102 -6.36 -19.68 36.18
C ASN C 102 -5.65 -20.69 37.07
N ILE C 103 -6.27 -21.84 37.30
CA ILE C 103 -5.68 -22.89 38.13
C ILE C 103 -4.54 -23.55 37.36
N ASP C 104 -3.85 -24.48 38.00
CA ASP C 104 -2.72 -25.15 37.37
C ASP C 104 -3.17 -25.98 36.17
N ALA C 105 -2.21 -26.28 35.29
CA ALA C 105 -2.53 -27.06 34.09
C ALA C 105 -2.86 -28.50 34.42
N GLY C 106 -2.31 -29.04 35.51
CA GLY C 106 -2.57 -30.41 35.91
C GLY C 106 -3.87 -30.65 36.64
N ALA C 107 -4.74 -29.65 36.74
CA ALA C 107 -6.01 -29.83 37.43
C ALA C 107 -6.93 -30.75 36.64
N GLU C 108 -7.74 -31.52 37.36
CA GLU C 108 -8.67 -32.44 36.75
C GLU C 108 -9.91 -31.71 36.23
N ALA C 109 -10.66 -32.39 35.36
CA ALA C 109 -11.82 -31.80 34.70
C ALA C 109 -13.11 -32.02 35.49
N THR C 110 -13.07 -31.75 36.79
CA THR C 110 -14.27 -31.81 37.61
C THR C 110 -15.13 -30.58 37.39
N ASP C 111 -16.43 -30.73 37.64
CA ASP C 111 -17.36 -29.62 37.45
C ASP C 111 -17.04 -28.45 38.36
N GLN C 112 -16.50 -28.73 39.55
CA GLN C 112 -16.11 -27.65 40.47
C GLN C 112 -14.93 -26.85 39.95
N ASN C 113 -14.10 -27.44 39.09
CA ASN C 113 -12.94 -26.76 38.53
C ASN C 113 -13.23 -26.07 37.19
N ARG C 114 -14.43 -26.25 36.63
CA ARG C 114 -14.81 -25.62 35.37
C ARG C 114 -15.55 -24.30 35.56
N THR C 115 -15.64 -23.80 36.80
CA THR C 115 -16.32 -22.55 37.10
C THR C 115 -15.44 -21.70 37.99
N LEU C 116 -15.81 -20.42 38.13
CA LEU C 116 -15.06 -19.47 38.92
C LEU C 116 -15.47 -19.50 40.39
N ASP C 117 -16.77 -19.53 40.67
CA ASP C 117 -17.29 -19.54 42.03
C ASP C 117 -17.47 -20.98 42.52
N GLU C 118 -17.46 -21.12 43.85
CA GLU C 118 -17.64 -22.44 44.45
C GLU C 118 -19.03 -23.02 44.18
N ALA C 119 -20.04 -22.15 44.00
CA ALA C 119 -21.39 -22.63 43.74
C ALA C 119 -21.54 -23.26 42.36
N GLY C 120 -20.61 -23.02 41.45
CA GLY C 120 -20.72 -23.59 40.11
C GLY C 120 -21.88 -23.05 39.30
N GLU C 121 -22.27 -21.79 39.54
CA GLU C 121 -23.42 -21.20 38.86
C GLU C 121 -23.04 -20.57 37.52
N TRP C 122 -21.87 -19.94 37.46
CA TRP C 122 -21.40 -19.25 36.26
C TRP C 122 -20.37 -20.09 35.54
N LEU C 123 -20.61 -20.36 34.25
CA LEU C 123 -19.70 -21.11 33.40
C LEU C 123 -19.18 -20.18 32.31
N VAL C 124 -17.87 -19.93 32.32
CA VAL C 124 -17.21 -19.07 31.34
C VAL C 124 -16.19 -19.92 30.60
N MET C 125 -16.25 -19.89 29.28
CA MET C 125 -15.37 -20.72 28.45
C MET C 125 -15.34 -20.16 27.04
N TRP C 126 -14.29 -20.52 26.31
CA TRP C 126 -14.18 -20.13 24.92
C TRP C 126 -15.26 -20.83 24.10
N GLY C 127 -16.03 -20.04 23.35
CA GLY C 127 -17.02 -20.58 22.45
C GLY C 127 -16.44 -20.93 21.10
N VAL C 128 -15.41 -21.78 21.11
CA VAL C 128 -14.64 -22.12 19.91
C VAL C 128 -14.39 -23.62 19.95
N CYS C 129 -14.97 -24.35 19.01
CA CYS C 129 -14.81 -25.80 18.97
C CYS C 129 -13.34 -26.16 18.73
N THR C 130 -12.81 -27.04 19.56
CA THR C 130 -11.40 -27.42 19.48
C THR C 130 -11.07 -28.26 18.26
N HIS C 131 -12.07 -28.77 17.54
CA HIS C 131 -11.81 -29.54 16.32
C HIS C 131 -11.14 -28.65 15.28
N LEU C 132 -11.86 -27.65 14.78
CA LEU C 132 -11.34 -26.74 13.76
C LEU C 132 -11.82 -25.30 13.93
N GLY C 133 -12.44 -24.96 15.05
CA GLY C 133 -12.72 -23.57 15.38
C GLY C 133 -14.10 -23.05 15.01
N CYS C 134 -15.08 -23.93 14.85
CA CYS C 134 -16.45 -23.48 14.58
C CYS C 134 -17.11 -23.03 15.87
N VAL C 135 -18.29 -22.43 15.74
CA VAL C 135 -19.06 -21.89 16.86
C VAL C 135 -20.19 -22.87 17.14
N PRO C 136 -20.15 -23.63 18.24
CA PRO C 136 -21.28 -24.54 18.53
C PRO C 136 -22.56 -23.77 18.85
N ILE C 137 -23.69 -24.41 18.56
CA ILE C 137 -24.99 -23.84 18.86
C ILE C 137 -25.32 -24.14 20.32
N GLY C 138 -25.76 -23.10 21.04
CA GLY C 138 -26.10 -23.22 22.45
C GLY C 138 -27.59 -23.35 22.68
N GLY C 139 -28.01 -23.00 23.88
CA GLY C 139 -29.41 -23.07 24.25
C GLY C 139 -29.92 -24.49 24.42
N VAL C 140 -29.13 -25.34 25.08
CA VAL C 140 -29.50 -26.74 25.31
C VAL C 140 -29.68 -27.45 23.97
N SER C 141 -28.60 -28.05 23.48
CA SER C 141 -28.62 -28.76 22.20
C SER C 141 -27.71 -29.98 22.29
N GLY C 142 -27.86 -30.87 21.33
CA GLY C 142 -27.08 -32.08 21.27
C GLY C 142 -27.70 -33.22 22.06
N ASP C 143 -26.89 -34.27 22.24
CA ASP C 143 -27.31 -35.48 22.94
C ASP C 143 -26.80 -35.53 24.39
N PHE C 144 -26.35 -34.39 24.93
CA PHE C 144 -25.86 -34.33 26.30
C PHE C 144 -26.33 -33.08 27.04
N GLY C 145 -27.30 -32.35 26.52
CA GLY C 145 -27.81 -31.16 27.19
C GLY C 145 -26.77 -30.07 27.34
N GLY C 146 -26.08 -29.75 26.25
CA GLY C 146 -25.06 -28.73 26.25
C GLY C 146 -24.97 -27.97 24.94
N TRP C 147 -23.86 -28.16 24.22
CA TRP C 147 -23.60 -27.48 22.96
C TRP C 147 -23.38 -28.51 21.86
N PHE C 148 -23.72 -28.13 20.64
CA PHE C 148 -23.61 -28.98 19.47
C PHE C 148 -22.93 -28.20 18.34
N CYS C 149 -21.87 -28.78 17.79
CA CYS C 149 -21.13 -28.16 16.70
C CYS C 149 -21.69 -28.61 15.37
N PRO C 150 -22.21 -27.71 14.51
CA PRO C 150 -22.81 -28.19 13.25
C PRO C 150 -21.81 -28.46 12.14
N CYS C 151 -20.53 -28.14 12.34
CA CYS C 151 -19.55 -28.30 11.27
C CYS C 151 -19.24 -29.77 11.03
N HIS C 152 -19.13 -30.57 12.11
CA HIS C 152 -18.87 -32.00 11.98
C HIS C 152 -19.62 -32.86 13.00
N GLY C 153 -20.36 -32.26 13.93
CA GLY C 153 -21.15 -33.02 14.87
C GLY C 153 -20.42 -33.36 16.15
N SER C 154 -19.97 -32.33 16.87
CA SER C 154 -19.31 -32.48 18.16
C SER C 154 -20.29 -32.12 19.25
N HIS C 155 -20.54 -33.05 20.18
CA HIS C 155 -21.50 -32.89 21.25
C HIS C 155 -20.78 -32.56 22.55
N TYR C 156 -21.29 -31.57 23.28
CA TYR C 156 -20.75 -31.16 24.56
C TYR C 156 -21.83 -31.27 25.64
N ASP C 157 -21.40 -31.49 26.87
CA ASP C 157 -22.31 -31.62 28.00
C ASP C 157 -22.62 -30.24 28.57
N SER C 158 -23.36 -30.20 29.68
CA SER C 158 -23.71 -28.93 30.30
C SER C 158 -22.51 -28.22 30.91
N ALA C 159 -21.42 -28.94 31.17
CA ALA C 159 -20.21 -28.35 31.74
C ALA C 159 -19.22 -27.89 30.68
N GLY C 160 -19.47 -28.16 29.40
CA GLY C 160 -18.56 -27.73 28.36
C GLY C 160 -17.40 -28.66 28.11
N ARG C 161 -17.59 -29.96 28.32
CA ARG C 161 -16.56 -30.98 28.11
C ARG C 161 -16.96 -31.86 26.94
N ILE C 162 -15.98 -32.20 26.09
CA ILE C 162 -16.26 -33.02 24.93
C ILE C 162 -16.66 -34.42 25.37
N ARG C 163 -17.72 -34.95 24.77
CA ARG C 163 -18.20 -36.30 25.01
C ARG C 163 -18.38 -37.13 23.75
N LYS C 164 -18.40 -36.51 22.57
CA LYS C 164 -18.64 -37.23 21.32
C LYS C 164 -18.35 -36.31 20.13
N GLY C 165 -17.39 -36.70 19.30
CA GLY C 165 -17.08 -35.97 18.09
C GLY C 165 -15.60 -35.92 17.78
N PRO C 166 -15.24 -35.31 16.65
CA PRO C 166 -13.81 -35.19 16.31
C PRO C 166 -13.02 -34.26 17.22
N ALA C 167 -13.67 -33.48 18.07
CA ALA C 167 -12.99 -32.54 18.95
C ALA C 167 -12.08 -33.31 19.92
N PRO C 168 -10.74 -33.08 19.91
CA PRO C 168 -9.89 -33.83 20.85
C PRO C 168 -10.09 -33.42 22.31
N GLU C 169 -9.98 -32.13 22.60
CA GLU C 169 -9.92 -31.62 23.96
C GLU C 169 -11.18 -30.86 24.33
N ASN C 170 -11.27 -30.49 25.61
CA ASN C 170 -12.36 -29.68 26.10
C ASN C 170 -12.17 -28.22 25.67
N LEU C 171 -13.24 -27.44 25.79
CA LEU C 171 -13.17 -26.03 25.46
C LEU C 171 -12.30 -25.31 26.50
N PRO C 172 -11.27 -24.56 26.10
CA PRO C 172 -10.45 -23.87 27.11
C PRO C 172 -11.23 -22.79 27.84
N ILE C 173 -10.81 -22.52 29.06
CA ILE C 173 -11.40 -21.49 29.92
C ILE C 173 -10.41 -20.32 29.98
N PRO C 174 -10.82 -19.08 29.70
CA PRO C 174 -9.87 -17.96 29.78
C PRO C 174 -9.58 -17.59 31.23
N LEU C 175 -8.66 -16.63 31.38
CA LEU C 175 -8.38 -16.03 32.69
C LEU C 175 -9.52 -15.07 33.04
N ALA C 176 -10.43 -15.53 33.91
CA ALA C 176 -11.60 -14.76 34.30
C ALA C 176 -11.71 -14.71 35.82
N LYS C 177 -12.29 -13.63 36.31
CA LYS C 177 -12.52 -13.46 37.73
C LYS C 177 -13.57 -12.38 37.94
N PHE C 178 -14.23 -12.43 39.10
CA PHE C 178 -15.24 -11.45 39.47
C PHE C 178 -14.56 -10.28 40.16
N ILE C 179 -14.54 -9.12 39.50
CA ILE C 179 -13.98 -7.92 40.12
C ILE C 179 -14.93 -7.35 41.16
N ASP C 180 -16.24 -7.52 40.97
CA ASP C 180 -17.23 -7.09 41.94
C ASP C 180 -18.43 -8.04 41.85
N GLU C 181 -19.54 -7.65 42.49
CA GLU C 181 -20.69 -8.55 42.60
C GLU C 181 -21.39 -8.79 41.26
N THR C 182 -21.19 -7.92 40.27
CA THR C 182 -21.95 -8.00 39.02
C THR C 182 -21.09 -7.56 37.83
N THR C 183 -19.81 -7.92 37.85
CA THR C 183 -18.92 -7.62 36.72
C THR C 183 -17.80 -8.65 36.69
N ILE C 184 -17.50 -9.16 35.50
CA ILE C 184 -16.45 -10.13 35.27
C ILE C 184 -15.40 -9.50 34.37
N GLN C 185 -14.13 -9.68 34.73
CA GLN C 185 -12.99 -9.14 33.98
C GLN C 185 -12.33 -10.32 33.26
N LEU C 186 -12.56 -10.40 31.95
CA LEU C 186 -11.94 -11.43 31.13
C LEU C 186 -10.53 -10.99 30.72
N GLY C 187 -9.56 -11.84 30.99
CA GLY C 187 -8.18 -11.55 30.65
C GLY C 187 -7.54 -10.54 31.59
N GLY D 3 38.94 -11.82 -13.57
CA GLY D 3 40.35 -11.53 -13.78
C GLY D 3 40.93 -12.20 -15.00
N ILE D 4 40.12 -12.29 -16.05
CA ILE D 4 40.52 -12.94 -17.30
C ILE D 4 41.14 -11.88 -18.20
N PRO D 5 42.22 -12.17 -18.96
CA PRO D 5 42.73 -11.16 -19.91
C PRO D 5 41.76 -10.88 -21.05
N HIS D 6 41.19 -9.67 -21.05
CA HIS D 6 40.39 -9.17 -22.16
C HIS D 6 40.98 -7.83 -22.61
N ASP D 7 40.25 -7.13 -23.49
CA ASP D 7 40.69 -5.86 -24.06
C ASP D 7 39.80 -4.74 -23.56
N HIS D 8 40.44 -3.65 -23.13
CA HIS D 8 39.73 -2.51 -22.59
C HIS D 8 38.80 -1.87 -23.63
N TYR D 9 37.88 -1.04 -23.13
CA TYR D 9 36.97 -0.29 -23.99
C TYR D 9 37.63 0.99 -24.47
N GLU D 10 37.47 1.28 -25.76
CA GLU D 10 38.03 2.48 -26.40
C GLU D 10 36.89 3.38 -26.84
N PRO D 11 36.82 4.65 -26.43
CA PRO D 11 35.76 5.52 -26.97
C PRO D 11 35.92 5.73 -28.47
N ARG D 12 34.81 5.56 -29.19
CA ARG D 12 34.82 5.57 -30.66
C ARG D 12 34.44 6.94 -31.20
N THR D 13 33.14 7.26 -31.17
CA THR D 13 32.65 8.50 -31.75
C THR D 13 32.99 9.68 -30.85
N GLY D 14 32.52 10.87 -31.24
CA GLY D 14 32.78 12.06 -30.46
C GLY D 14 31.94 12.11 -29.19
N ILE D 15 30.68 11.64 -29.27
CA ILE D 15 29.82 11.59 -28.10
C ILE D 15 30.38 10.63 -27.06
N GLU D 16 31.08 9.59 -27.48
CA GLU D 16 31.63 8.63 -26.53
C GLU D 16 32.85 9.18 -25.81
N LYS D 17 33.69 9.94 -26.52
CA LYS D 17 34.82 10.59 -25.85
C LYS D 17 34.32 11.68 -24.90
N TRP D 18 33.26 12.39 -25.30
CA TRP D 18 32.68 13.41 -24.42
C TRP D 18 32.09 12.81 -23.16
N LEU D 19 31.57 11.59 -23.23
CA LEU D 19 30.92 10.94 -22.10
C LEU D 19 31.89 10.15 -21.24
N HIS D 20 32.85 9.47 -21.86
CA HIS D 20 33.78 8.63 -21.11
C HIS D 20 34.70 9.44 -20.21
N SER D 21 34.99 10.68 -20.58
CA SER D 21 35.86 11.55 -19.78
C SER D 21 35.13 12.22 -18.62
N ARG D 22 33.86 11.88 -18.37
CA ARG D 22 33.08 12.45 -17.28
C ARG D 22 32.47 11.35 -16.42
N LEU D 23 31.80 10.39 -17.07
CA LEU D 23 31.18 9.25 -16.38
C LEU D 23 31.39 8.03 -17.27
N PRO D 24 32.33 7.13 -16.95
CA PRO D 24 32.55 5.97 -17.82
C PRO D 24 31.49 4.88 -17.63
N ILE D 25 30.24 5.21 -17.97
CA ILE D 25 29.16 4.23 -17.89
C ILE D 25 29.11 3.37 -19.14
N VAL D 26 29.50 3.91 -20.29
CA VAL D 26 29.59 3.10 -21.51
C VAL D 26 30.75 2.12 -21.41
N ALA D 27 31.76 2.43 -20.60
CA ALA D 27 32.86 1.48 -20.40
C ALA D 27 32.44 0.34 -19.49
N LEU D 28 31.77 0.65 -18.38
CA LEU D 28 31.29 -0.40 -17.49
C LEU D 28 30.26 -1.29 -18.18
N ALA D 29 29.54 -0.75 -19.17
CA ALA D 29 28.58 -1.56 -19.92
C ALA D 29 29.26 -2.42 -20.96
N TYR D 30 30.40 -1.97 -21.51
CA TYR D 30 31.11 -2.75 -22.52
C TYR D 30 31.90 -3.88 -21.88
N ASP D 31 32.69 -3.57 -20.85
CA ASP D 31 33.49 -4.59 -20.18
C ASP D 31 32.60 -5.64 -19.52
N THR D 32 31.41 -5.26 -19.07
CA THR D 32 30.50 -6.23 -18.45
C THR D 32 29.91 -7.16 -19.50
N ILE D 33 29.38 -6.59 -20.60
CA ILE D 33 28.71 -7.40 -21.62
C ILE D 33 29.68 -8.09 -22.56
N MET D 34 31.00 -7.89 -22.38
CA MET D 34 32.03 -8.54 -23.20
C MET D 34 32.97 -9.38 -22.34
N ILE D 35 32.49 -9.88 -21.20
CA ILE D 35 33.36 -10.68 -20.32
C ILE D 35 33.68 -11.99 -21.03
N PRO D 36 34.93 -12.52 -20.93
CA PRO D 36 35.17 -13.85 -21.51
C PRO D 36 34.45 -14.94 -20.73
N THR D 37 33.47 -15.58 -21.38
CA THR D 37 32.69 -16.67 -20.80
C THR D 37 33.13 -18.00 -21.39
N PRO D 38 33.26 -19.08 -20.60
CA PRO D 38 33.60 -20.38 -21.19
C PRO D 38 32.61 -20.79 -22.27
N ARG D 39 33.13 -21.42 -23.33
CA ARG D 39 32.34 -21.77 -24.50
C ARG D 39 31.72 -23.17 -24.43
N ASN D 40 31.85 -23.86 -23.29
CA ASN D 40 31.31 -25.21 -23.12
C ASN D 40 30.08 -25.22 -22.21
N LEU D 41 29.46 -24.07 -21.96
CA LEU D 41 28.32 -24.02 -21.07
C LEU D 41 27.12 -24.72 -21.70
N ASN D 42 26.50 -25.61 -20.94
CA ASN D 42 25.32 -26.34 -21.37
C ASN D 42 24.08 -25.53 -21.03
N TRP D 43 22.89 -26.12 -21.24
CA TRP D 43 21.64 -25.39 -21.08
C TRP D 43 21.32 -25.07 -19.63
N MET D 44 22.07 -25.59 -18.66
CA MET D 44 21.81 -25.30 -17.25
C MET D 44 22.37 -23.94 -16.81
N TRP D 45 23.01 -23.18 -17.70
CA TRP D 45 23.48 -21.84 -17.39
C TRP D 45 22.52 -20.76 -17.86
N ILE D 46 21.31 -21.13 -18.28
CA ILE D 46 20.30 -20.14 -18.67
C ILE D 46 19.49 -19.63 -17.49
N TRP D 47 19.42 -20.40 -16.40
CA TRP D 47 18.47 -20.09 -15.34
C TRP D 47 18.82 -18.82 -14.60
N GLY D 48 20.08 -18.40 -14.62
CA GLY D 48 20.42 -17.09 -14.09
C GLY D 48 19.69 -15.97 -14.80
N VAL D 49 19.59 -16.07 -16.13
CA VAL D 49 18.89 -15.05 -16.91
C VAL D 49 17.39 -15.17 -16.74
N VAL D 50 16.88 -16.40 -16.57
CA VAL D 50 15.45 -16.57 -16.35
C VAL D 50 15.05 -15.98 -15.01
N LEU D 51 15.91 -16.11 -14.00
CA LEU D 51 15.67 -15.44 -12.73
C LEU D 51 15.70 -13.93 -12.88
N ALA D 52 16.55 -13.41 -13.77
CA ALA D 52 16.58 -11.96 -14.00
C ALA D 52 15.27 -11.48 -14.60
N PHE D 53 14.76 -12.18 -15.62
CA PHE D 53 13.48 -11.80 -16.19
C PHE D 53 12.35 -11.90 -15.17
N CYS D 54 12.38 -12.94 -14.33
CA CYS D 54 11.33 -13.13 -13.34
C CYS D 54 11.29 -11.95 -12.37
N LEU D 55 12.45 -11.50 -11.89
CA LEU D 55 12.47 -10.41 -10.93
C LEU D 55 11.89 -9.13 -11.53
N VAL D 56 12.09 -8.91 -12.82
CA VAL D 56 11.49 -7.74 -13.48
C VAL D 56 9.99 -7.93 -13.63
N LEU D 57 9.54 -9.13 -13.99
CA LEU D 57 8.11 -9.39 -14.15
C LEU D 57 7.37 -9.18 -12.84
N GLN D 58 7.92 -9.68 -11.73
CA GLN D 58 7.23 -9.56 -10.46
C GLN D 58 7.19 -8.10 -9.98
N ILE D 59 8.23 -7.32 -10.28
CA ILE D 59 8.24 -5.92 -9.87
C ILE D 59 7.29 -5.11 -10.74
N VAL D 60 7.33 -5.34 -12.06
CA VAL D 60 6.49 -4.58 -12.98
C VAL D 60 5.01 -4.86 -12.70
N THR D 61 4.62 -6.14 -12.79
CA THR D 61 3.23 -6.49 -12.47
C THR D 61 2.92 -6.24 -11.01
N GLY D 62 3.92 -6.33 -10.14
CA GLY D 62 3.70 -6.02 -8.73
C GLY D 62 3.28 -4.58 -8.52
N ILE D 63 4.01 -3.65 -9.15
CA ILE D 63 3.69 -2.23 -9.02
C ILE D 63 2.31 -1.93 -9.58
N VAL D 64 1.96 -2.58 -10.70
CA VAL D 64 0.66 -2.36 -11.32
C VAL D 64 -0.46 -2.84 -10.40
N LEU D 65 -0.32 -4.04 -9.84
CA LEU D 65 -1.35 -4.58 -8.96
C LEU D 65 -1.49 -3.75 -7.69
N ALA D 66 -0.43 -3.08 -7.26
CA ALA D 66 -0.51 -2.23 -6.09
C ALA D 66 -1.28 -0.95 -6.35
N MET D 67 -1.42 -0.54 -7.61
CA MET D 67 -2.23 0.62 -7.95
C MET D 67 -3.72 0.38 -7.82
N HIS D 68 -4.14 -0.87 -7.56
CA HIS D 68 -5.55 -1.23 -7.48
C HIS D 68 -5.90 -2.11 -6.28
N TYR D 69 -4.91 -2.49 -5.46
CA TYR D 69 -5.13 -3.32 -4.29
C TYR D 69 -5.25 -2.44 -3.05
N THR D 70 -6.08 -2.88 -2.10
CA THR D 70 -6.30 -2.17 -0.85
C THR D 70 -5.84 -3.04 0.32
N PRO D 71 -4.70 -2.75 1.01
CA PRO D 71 -4.33 -3.65 2.12
C PRO D 71 -5.15 -3.34 3.38
N HIS D 72 -6.35 -3.91 3.38
CA HIS D 72 -7.25 -3.85 4.53
C HIS D 72 -8.11 -5.10 4.49
N VAL D 73 -8.40 -5.65 5.66
CA VAL D 73 -9.13 -6.92 5.74
C VAL D 73 -10.50 -6.81 5.08
N ASP D 74 -11.18 -5.67 5.26
CA ASP D 74 -12.52 -5.51 4.71
C ASP D 74 -12.53 -5.32 3.20
N LEU D 75 -11.38 -4.95 2.61
CA LEU D 75 -11.30 -4.57 1.20
C LEU D 75 -10.27 -5.34 0.40
N ALA D 76 -9.35 -6.07 1.05
CA ALA D 76 -8.27 -6.73 0.33
C ALA D 76 -8.80 -7.76 -0.66
N PHE D 77 -9.63 -8.69 -0.19
CA PHE D 77 -10.17 -9.73 -1.07
C PHE D 77 -10.98 -9.13 -2.20
N ALA D 78 -11.73 -8.06 -1.92
CA ALA D 78 -12.58 -7.46 -2.94
C ALA D 78 -11.77 -6.68 -3.96
N SER D 79 -10.73 -5.97 -3.50
CA SER D 79 -9.89 -5.22 -4.42
C SER D 79 -9.17 -6.14 -5.40
N VAL D 80 -8.87 -7.36 -4.99
CA VAL D 80 -8.22 -8.30 -5.89
C VAL D 80 -9.22 -8.84 -6.92
N GLU D 81 -10.48 -9.04 -6.52
CA GLU D 81 -11.49 -9.42 -7.49
C GLU D 81 -11.92 -8.22 -8.34
N HIS D 82 -11.79 -7.01 -7.80
CA HIS D 82 -11.94 -5.82 -8.63
C HIS D 82 -10.90 -5.82 -9.75
N ILE D 83 -9.68 -6.23 -9.44
CA ILE D 83 -8.63 -6.31 -10.44
C ILE D 83 -8.96 -7.38 -11.48
N MET D 84 -9.47 -8.52 -11.03
CA MET D 84 -9.81 -9.61 -11.94
C MET D 84 -10.93 -9.20 -12.89
N ARG D 85 -11.90 -8.44 -12.40
CA ARG D 85 -13.18 -8.24 -13.10
C ARG D 85 -13.28 -6.92 -13.85
N ASN D 86 -12.61 -5.87 -13.39
CA ASN D 86 -12.83 -4.51 -13.87
C ASN D 86 -11.58 -3.85 -14.44
N VAL D 87 -10.42 -4.01 -13.80
CA VAL D 87 -9.21 -3.37 -14.29
C VAL D 87 -8.83 -3.93 -15.65
N ASN D 88 -8.44 -3.04 -16.56
CA ASN D 88 -8.08 -3.44 -17.92
C ASN D 88 -6.92 -4.43 -17.90
N GLY D 89 -7.19 -5.65 -18.37
CA GLY D 89 -6.17 -6.70 -18.36
C GLY D 89 -5.72 -7.12 -16.99
N GLY D 90 -6.48 -6.74 -15.94
CA GLY D 90 -6.08 -7.08 -14.59
C GLY D 90 -6.08 -8.57 -14.33
N PHE D 91 -6.92 -9.32 -15.04
CA PHE D 91 -6.94 -10.76 -14.87
C PHE D 91 -5.64 -11.40 -15.35
N MET D 92 -5.08 -10.87 -16.45
CA MET D 92 -3.81 -11.40 -16.94
C MET D 92 -2.65 -10.97 -16.06
N LEU D 93 -2.71 -9.75 -15.53
CA LEU D 93 -1.59 -9.25 -14.72
C LEU D 93 -1.50 -9.99 -13.39
N ARG D 94 -2.62 -10.37 -12.79
CA ARG D 94 -2.55 -11.15 -11.56
C ARG D 94 -1.94 -12.52 -11.81
N TYR D 95 -2.47 -13.26 -12.79
CA TYR D 95 -1.94 -14.60 -13.07
C TYR D 95 -0.47 -14.55 -13.47
N LEU D 96 -0.05 -13.49 -14.15
CA LEU D 96 1.38 -13.30 -14.41
C LEU D 96 2.14 -13.10 -13.11
N HIS D 97 1.56 -12.36 -12.16
CA HIS D 97 2.24 -12.16 -10.89
C HIS D 97 2.21 -13.43 -10.04
N ALA D 98 1.12 -14.19 -10.11
CA ALA D 98 0.98 -15.39 -9.27
C ALA D 98 1.79 -16.55 -9.84
N ASN D 99 1.51 -16.94 -11.08
CA ASN D 99 2.33 -17.97 -11.72
C ASN D 99 3.77 -17.53 -11.86
N GLY D 100 4.01 -16.22 -11.99
CA GLY D 100 5.37 -15.73 -12.10
C GLY D 100 6.22 -16.08 -10.89
N ALA D 101 5.62 -16.10 -9.71
CA ALA D 101 6.34 -16.55 -8.52
C ALA D 101 6.71 -18.03 -8.63
N SER D 102 5.82 -18.83 -9.21
CA SER D 102 6.16 -20.24 -9.42
C SER D 102 7.26 -20.38 -10.46
N LEU D 103 7.16 -19.63 -11.56
CA LEU D 103 8.26 -19.60 -12.52
C LEU D 103 9.53 -19.06 -11.86
N PHE D 104 9.38 -18.09 -10.96
CA PHE D 104 10.53 -17.52 -10.28
C PHE D 104 11.17 -18.54 -9.33
N PHE D 105 10.37 -19.45 -8.77
CA PHE D 105 10.87 -20.41 -7.79
C PHE D 105 11.29 -21.73 -8.39
N ILE D 106 10.71 -22.16 -9.52
CA ILE D 106 11.27 -23.32 -10.21
C ILE D 106 12.62 -22.97 -10.81
N ALA D 107 12.87 -21.68 -11.09
CA ALA D 107 14.14 -21.30 -11.68
C ALA D 107 15.27 -21.42 -10.67
N VAL D 108 15.06 -20.97 -9.42
CA VAL D 108 16.14 -21.02 -8.43
C VAL D 108 16.53 -22.47 -8.14
N TYR D 109 15.55 -23.37 -8.12
CA TYR D 109 15.85 -24.76 -7.77
C TYR D 109 16.68 -25.42 -8.86
N LEU D 110 16.41 -25.09 -10.13
CA LEU D 110 17.31 -25.54 -11.19
C LEU D 110 18.62 -24.76 -11.17
N HIS D 111 18.54 -23.46 -10.86
CA HIS D 111 19.74 -22.65 -10.66
C HIS D 111 20.59 -23.21 -9.52
N ILE D 112 19.94 -23.69 -8.46
CA ILE D 112 20.66 -24.16 -7.28
C ILE D 112 21.22 -25.56 -7.50
N PHE D 113 20.39 -26.50 -7.97
CA PHE D 113 20.85 -27.86 -8.20
C PHE D 113 21.89 -27.93 -9.29
N ARG D 114 21.90 -26.97 -10.21
CA ARG D 114 23.07 -26.76 -11.06
C ARG D 114 24.30 -26.49 -10.22
N GLY D 115 24.22 -25.53 -9.31
CA GLY D 115 25.37 -25.15 -8.51
C GLY D 115 25.85 -26.26 -7.59
N LEU D 116 24.95 -27.17 -7.20
CA LEU D 116 25.34 -28.27 -6.34
C LEU D 116 26.07 -29.36 -7.12
N TYR D 117 25.64 -29.61 -8.36
CA TYR D 117 26.28 -30.63 -9.19
C TYR D 117 27.68 -30.20 -9.60
N TYR D 118 27.78 -29.05 -10.25
CA TYR D 118 29.03 -28.59 -10.85
C TYR D 118 29.97 -27.90 -9.86
N GLY D 119 29.67 -27.94 -8.57
CA GLY D 119 30.58 -27.37 -7.58
C GLY D 119 30.82 -25.89 -7.75
N SER D 120 29.82 -25.14 -8.22
CA SER D 120 29.94 -23.69 -8.31
C SER D 120 29.91 -23.03 -6.94
N TYR D 121 29.63 -23.77 -5.87
CA TYR D 121 29.70 -23.24 -4.52
C TYR D 121 31.11 -23.28 -3.94
N LYS D 122 31.95 -24.20 -4.40
CA LYS D 122 33.31 -24.30 -3.90
C LYS D 122 34.15 -23.14 -4.40
N ALA D 123 35.27 -22.92 -3.70
CA ALA D 123 36.15 -21.76 -3.89
C ALA D 123 36.57 -21.62 -5.35
N PRO D 124 36.80 -20.39 -5.85
CA PRO D 124 36.77 -19.08 -5.18
C PRO D 124 35.37 -18.44 -5.10
N ARG D 125 34.33 -19.23 -5.28
CA ARG D 125 32.96 -18.72 -5.42
C ARG D 125 32.15 -18.85 -4.14
N GLU D 126 32.75 -18.66 -2.98
CA GLU D 126 31.99 -18.71 -1.74
C GLU D 126 31.09 -17.48 -1.61
N VAL D 127 31.59 -16.31 -1.99
CA VAL D 127 30.82 -15.07 -1.81
C VAL D 127 29.62 -15.05 -2.76
N THR D 128 29.78 -15.61 -3.96
CA THR D 128 28.64 -15.74 -4.87
C THR D 128 27.55 -16.61 -4.26
N TRP D 129 27.95 -17.65 -3.52
CA TRP D 129 26.98 -18.54 -2.91
C TRP D 129 26.23 -17.86 -1.78
N ILE D 130 26.96 -17.19 -0.88
CA ILE D 130 26.33 -16.55 0.27
C ILE D 130 25.38 -15.44 -0.20
N VAL D 131 25.81 -14.66 -1.19
CA VAL D 131 24.91 -13.69 -1.80
C VAL D 131 23.72 -14.38 -2.43
N GLY D 132 23.94 -15.57 -2.99
CA GLY D 132 22.83 -16.36 -3.52
C GLY D 132 21.87 -16.77 -2.43
N MET D 133 22.38 -17.23 -1.29
CA MET D 133 21.50 -17.71 -0.23
C MET D 133 20.66 -16.58 0.35
N LEU D 134 21.24 -15.39 0.50
CA LEU D 134 20.46 -14.27 1.02
C LEU D 134 19.33 -13.91 0.08
N ILE D 135 19.59 -13.94 -1.24
CA ILE D 135 18.54 -13.75 -2.23
C ILE D 135 17.45 -14.81 -2.04
N TYR D 136 17.84 -16.03 -1.71
CA TYR D 136 16.86 -17.09 -1.53
C TYR D 136 15.94 -16.80 -0.35
N LEU D 137 16.49 -16.23 0.73
CA LEU D 137 15.66 -15.93 1.89
C LEU D 137 14.70 -14.78 1.60
N ALA D 138 15.20 -13.71 0.96
CA ALA D 138 14.34 -12.59 0.63
C ALA D 138 13.24 -13.03 -0.32
N MET D 139 13.55 -13.96 -1.23
CA MET D 139 12.53 -14.49 -2.14
C MET D 139 11.42 -15.19 -1.36
N MET D 140 11.79 -16.11 -0.46
CA MET D 140 10.79 -16.86 0.27
C MET D 140 10.01 -15.96 1.22
N ALA D 141 10.70 -15.08 1.94
CA ALA D 141 10.00 -14.14 2.81
C ALA D 141 9.10 -13.22 1.98
N THR D 142 9.54 -12.85 0.79
CA THR D 142 8.72 -12.02 -0.09
C THR D 142 7.47 -12.76 -0.55
N ALA D 143 7.64 -13.99 -1.06
CA ALA D 143 6.50 -14.73 -1.59
C ALA D 143 5.50 -15.08 -0.50
N PHE D 144 5.99 -15.41 0.70
CA PHE D 144 5.09 -15.73 1.81
C PHE D 144 4.17 -14.56 2.13
N MET D 145 4.74 -13.36 2.28
CA MET D 145 3.93 -12.19 2.59
C MET D 145 3.03 -11.81 1.43
N GLY D 146 3.43 -12.11 0.20
CA GLY D 146 2.57 -11.82 -0.94
C GLY D 146 1.30 -12.64 -0.92
N TYR D 147 1.40 -13.90 -0.49
CA TYR D 147 0.24 -14.78 -0.45
C TYR D 147 -0.80 -14.33 0.58
N VAL D 148 -0.40 -13.55 1.59
CA VAL D 148 -1.35 -13.05 2.57
C VAL D 148 -2.27 -12.00 1.97
N LEU D 149 -1.85 -11.32 0.91
CA LEU D 149 -2.50 -10.08 0.47
C LEU D 149 -3.89 -10.31 -0.13
N PRO D 150 -4.16 -11.38 -0.88
CA PRO D 150 -5.55 -11.64 -1.28
C PRO D 150 -6.48 -11.88 -0.10
N TRP D 151 -5.94 -12.34 1.04
CA TRP D 151 -6.71 -12.49 2.27
C TRP D 151 -7.85 -13.49 2.12
N GLY D 152 -7.57 -14.59 1.45
CA GLY D 152 -8.45 -15.74 1.42
C GLY D 152 -8.23 -16.64 2.62
N GLN D 153 -8.78 -17.86 2.52
CA GLN D 153 -8.62 -18.82 3.60
C GLN D 153 -7.15 -19.23 3.76
N MET D 154 -6.53 -19.66 2.66
CA MET D 154 -5.12 -20.05 2.74
C MET D 154 -4.24 -18.88 3.13
N SER D 155 -4.60 -17.68 2.70
CA SER D 155 -3.87 -16.49 3.11
C SER D 155 -3.88 -16.35 4.63
N PHE D 156 -5.05 -16.43 5.25
CA PHE D 156 -5.16 -16.21 6.67
C PHE D 156 -4.54 -17.35 7.46
N TRP D 157 -4.89 -18.59 7.10
CA TRP D 157 -4.48 -19.74 7.90
C TRP D 157 -3.03 -20.13 7.63
N GLY D 158 -2.55 -19.91 6.41
CA GLY D 158 -1.12 -20.04 6.15
C GLY D 158 -0.30 -19.10 7.01
N ALA D 159 -0.76 -17.85 7.14
CA ALA D 159 -0.08 -16.90 8.01
C ALA D 159 -0.25 -17.26 9.47
N THR D 160 -1.34 -17.95 9.82
CA THR D 160 -1.59 -18.29 11.22
C THR D 160 -0.68 -19.41 11.69
N VAL D 161 -0.35 -20.35 10.81
CA VAL D 161 0.54 -21.46 11.17
C VAL D 161 1.98 -20.95 11.28
N ILE D 162 2.42 -20.20 10.29
CA ILE D 162 3.84 -19.81 10.22
C ILE D 162 4.18 -18.81 11.29
N THR D 163 3.28 -17.86 11.58
CA THR D 163 3.53 -16.92 12.66
C THR D 163 3.54 -17.63 14.01
N GLY D 164 2.83 -18.75 14.12
CA GLY D 164 2.83 -19.52 15.35
C GLY D 164 4.14 -20.24 15.62
N LEU D 165 4.92 -20.53 14.58
CA LEU D 165 6.21 -21.16 14.75
C LEU D 165 7.16 -20.26 15.54
N PHE D 166 7.00 -18.94 15.43
CA PHE D 166 7.83 -18.02 16.20
C PHE D 166 7.48 -18.08 17.69
N GLY D 167 6.26 -18.47 18.03
CA GLY D 167 5.90 -18.68 19.42
C GLY D 167 6.60 -19.86 20.06
N ALA D 168 7.09 -20.81 19.26
CA ALA D 168 7.75 -22.00 19.77
C ALA D 168 9.20 -21.76 20.19
N ILE D 169 9.74 -20.57 19.93
CA ILE D 169 11.11 -20.28 20.41
C ILE D 169 11.10 -20.27 21.93
N PRO D 170 12.12 -20.81 22.62
CA PRO D 170 12.07 -20.80 24.09
C PRO D 170 12.14 -19.39 24.65
N GLY D 171 11.22 -19.09 25.56
CA GLY D 171 11.24 -17.82 26.28
C GLY D 171 10.76 -16.64 25.46
N ILE D 172 11.59 -16.19 24.52
CA ILE D 172 11.30 -14.99 23.73
C ILE D 172 10.31 -15.23 22.60
N GLY D 173 9.76 -16.44 22.48
CA GLY D 173 8.94 -16.76 21.31
C GLY D 173 7.66 -15.94 21.25
N HIS D 174 7.05 -15.68 22.40
CA HIS D 174 5.78 -14.95 22.39
C HIS D 174 5.98 -13.49 22.00
N SER D 175 7.10 -12.89 22.41
CA SER D 175 7.34 -11.48 22.07
C SER D 175 7.58 -11.32 20.58
N ILE D 176 8.30 -12.24 19.96
CA ILE D 176 8.55 -12.13 18.53
C ILE D 176 7.26 -12.34 17.74
N GLN D 177 6.40 -13.25 18.20
CA GLN D 177 5.12 -13.47 17.53
C GLN D 177 4.22 -12.25 17.68
N THR D 178 4.13 -11.71 18.90
CA THR D 178 3.34 -10.49 19.11
C THR D 178 3.91 -9.35 18.30
N TRP D 179 5.23 -9.22 18.27
CA TRP D 179 5.88 -8.17 17.46
C TRP D 179 5.58 -8.37 15.98
N LEU D 180 5.71 -9.60 15.48
CA LEU D 180 5.37 -9.88 14.10
C LEU D 180 3.91 -9.57 13.82
N LEU D 181 3.00 -10.21 14.55
CA LEU D 181 1.58 -10.08 14.26
C LEU D 181 1.07 -8.67 14.53
N GLY D 182 1.69 -7.96 15.47
CA GLY D 182 1.13 -6.71 15.92
C GLY D 182 -0.13 -6.87 16.74
N GLY D 183 -0.32 -8.02 17.37
CA GLY D 183 -1.50 -8.29 18.15
C GLY D 183 -1.57 -9.73 18.60
N PRO D 184 -2.65 -10.10 19.29
CA PRO D 184 -2.77 -11.50 19.76
C PRO D 184 -2.88 -12.52 18.65
N ALA D 185 -3.25 -12.12 17.43
CA ALA D 185 -3.42 -13.08 16.35
C ALA D 185 -3.30 -12.35 15.02
N VAL D 186 -3.26 -13.14 13.94
CA VAL D 186 -3.25 -12.59 12.59
C VAL D 186 -4.50 -11.75 12.39
N ASP D 187 -4.32 -10.47 12.05
CA ASP D 187 -5.43 -9.55 11.88
C ASP D 187 -5.01 -8.50 10.85
N ASN D 188 -5.64 -7.32 10.91
CA ASN D 188 -5.42 -6.31 9.89
C ASN D 188 -4.01 -5.72 9.98
N ALA D 189 -3.50 -5.53 11.20
CA ALA D 189 -2.15 -5.01 11.37
C ALA D 189 -1.11 -5.91 10.71
N THR D 190 -1.35 -7.22 10.70
CA THR D 190 -0.45 -8.13 10.01
C THR D 190 -0.52 -7.93 8.49
N LEU D 191 -1.73 -7.80 7.95
CA LEU D 191 -1.89 -7.58 6.52
C LEU D 191 -1.28 -6.24 6.11
N ASN D 192 -1.38 -5.24 6.98
CA ASN D 192 -0.91 -3.90 6.63
C ASN D 192 0.61 -3.86 6.54
N ARG D 193 1.30 -4.50 7.48
CA ARG D 193 2.76 -4.48 7.48
C ARG D 193 3.34 -5.46 6.48
N PHE D 194 2.73 -6.63 6.30
CA PHE D 194 3.20 -7.57 5.30
C PHE D 194 3.14 -6.96 3.91
N PHE D 195 2.14 -6.12 3.65
CA PHE D 195 2.07 -5.48 2.35
C PHE D 195 3.23 -4.51 2.14
N SER D 196 3.58 -3.75 3.18
CA SER D 196 4.70 -2.82 3.06
C SER D 196 6.01 -3.56 2.80
N LEU D 197 6.27 -4.60 3.59
CA LEU D 197 7.50 -5.37 3.39
C LEU D 197 7.46 -6.14 2.08
N HIS D 198 6.27 -6.48 1.57
CA HIS D 198 6.21 -7.13 0.27
C HIS D 198 6.64 -6.20 -0.84
N TYR D 199 6.46 -4.90 -0.65
CA TYR D 199 6.95 -3.91 -1.61
C TYR D 199 8.45 -3.72 -1.46
N LEU D 200 8.96 -3.75 -0.23
CA LEU D 200 10.36 -3.43 0.02
C LEU D 200 11.28 -4.52 -0.50
N LEU D 201 11.08 -5.76 -0.03
CA LEU D 201 12.05 -6.82 -0.27
C LEU D 201 12.41 -7.06 -1.74
N PRO D 202 11.50 -6.93 -2.72
CA PRO D 202 11.93 -7.06 -4.12
C PRO D 202 12.98 -6.05 -4.53
N PHE D 203 12.94 -4.84 -3.97
CA PHE D 203 14.04 -3.90 -4.23
C PHE D 203 15.31 -4.34 -3.53
N VAL D 204 15.19 -4.85 -2.31
CA VAL D 204 16.36 -5.40 -1.62
C VAL D 204 16.94 -6.56 -2.42
N ILE D 205 16.08 -7.40 -2.99
CA ILE D 205 16.55 -8.49 -3.83
C ILE D 205 17.31 -7.94 -5.04
N ALA D 206 16.82 -6.82 -5.59
CA ALA D 206 17.50 -6.23 -6.74
C ALA D 206 18.91 -5.78 -6.37
N ALA D 207 19.09 -5.24 -5.15
CA ALA D 207 20.43 -4.84 -4.72
C ALA D 207 21.32 -6.06 -4.56
N LEU D 208 20.80 -7.15 -4.01
CA LEU D 208 21.62 -8.35 -3.83
C LEU D 208 21.99 -8.96 -5.17
N VAL D 209 21.13 -8.83 -6.19
CA VAL D 209 21.48 -9.34 -7.51
C VAL D 209 22.62 -8.51 -8.11
N ALA D 210 22.70 -7.23 -7.77
CA ALA D 210 23.82 -6.41 -8.24
C ALA D 210 25.14 -6.91 -7.67
N ILE D 211 25.16 -7.25 -6.38
CA ILE D 211 26.36 -7.84 -5.80
C ILE D 211 26.56 -9.26 -6.33
N HIS D 212 25.46 -9.99 -6.52
CA HIS D 212 25.52 -11.34 -7.11
C HIS D 212 26.20 -11.32 -8.46
N ILE D 213 25.90 -10.30 -9.28
CA ILE D 213 26.50 -10.23 -10.62
C ILE D 213 27.91 -9.68 -10.53
N TRP D 214 28.19 -8.79 -9.58
CA TRP D 214 29.56 -8.36 -9.32
C TRP D 214 30.41 -9.50 -8.80
N ALA D 215 29.80 -10.52 -8.19
CA ALA D 215 30.57 -11.60 -7.58
C ALA D 215 31.16 -12.51 -8.64
N PHE D 216 30.32 -13.11 -9.49
CA PHE D 216 30.85 -14.05 -10.47
C PHE D 216 31.60 -13.35 -11.59
N HIS D 217 31.39 -12.05 -11.79
CA HIS D 217 32.21 -11.31 -12.74
C HIS D 217 33.63 -11.13 -12.23
N SER D 218 33.80 -11.08 -10.91
CA SER D 218 35.15 -10.96 -10.34
C SER D 218 35.95 -12.24 -10.57
N THR D 219 35.36 -13.39 -10.27
CA THR D 219 36.06 -14.67 -10.35
C THR D 219 35.89 -15.35 -11.71
N GLY D 220 34.79 -15.10 -12.39
CA GLY D 220 34.51 -15.72 -13.68
C GLY D 220 33.52 -16.86 -13.56
N ASN D 221 32.82 -17.13 -14.66
CA ASN D 221 31.78 -18.15 -14.68
C ASN D 221 32.38 -19.55 -14.62
N ASN D 222 31.79 -20.40 -13.79
CA ASN D 222 32.11 -21.82 -13.79
C ASN D 222 31.64 -22.46 -15.09
N ASN D 223 32.11 -23.68 -15.34
CA ASN D 223 31.77 -24.42 -16.55
C ASN D 223 31.56 -25.89 -16.20
N PRO D 224 31.04 -26.72 -17.10
CA PRO D 224 30.77 -28.12 -16.73
C PRO D 224 32.00 -28.92 -16.31
N THR D 225 33.20 -28.54 -16.74
CA THR D 225 34.39 -29.30 -16.39
C THR D 225 34.95 -28.92 -15.02
N GLY D 226 34.70 -27.69 -14.57
CA GLY D 226 35.36 -27.19 -13.39
C GLY D 226 36.78 -26.71 -13.61
N VAL D 227 37.25 -26.69 -14.85
CA VAL D 227 38.60 -26.22 -15.16
C VAL D 227 38.52 -24.72 -15.41
N GLU D 228 39.22 -23.96 -14.56
CA GLU D 228 39.19 -22.51 -14.66
C GLU D 228 39.78 -22.05 -15.98
N VAL D 229 39.40 -20.84 -16.39
CA VAL D 229 39.96 -20.24 -17.59
C VAL D 229 41.42 -19.95 -17.37
N ARG D 230 42.24 -20.20 -18.39
CA ARG D 230 43.66 -19.89 -18.31
C ARG D 230 43.87 -18.38 -18.37
N ARG D 231 44.60 -17.85 -17.38
CA ARG D 231 44.79 -16.41 -17.19
C ARG D 231 46.27 -16.04 -17.28
N THR D 232 46.99 -16.67 -18.21
CA THR D 232 48.39 -16.34 -18.46
C THR D 232 48.61 -15.51 -19.72
N SER D 233 47.66 -15.52 -20.65
CA SER D 233 47.82 -14.78 -21.89
C SER D 233 46.46 -14.59 -22.55
N LYS D 234 46.32 -13.47 -23.27
CA LYS D 234 45.09 -13.21 -24.00
C LYS D 234 44.86 -14.26 -25.08
N ALA D 235 45.94 -14.78 -25.67
CA ALA D 235 45.82 -15.80 -26.71
C ALA D 235 45.31 -17.12 -26.17
N GLU D 236 45.49 -17.39 -24.87
CA GLU D 236 44.99 -18.61 -24.26
C GLU D 236 43.52 -18.47 -23.87
N ALA D 237 43.17 -17.34 -23.26
CA ALA D 237 41.79 -17.13 -22.81
C ALA D 237 40.82 -17.15 -23.99
N GLN D 238 41.25 -16.64 -25.15
CA GLN D 238 40.38 -16.64 -26.32
C GLN D 238 40.07 -18.04 -26.82
N LYS D 239 40.91 -19.03 -26.51
CA LYS D 239 40.66 -20.41 -26.91
C LYS D 239 39.71 -21.11 -25.94
N ASP D 240 39.75 -20.75 -24.66
CA ASP D 240 38.88 -21.36 -23.66
C ASP D 240 37.50 -20.70 -23.59
N THR D 241 37.36 -19.47 -24.10
CA THR D 241 36.20 -18.65 -23.83
C THR D 241 35.74 -17.95 -25.09
N VAL D 242 34.50 -17.46 -25.04
CA VAL D 242 33.97 -16.52 -26.03
C VAL D 242 33.34 -15.37 -25.26
N PRO D 243 33.23 -14.18 -25.88
CA PRO D 243 32.61 -13.06 -25.16
C PRO D 243 31.13 -13.32 -24.91
N PHE D 244 30.61 -12.69 -23.85
CA PHE D 244 29.20 -12.81 -23.52
C PHE D 244 28.33 -12.34 -24.68
N TRP D 245 28.45 -11.05 -25.04
CA TRP D 245 27.75 -10.55 -26.21
C TRP D 245 28.52 -10.94 -27.47
N PRO D 246 27.83 -11.41 -28.53
CA PRO D 246 26.43 -11.78 -28.73
C PRO D 246 26.17 -13.27 -28.53
N TYR D 247 27.20 -14.02 -28.18
CA TYR D 247 27.13 -15.47 -28.30
C TYR D 247 26.19 -16.08 -27.26
N PHE D 248 26.38 -15.73 -25.98
CA PHE D 248 25.55 -16.28 -24.91
C PHE D 248 24.33 -15.43 -24.60
N ILE D 249 24.34 -14.14 -24.97
CA ILE D 249 23.13 -13.34 -24.84
C ILE D 249 22.03 -13.92 -25.71
N ILE D 250 22.35 -14.22 -26.98
CA ILE D 250 21.37 -14.79 -27.88
C ILE D 250 21.03 -16.21 -27.46
N LYS D 251 21.97 -16.93 -26.85
CA LYS D 251 21.67 -18.29 -26.39
C LYS D 251 20.74 -18.27 -25.19
N ASP D 252 20.92 -17.30 -24.29
CA ASP D 252 20.06 -17.20 -23.12
C ASP D 252 18.71 -16.59 -23.47
N VAL D 253 18.70 -15.54 -24.30
CA VAL D 253 17.44 -14.95 -24.72
C VAL D 253 16.65 -15.94 -25.58
N PHE D 254 17.34 -16.81 -26.31
CA PHE D 254 16.65 -17.89 -27.01
C PHE D 254 15.97 -18.82 -26.01
N ALA D 255 16.71 -19.27 -24.99
CA ALA D 255 16.14 -20.18 -24.01
C ALA D 255 15.04 -19.51 -23.20
N LEU D 256 15.12 -18.19 -23.00
CA LEU D 256 14.05 -17.50 -22.30
C LEU D 256 12.77 -17.54 -23.10
N ALA D 257 12.85 -17.35 -24.43
CA ALA D 257 11.67 -17.39 -25.28
C ALA D 257 10.99 -18.74 -25.21
N VAL D 258 11.77 -19.81 -25.13
CA VAL D 258 11.19 -21.15 -25.00
C VAL D 258 10.51 -21.30 -23.65
N VAL D 259 11.14 -20.77 -22.59
CA VAL D 259 10.55 -20.87 -21.25
C VAL D 259 9.25 -20.08 -21.19
N LEU D 260 9.24 -18.86 -21.74
CA LEU D 260 8.02 -18.06 -21.70
C LEU D 260 6.92 -18.67 -22.56
N LEU D 261 7.29 -19.37 -23.64
CA LEU D 261 6.31 -20.07 -24.46
C LEU D 261 5.54 -21.10 -23.65
N VAL D 262 6.18 -21.68 -22.64
CA VAL D 262 5.48 -22.59 -21.73
C VAL D 262 4.72 -21.80 -20.67
N PHE D 263 5.37 -20.78 -20.09
CA PHE D 263 4.76 -20.05 -18.98
C PHE D 263 3.49 -19.33 -19.42
N PHE D 264 3.49 -18.73 -20.60
CA PHE D 264 2.30 -18.03 -21.06
C PHE D 264 1.18 -19.00 -21.41
N ALA D 265 1.53 -20.21 -21.88
CA ALA D 265 0.51 -21.22 -22.11
C ALA D 265 -0.15 -21.65 -20.81
N ILE D 266 0.65 -21.71 -19.72
CA ILE D 266 0.07 -22.00 -18.41
C ILE D 266 -0.85 -20.88 -17.97
N VAL D 267 -0.35 -19.65 -17.99
CA VAL D 267 -1.16 -18.49 -17.59
C VAL D 267 -2.37 -18.34 -18.51
N GLY D 268 -2.26 -18.79 -19.76
CA GLY D 268 -3.32 -18.60 -20.71
C GLY D 268 -4.39 -19.67 -20.70
N PHE D 269 -4.10 -20.85 -20.16
CA PHE D 269 -5.01 -22.00 -20.25
C PHE D 269 -5.15 -22.81 -18.98
N MET D 270 -4.21 -22.77 -18.04
CA MET D 270 -4.35 -23.44 -16.74
C MET D 270 -3.67 -22.59 -15.68
N PRO D 271 -4.15 -21.36 -15.46
CA PRO D 271 -3.47 -20.47 -14.49
C PRO D 271 -3.74 -20.85 -13.05
N ASN D 272 -4.70 -21.74 -12.79
CA ASN D 272 -5.07 -22.15 -11.44
C ASN D 272 -4.59 -23.56 -11.09
N TYR D 273 -3.87 -24.23 -11.99
CA TYR D 273 -3.36 -25.56 -11.68
C TYR D 273 -2.39 -25.51 -10.51
N LEU D 274 -1.49 -24.51 -10.50
CA LEU D 274 -0.50 -24.36 -9.45
C LEU D 274 -1.05 -23.65 -8.21
N GLY D 275 -2.37 -23.46 -8.09
CA GLY D 275 -2.96 -22.74 -6.99
C GLY D 275 -3.85 -23.64 -6.12
N HIS D 276 -4.26 -23.07 -4.98
CA HIS D 276 -5.16 -23.74 -4.05
C HIS D 276 -6.56 -23.15 -4.24
N PRO D 277 -7.61 -23.94 -4.51
CA PRO D 277 -8.95 -23.32 -4.65
C PRO D 277 -9.44 -22.64 -3.39
N ASP D 278 -8.98 -23.06 -2.21
CA ASP D 278 -9.44 -22.46 -0.97
C ASP D 278 -9.09 -20.99 -0.85
N ASN D 279 -8.11 -20.50 -1.61
CA ASN D 279 -7.75 -19.09 -1.54
C ASN D 279 -8.72 -18.18 -2.28
N TYR D 280 -9.66 -18.75 -3.05
CA TYR D 280 -10.82 -18.02 -3.55
C TYR D 280 -11.98 -17.99 -2.55
N ILE D 281 -11.73 -18.35 -1.29
CA ILE D 281 -12.71 -18.26 -0.22
C ILE D 281 -12.19 -17.22 0.77
N GLU D 282 -13.05 -16.26 1.12
CA GLU D 282 -12.66 -15.15 1.98
C GLU D 282 -12.11 -15.66 3.32
N ALA D 283 -11.28 -14.84 3.94
CA ALA D 283 -10.65 -15.23 5.20
C ALA D 283 -11.70 -15.42 6.29
N ASN D 284 -11.76 -16.63 6.83
CA ASN D 284 -12.73 -17.01 7.85
C ASN D 284 -12.00 -17.46 9.10
N PRO D 285 -11.82 -16.60 10.11
CA PRO D 285 -11.17 -17.05 11.36
C PRO D 285 -11.95 -18.09 12.13
N LEU D 286 -13.24 -18.31 11.83
CA LEU D 286 -14.07 -19.26 12.56
C LEU D 286 -14.31 -20.54 11.77
N SER D 287 -13.43 -20.88 10.81
CA SER D 287 -13.59 -22.09 10.02
C SER D 287 -12.23 -22.44 9.43
N THR D 288 -11.54 -23.42 10.04
CA THR D 288 -10.27 -23.85 9.50
C THR D 288 -10.51 -24.75 8.28
N PRO D 289 -9.76 -24.58 7.18
CA PRO D 289 -9.90 -25.52 6.06
C PRO D 289 -9.51 -26.94 6.47
N ALA D 290 -9.91 -27.88 5.62
CA ALA D 290 -9.58 -29.28 5.88
C ALA D 290 -8.09 -29.55 5.71
N HIS D 291 -7.43 -28.80 4.83
CA HIS D 291 -6.03 -29.07 4.50
C HIS D 291 -5.33 -27.74 4.21
N ILE D 292 -4.39 -27.39 5.08
CA ILE D 292 -3.61 -26.16 4.95
C ILE D 292 -2.32 -26.53 4.20
N VAL D 293 -2.31 -26.26 2.90
CA VAL D 293 -1.22 -26.63 2.00
C VAL D 293 -0.50 -25.36 1.56
N PRO D 294 0.82 -25.22 1.75
CA PRO D 294 1.54 -24.13 1.10
C PRO D 294 1.70 -24.39 -0.39
N GLU D 295 2.13 -23.36 -1.10
CA GLU D 295 2.44 -23.51 -2.51
C GLU D 295 3.59 -24.51 -2.70
N TRP D 296 3.70 -25.03 -3.92
CA TRP D 296 4.60 -26.16 -4.17
C TRP D 296 6.05 -25.85 -3.81
N TYR D 297 6.48 -24.60 -4.01
CA TYR D 297 7.87 -24.24 -3.75
C TYR D 297 8.20 -24.15 -2.26
N PHE D 298 7.21 -24.20 -1.38
CA PHE D 298 7.43 -24.31 0.06
C PHE D 298 7.13 -25.70 0.61
N LEU D 299 6.60 -26.61 -0.21
CA LEU D 299 6.21 -27.92 0.30
C LEU D 299 7.35 -28.71 0.94
N PRO D 300 8.55 -28.80 0.35
CA PRO D 300 9.57 -29.65 0.98
C PRO D 300 9.99 -29.18 2.37
N PHE D 301 9.99 -27.88 2.64
CA PHE D 301 10.24 -27.40 3.98
C PHE D 301 9.03 -27.60 4.89
N TYR D 302 7.83 -27.68 4.32
CA TYR D 302 6.66 -27.99 5.12
C TYR D 302 6.66 -29.44 5.56
N ALA D 303 7.14 -30.34 4.69
CA ALA D 303 7.22 -31.75 5.04
C ALA D 303 8.22 -31.98 6.18
N ILE D 304 9.38 -31.31 6.10
CA ILE D 304 10.40 -31.46 7.14
C ILE D 304 9.87 -30.96 8.48
N LEU D 305 8.99 -29.95 8.46
CA LEU D 305 8.42 -29.42 9.69
C LEU D 305 7.55 -30.47 10.37
N ARG D 306 6.66 -31.12 9.60
CA ARG D 306 5.70 -32.06 10.14
C ARG D 306 6.26 -33.47 10.32
N ALA D 307 7.41 -33.78 9.72
CA ALA D 307 7.99 -35.10 9.86
C ALA D 307 8.49 -35.36 11.29
N PHE D 308 8.79 -34.31 12.04
CA PHE D 308 9.35 -34.45 13.40
C PHE D 308 8.24 -34.24 14.43
N THR D 309 7.44 -35.29 14.61
CA THR D 309 6.42 -35.30 15.65
C THR D 309 7.06 -35.59 17.00
N ALA D 310 6.25 -35.57 18.05
CA ALA D 310 6.78 -35.67 19.41
C ALA D 310 7.27 -37.07 19.76
N ASP D 311 6.85 -38.10 19.02
CA ASP D 311 7.24 -39.47 19.30
C ASP D 311 8.44 -39.94 18.47
N VAL D 312 9.02 -39.07 17.64
CA VAL D 312 10.22 -39.43 16.90
C VAL D 312 11.37 -39.60 17.88
N TRP D 313 12.20 -40.63 17.65
CA TRP D 313 13.26 -40.97 18.59
C TRP D 313 14.27 -39.84 18.73
N VAL D 314 14.65 -39.21 17.60
CA VAL D 314 15.57 -38.09 17.66
C VAL D 314 14.95 -36.92 18.41
N VAL D 315 13.64 -36.74 18.28
CA VAL D 315 12.96 -35.65 19.00
C VAL D 315 12.94 -35.94 20.50
N GLN D 316 12.66 -37.18 20.88
CA GLN D 316 12.61 -37.53 22.30
C GLN D 316 13.99 -37.40 22.95
N ILE D 317 15.05 -37.74 22.21
CA ILE D 317 16.40 -37.58 22.73
C ILE D 317 16.70 -36.10 22.97
N ALA D 318 16.28 -35.24 22.05
CA ALA D 318 16.56 -33.82 22.19
C ALA D 318 15.79 -33.22 23.36
N ASN D 319 14.51 -33.58 23.52
CA ASN D 319 13.73 -33.05 24.63
C ASN D 319 14.29 -33.50 25.98
N PHE D 320 14.86 -34.71 26.04
CA PHE D 320 15.46 -35.19 27.27
C PHE D 320 16.79 -34.48 27.55
N ILE D 321 17.64 -34.36 26.53
CA ILE D 321 18.95 -33.75 26.73
C ILE D 321 18.80 -32.28 27.09
N SER D 322 17.90 -31.58 26.42
CA SER D 322 17.73 -30.14 26.61
C SER D 322 16.86 -29.78 27.81
N PHE D 323 16.53 -30.74 28.69
CA PHE D 323 15.76 -30.48 29.90
C PHE D 323 14.39 -29.88 29.59
N GLY D 324 13.78 -30.28 28.47
CA GLY D 324 12.48 -29.80 28.09
C GLY D 324 12.45 -28.51 27.31
N ILE D 325 13.61 -27.89 27.08
CA ILE D 325 13.64 -26.64 26.31
C ILE D 325 13.20 -26.90 24.88
N ILE D 326 13.77 -27.93 24.24
CA ILE D 326 13.47 -28.24 22.84
C ILE D 326 12.30 -29.22 22.87
N ASP D 327 11.09 -28.68 22.78
CA ASP D 327 9.90 -29.50 22.63
C ASP D 327 9.76 -29.95 21.17
N ALA D 328 8.71 -30.71 20.89
CA ALA D 328 8.50 -31.24 19.55
C ALA D 328 8.28 -30.12 18.53
N LYS D 329 7.63 -29.03 18.94
CA LYS D 329 7.35 -27.95 18.01
C LYS D 329 8.62 -27.17 17.66
N PHE D 330 9.41 -26.80 18.68
CA PHE D 330 10.62 -26.04 18.42
C PHE D 330 11.66 -26.86 17.66
N PHE D 331 11.65 -28.19 17.83
CA PHE D 331 12.54 -29.03 17.04
C PHE D 331 12.20 -28.93 15.55
N GLY D 332 10.91 -28.99 15.22
CA GLY D 332 10.51 -28.86 13.83
C GLY D 332 10.90 -27.52 13.23
N VAL D 333 10.88 -26.47 14.05
CA VAL D 333 11.30 -25.14 13.58
C VAL D 333 12.79 -25.17 13.22
N LEU D 334 13.61 -25.69 14.12
CA LEU D 334 15.05 -25.79 13.85
C LEU D 334 15.32 -26.67 12.64
N ALA D 335 14.61 -27.79 12.54
CA ALA D 335 14.81 -28.69 11.41
C ALA D 335 14.36 -28.05 10.10
N MET D 336 13.39 -27.14 10.15
CA MET D 336 12.88 -26.52 8.92
C MET D 336 13.83 -25.44 8.42
N PHE D 337 14.32 -24.58 9.31
CA PHE D 337 15.34 -23.60 8.93
C PHE D 337 16.72 -24.25 8.83
N GLY D 338 16.95 -25.34 9.55
CA GLY D 338 18.23 -26.03 9.44
C GLY D 338 18.50 -26.55 8.05
N ALA D 339 17.44 -26.89 7.30
CA ALA D 339 17.62 -27.33 5.92
C ALA D 339 18.27 -26.24 5.07
N ILE D 340 17.90 -24.98 5.32
CA ILE D 340 18.53 -23.87 4.60
C ILE D 340 19.99 -23.74 5.02
N LEU D 341 20.27 -23.86 6.33
CA LEU D 341 21.61 -23.56 6.83
C LEU D 341 22.64 -24.54 6.29
N VAL D 342 22.34 -25.84 6.32
CA VAL D 342 23.27 -26.83 5.79
C VAL D 342 23.48 -26.62 4.30
N MET D 343 22.46 -26.16 3.59
CA MET D 343 22.63 -25.87 2.16
C MET D 343 23.47 -24.62 1.94
N ALA D 344 23.47 -23.69 2.89
CA ALA D 344 24.31 -22.50 2.77
C ALA D 344 25.77 -22.81 3.10
N LEU D 345 26.03 -23.78 4.00
CA LEU D 345 27.37 -24.11 4.44
C LEU D 345 28.04 -25.15 3.54
N VAL D 346 27.45 -25.48 2.40
CA VAL D 346 27.97 -26.57 1.57
C VAL D 346 29.35 -26.27 0.97
N PRO D 347 29.85 -25.02 0.87
CA PRO D 347 31.28 -24.88 0.55
C PRO D 347 32.19 -25.45 1.62
N TRP D 348 31.82 -25.33 2.89
CA TRP D 348 32.63 -25.78 4.00
C TRP D 348 32.29 -27.18 4.50
N LEU D 349 31.31 -27.85 3.88
CA LEU D 349 31.01 -29.24 4.18
C LEU D 349 31.51 -30.19 3.10
N ASP D 350 31.63 -29.72 1.85
CA ASP D 350 32.25 -30.49 0.77
C ASP D 350 33.75 -30.26 0.84
N THR D 351 34.49 -31.21 1.39
CA THR D 351 35.94 -31.13 1.54
C THR D 351 36.69 -31.68 0.33
N SER D 352 36.00 -32.16 -0.69
CA SER D 352 36.68 -32.68 -1.88
C SER D 352 37.36 -31.53 -2.62
N PRO D 353 38.63 -31.67 -3.03
CA PRO D 353 39.24 -30.62 -3.85
C PRO D 353 38.79 -30.63 -5.30
N VAL D 354 38.04 -31.64 -5.73
CA VAL D 354 37.52 -31.68 -7.10
C VAL D 354 36.37 -30.69 -7.23
N ARG D 355 36.32 -30.00 -8.37
CA ARG D 355 35.31 -28.97 -8.58
C ARG D 355 33.99 -29.59 -9.04
N SER D 356 33.89 -29.94 -10.31
CA SER D 356 32.63 -30.41 -10.87
C SER D 356 32.30 -31.82 -10.39
N GLY D 357 31.01 -32.08 -10.24
CA GLY D 357 30.53 -33.43 -9.97
C GLY D 357 30.53 -34.36 -11.16
N ARG D 358 30.84 -33.85 -12.35
CA ARG D 358 30.92 -34.71 -13.53
C ARG D 358 32.01 -35.76 -13.40
N TYR D 359 33.05 -35.48 -12.60
CA TYR D 359 34.21 -36.36 -12.44
C TYR D 359 34.32 -36.88 -11.01
N ARG D 360 33.17 -37.10 -10.35
CA ARG D 360 33.10 -37.67 -9.02
C ARG D 360 32.07 -38.79 -9.08
N PRO D 361 32.48 -40.04 -9.31
CA PRO D 361 31.47 -41.11 -9.49
C PRO D 361 30.60 -41.37 -8.29
N MET D 362 31.20 -41.47 -7.09
CA MET D 362 30.42 -41.80 -5.91
C MET D 362 29.53 -40.64 -5.48
N PHE D 363 30.04 -39.41 -5.60
CA PHE D 363 29.21 -38.23 -5.35
C PHE D 363 28.03 -38.15 -6.31
N LYS D 364 28.21 -38.61 -7.54
CA LYS D 364 27.15 -38.50 -8.54
C LYS D 364 25.92 -39.31 -8.15
N ILE D 365 26.10 -40.41 -7.43
CA ILE D 365 24.97 -41.19 -6.94
C ILE D 365 24.22 -40.41 -5.87
N TYR D 366 24.95 -39.90 -4.87
CA TYR D 366 24.30 -39.23 -3.75
C TYR D 366 23.64 -37.92 -4.18
N PHE D 367 24.16 -37.25 -5.21
CA PHE D 367 23.53 -36.06 -5.72
C PHE D 367 22.15 -36.36 -6.28
N TRP D 368 22.08 -37.29 -7.25
CA TRP D 368 20.82 -37.60 -7.89
C TRP D 368 19.81 -38.20 -6.92
N LEU D 369 20.28 -38.82 -5.83
CA LEU D 369 19.36 -39.21 -4.76
C LEU D 369 18.83 -37.98 -4.02
N LEU D 370 19.62 -36.92 -3.93
CA LEU D 370 19.11 -35.68 -3.35
C LEU D 370 18.06 -35.06 -4.25
N ALA D 371 18.28 -35.09 -5.57
CA ALA D 371 17.29 -34.55 -6.50
C ALA D 371 15.98 -35.30 -6.41
N ALA D 372 16.03 -36.63 -6.30
CA ALA D 372 14.82 -37.40 -6.06
C ALA D 372 14.26 -37.10 -4.69
N ASP D 373 15.13 -36.95 -3.68
CA ASP D 373 14.69 -36.65 -2.33
C ASP D 373 13.97 -35.31 -2.26
N PHE D 374 14.41 -34.34 -3.06
CA PHE D 374 13.73 -33.04 -3.10
C PHE D 374 12.32 -33.16 -3.65
N VAL D 375 12.15 -33.96 -4.70
CA VAL D 375 10.81 -34.17 -5.28
C VAL D 375 9.91 -34.88 -4.27
N ILE D 376 10.46 -35.86 -3.54
CA ILE D 376 9.67 -36.61 -2.59
C ILE D 376 9.23 -35.71 -1.43
N LEU D 377 10.14 -34.84 -0.95
CA LEU D 377 9.76 -33.89 0.09
C LEU D 377 8.68 -32.95 -0.41
N THR D 378 8.77 -32.53 -1.68
CA THR D 378 7.73 -31.68 -2.25
C THR D 378 6.39 -32.41 -2.35
N TRP D 379 6.42 -33.73 -2.48
CA TRP D 379 5.19 -34.49 -2.63
C TRP D 379 4.55 -34.79 -1.27
N VAL D 380 5.34 -35.28 -0.31
CA VAL D 380 4.79 -35.59 1.01
C VAL D 380 4.39 -34.35 1.79
N GLY D 381 4.86 -33.16 1.39
CA GLY D 381 4.45 -31.94 2.06
C GLY D 381 2.97 -31.69 1.99
N ALA D 382 2.32 -32.17 0.94
CA ALA D 382 0.88 -32.05 0.76
C ALA D 382 0.09 -33.24 1.31
N GLN D 383 0.76 -34.29 1.77
CA GLN D 383 0.10 -35.49 2.26
C GLN D 383 -0.21 -35.36 3.75
N GLN D 384 -1.02 -36.29 4.24
CA GLN D 384 -1.40 -36.29 5.64
C GLN D 384 -0.26 -36.80 6.51
N THR D 385 -0.40 -36.60 7.82
CA THR D 385 0.57 -37.09 8.80
C THR D 385 0.38 -38.56 9.15
N THR D 386 -0.59 -39.25 8.54
CA THR D 386 -0.86 -40.63 8.88
C THR D 386 0.18 -41.55 8.23
N PHE D 387 0.14 -42.82 8.63
CA PHE D 387 1.00 -43.83 8.02
C PHE D 387 0.61 -44.01 6.56
N PRO D 388 1.57 -44.27 5.65
CA PRO D 388 3.04 -44.34 5.75
C PRO D 388 3.76 -43.02 5.49
N TYR D 389 3.00 -41.94 5.34
CA TYR D 389 3.61 -40.67 4.96
C TYR D 389 4.45 -40.11 6.10
N ASP D 390 4.15 -40.48 7.34
CA ASP D 390 4.99 -40.07 8.46
C ASP D 390 6.39 -40.66 8.34
N TRP D 391 6.51 -41.86 7.78
CA TRP D 391 7.81 -42.49 7.60
C TRP D 391 8.51 -42.02 6.34
N ILE D 392 7.75 -41.81 5.25
CA ILE D 392 8.35 -41.36 4.00
C ILE D 392 9.03 -40.01 4.18
N SER D 393 8.37 -39.08 4.87
CA SER D 393 8.96 -37.77 5.11
C SER D 393 10.14 -37.86 6.08
N LEU D 394 10.12 -38.83 6.99
CA LEU D 394 11.18 -38.93 7.98
C LEU D 394 12.46 -39.48 7.38
N ILE D 395 12.35 -40.47 6.49
CA ILE D 395 13.52 -40.92 5.72
C ILE D 395 14.02 -39.80 4.83
N ALA D 396 13.08 -39.04 4.24
CA ALA D 396 13.47 -37.97 3.31
C ALA D 396 14.12 -36.82 4.07
N SER D 397 13.53 -36.40 5.19
CA SER D 397 14.14 -35.38 6.02
C SER D 397 15.51 -35.82 6.52
N ALA D 398 15.67 -37.12 6.79
CA ALA D 398 16.94 -37.62 7.30
C ALA D 398 18.02 -37.54 6.22
N TYR D 399 17.71 -37.96 5.00
CA TYR D 399 18.70 -37.97 3.93
C TYR D 399 19.14 -36.57 3.56
N TRP D 400 18.27 -35.57 3.75
CA TRP D 400 18.63 -34.18 3.43
C TRP D 400 19.82 -33.73 4.25
N PHE D 401 19.78 -33.94 5.57
CA PHE D 401 20.90 -33.54 6.42
C PHE D 401 22.10 -34.49 6.25
N ALA D 402 21.84 -35.76 5.93
CA ALA D 402 22.94 -36.69 5.72
C ALA D 402 23.78 -36.31 4.52
N TYR D 403 23.15 -35.74 3.48
CA TYR D 403 23.89 -35.32 2.30
C TYR D 403 24.91 -34.25 2.65
N PHE D 404 24.51 -33.24 3.41
CA PHE D 404 25.36 -32.09 3.69
C PHE D 404 26.27 -32.32 4.90
N LEU D 405 25.74 -32.90 5.98
CA LEU D 405 26.48 -32.99 7.23
C LEU D 405 27.34 -34.24 7.35
N VAL D 406 26.99 -35.33 6.67
CA VAL D 406 27.63 -36.63 6.86
C VAL D 406 28.28 -37.11 5.57
N ILE D 407 27.50 -37.20 4.49
CA ILE D 407 27.98 -37.85 3.27
C ILE D 407 29.07 -37.02 2.62
N LEU D 408 28.82 -35.73 2.43
CA LEU D 408 29.74 -34.88 1.69
C LEU D 408 31.08 -34.69 2.40
N PRO D 409 31.12 -34.47 3.72
CA PRO D 409 32.42 -34.46 4.40
C PRO D 409 33.17 -35.78 4.30
N ILE D 410 32.46 -36.90 4.47
CA ILE D 410 33.12 -38.20 4.39
C ILE D 410 33.61 -38.47 2.98
N LEU D 411 32.83 -38.08 1.98
CA LEU D 411 33.19 -38.38 0.59
C LEU D 411 34.50 -37.70 0.18
N GLY D 412 34.79 -36.53 0.74
CA GLY D 412 36.01 -35.81 0.36
C GLY D 412 37.27 -36.60 0.64
N ALA D 413 37.24 -37.47 1.64
CA ALA D 413 38.40 -38.28 2.00
C ALA D 413 38.50 -39.57 1.19
N ILE D 414 37.37 -40.22 0.89
CA ILE D 414 37.37 -41.55 0.30
C ILE D 414 37.02 -41.56 -1.18
N GLU D 415 36.64 -40.43 -1.77
CA GLU D 415 36.34 -40.38 -3.19
C GLU D 415 37.59 -40.72 -4.00
N LYS D 416 37.38 -41.45 -5.10
CA LYS D 416 38.41 -41.77 -6.08
C LYS D 416 38.07 -41.05 -7.39
N PRO D 417 38.43 -39.77 -7.56
CA PRO D 417 37.95 -39.01 -8.72
C PRO D 417 38.44 -39.52 -10.06
N VAL D 418 38.10 -38.77 -11.10
CA VAL D 418 38.52 -39.04 -12.47
C VAL D 418 39.24 -37.80 -12.99
N ALA D 419 40.24 -38.00 -13.84
CA ALA D 419 41.05 -36.92 -14.37
C ALA D 419 40.18 -35.95 -15.18
N PRO D 420 40.09 -34.67 -14.81
CA PRO D 420 39.37 -33.72 -15.66
C PRO D 420 40.18 -33.40 -16.91
N PRO D 421 39.59 -32.67 -17.87
CA PRO D 421 40.37 -32.24 -19.03
C PRO D 421 41.49 -31.29 -18.62
N ALA D 422 42.45 -31.11 -19.54
CA ALA D 422 43.55 -30.18 -19.29
C ALA D 422 43.08 -28.73 -19.38
N THR D 423 42.18 -28.44 -20.32
CA THR D 423 41.70 -27.09 -20.54
C THR D 423 40.24 -27.14 -20.98
N ILE D 424 39.61 -25.96 -21.00
CA ILE D 424 38.26 -25.86 -21.55
C ILE D 424 38.26 -26.15 -23.04
N GLU D 425 39.36 -25.82 -23.73
CA GLU D 425 39.44 -26.08 -25.17
C GLU D 425 39.29 -27.56 -25.49
N GLU D 426 39.89 -28.42 -24.66
CA GLU D 426 39.82 -29.86 -24.89
C GLU D 426 38.37 -30.35 -24.80
N ASP D 427 37.64 -29.92 -23.77
CA ASP D 427 36.28 -30.39 -23.58
C ASP D 427 35.34 -29.85 -24.64
N PHE D 428 35.59 -28.64 -25.14
CA PHE D 428 34.71 -28.07 -26.16
C PHE D 428 34.84 -28.82 -27.46
N ASN D 429 36.07 -29.18 -27.84
CA ASN D 429 36.29 -29.97 -29.05
C ASN D 429 35.95 -31.43 -28.84
N ALA D 430 36.02 -31.91 -27.60
CA ALA D 430 35.65 -33.29 -27.29
C ALA D 430 34.17 -33.53 -27.54
N HIS D 431 33.33 -32.51 -27.39
CA HIS D 431 31.90 -32.67 -27.62
C HIS D 431 31.55 -32.59 -29.10
N TYR D 432 32.22 -31.69 -29.84
CA TYR D 432 31.97 -31.52 -31.27
C TYR D 432 33.30 -31.42 -32.03
N ALA E 1 -10.06 -34.22 5.45
CA ALA E 1 -10.97 -34.47 4.30
C ALA E 1 -10.18 -34.99 3.10
N GLY E 2 -10.83 -35.09 1.96
CA GLY E 2 -10.18 -35.57 0.75
C GLY E 2 -10.98 -35.18 -0.47
N GLY E 3 -10.85 -36.02 -1.52
CA GLY E 3 -11.53 -35.79 -2.78
C GLY E 3 -12.21 -37.03 -3.32
N GLY E 4 -13.53 -36.99 -3.48
CA GLY E 4 -14.30 -38.11 -3.96
C GLY E 4 -14.51 -38.08 -5.46
N HIS E 5 -15.60 -38.68 -5.90
CA HIS E 5 -15.92 -38.82 -7.31
C HIS E 5 -16.83 -37.69 -7.78
N VAL E 6 -16.79 -37.42 -9.08
CA VAL E 6 -17.60 -36.38 -9.70
C VAL E 6 -17.94 -36.81 -11.12
N GLU E 7 -19.03 -36.25 -11.64
CA GLU E 7 -19.45 -36.52 -13.01
C GLU E 7 -18.68 -35.61 -13.97
N ASP E 8 -17.92 -36.21 -14.88
CA ASP E 8 -17.15 -35.44 -15.85
C ASP E 8 -18.08 -34.98 -16.98
N VAL E 9 -18.42 -33.68 -16.96
CA VAL E 9 -19.34 -33.12 -17.94
C VAL E 9 -18.52 -32.58 -19.12
N PRO E 10 -18.85 -32.91 -20.38
CA PRO E 10 -18.16 -32.26 -21.50
C PRO E 10 -18.59 -30.81 -21.69
N PHE E 11 -18.16 -29.93 -20.78
CA PHE E 11 -18.47 -28.51 -20.93
C PHE E 11 -17.82 -27.95 -22.18
N SER E 12 -18.49 -26.95 -22.78
CA SER E 12 -17.97 -26.34 -24.00
C SER E 12 -16.74 -25.48 -23.72
N PHE E 13 -16.70 -24.81 -22.57
CA PHE E 13 -15.59 -23.92 -22.26
C PHE E 13 -14.30 -24.65 -21.95
N GLU E 14 -14.31 -25.98 -21.84
CA GLU E 14 -13.10 -26.73 -21.54
C GLU E 14 -12.25 -26.88 -22.79
N GLY E 15 -10.94 -27.02 -22.58
CA GLY E 15 -10.00 -27.17 -23.66
C GLY E 15 -9.44 -25.83 -24.11
N PRO E 16 -8.39 -25.86 -24.93
CA PRO E 16 -7.78 -24.57 -25.36
C PRO E 16 -8.72 -23.71 -26.18
N PHE E 17 -9.43 -24.30 -27.14
CA PHE E 17 -10.37 -23.58 -27.99
C PHE E 17 -11.79 -23.53 -27.41
N GLY E 18 -11.93 -23.73 -26.10
CA GLY E 18 -13.25 -23.72 -25.49
C GLY E 18 -13.78 -22.30 -25.29
N THR E 19 -15.07 -22.13 -25.56
CA THR E 19 -15.76 -20.87 -25.39
C THR E 19 -17.12 -21.12 -24.75
N PHE E 20 -17.61 -20.15 -23.99
CA PHE E 20 -18.91 -20.28 -23.37
C PHE E 20 -20.01 -20.32 -24.43
N ASP E 21 -20.99 -21.19 -24.19
CA ASP E 21 -22.20 -21.22 -25.01
C ASP E 21 -23.15 -20.12 -24.51
N GLN E 22 -23.41 -19.14 -25.39
CA GLN E 22 -24.15 -17.95 -24.97
C GLN E 22 -25.55 -18.31 -24.47
N HIS E 23 -26.26 -19.17 -25.21
CA HIS E 23 -27.61 -19.55 -24.80
C HIS E 23 -27.60 -20.32 -23.48
N GLN E 24 -26.57 -21.13 -23.24
CA GLN E 24 -26.51 -21.89 -22.00
C GLN E 24 -26.36 -20.96 -20.79
N LEU E 25 -25.50 -19.94 -20.90
CA LEU E 25 -25.35 -19.00 -19.80
C LEU E 25 -26.65 -18.24 -19.53
N GLN E 26 -27.46 -18.01 -20.57
CA GLN E 26 -28.75 -17.38 -20.37
C GLN E 26 -29.69 -18.29 -19.59
N ARG E 27 -29.66 -19.59 -19.88
CA ARG E 27 -30.48 -20.54 -19.13
C ARG E 27 -30.03 -20.63 -17.69
N GLY E 28 -28.72 -20.73 -17.47
CA GLY E 28 -28.20 -20.78 -16.10
C GLY E 28 -28.51 -19.53 -15.31
N LEU E 29 -28.54 -18.38 -15.98
CA LEU E 29 -28.95 -17.14 -15.31
C LEU E 29 -30.39 -17.24 -14.86
N GLN E 30 -31.26 -17.80 -15.71
CA GLN E 30 -32.65 -18.00 -15.32
C GLN E 30 -32.76 -18.97 -14.16
N VAL E 31 -31.96 -20.03 -14.17
CA VAL E 31 -32.00 -21.00 -13.08
C VAL E 31 -31.45 -20.39 -11.79
N TYR E 32 -30.46 -19.50 -11.89
CA TYR E 32 -29.95 -18.82 -10.70
C TYR E 32 -31.00 -17.89 -10.12
N THR E 33 -31.63 -17.09 -10.98
CA THR E 33 -32.57 -16.07 -10.51
C THR E 33 -33.80 -16.68 -9.87
N GLU E 34 -34.20 -17.88 -10.30
CA GLU E 34 -35.46 -18.49 -9.88
C GLU E 34 -35.29 -19.57 -8.83
N VAL E 35 -34.06 -20.02 -8.55
CA VAL E 35 -33.81 -21.11 -7.63
C VAL E 35 -32.73 -20.74 -6.63
N CYS E 36 -31.48 -20.61 -7.11
CA CYS E 36 -30.35 -20.45 -6.22
C CYS E 36 -30.36 -19.12 -5.50
N ALA E 37 -30.94 -18.08 -6.12
CA ALA E 37 -30.93 -16.75 -5.53
C ALA E 37 -31.72 -16.68 -4.22
N ALA E 38 -32.64 -17.63 -3.99
CA ALA E 38 -33.44 -17.60 -2.77
C ALA E 38 -32.59 -17.70 -1.52
N CYS E 39 -31.46 -18.42 -1.59
CA CYS E 39 -30.54 -18.59 -0.48
C CYS E 39 -29.15 -18.04 -0.76
N HIS E 40 -28.65 -18.19 -1.98
CA HIS E 40 -27.27 -17.82 -2.33
C HIS E 40 -27.22 -16.44 -2.94
N GLY E 41 -26.00 -15.91 -3.00
CA GLY E 41 -25.74 -14.61 -3.61
C GLY E 41 -24.42 -14.63 -4.37
N MET E 42 -24.13 -13.50 -5.03
CA MET E 42 -22.91 -13.30 -5.80
C MET E 42 -22.39 -11.89 -5.52
N LYS E 43 -21.86 -11.69 -4.31
CA LYS E 43 -21.49 -10.35 -3.86
C LYS E 43 -20.42 -9.69 -4.72
N PHE E 44 -19.66 -10.46 -5.51
CA PHE E 44 -18.56 -9.92 -6.31
C PHE E 44 -18.91 -9.75 -7.79
N VAL E 45 -20.05 -10.25 -8.25
CA VAL E 45 -20.41 -10.18 -9.66
C VAL E 45 -21.19 -8.89 -9.89
N PRO E 46 -20.74 -7.98 -10.76
CA PRO E 46 -21.60 -6.84 -11.13
C PRO E 46 -22.71 -7.29 -12.07
N ILE E 47 -23.92 -6.76 -11.84
CA ILE E 47 -25.06 -7.13 -12.67
C ILE E 47 -24.86 -6.67 -14.11
N ARG E 48 -24.14 -5.57 -14.32
CA ARG E 48 -23.91 -5.05 -15.66
C ARG E 48 -23.15 -6.03 -16.54
N SER E 49 -22.41 -6.97 -15.96
CA SER E 49 -21.64 -7.91 -16.76
C SER E 49 -22.51 -8.87 -17.56
N LEU E 50 -23.82 -8.91 -17.31
CA LEU E 50 -24.71 -9.75 -18.10
C LEU E 50 -24.79 -9.28 -19.55
N SER E 51 -24.41 -8.03 -19.83
CA SER E 51 -24.29 -7.52 -21.20
C SER E 51 -22.84 -7.41 -21.67
N GLU E 52 -21.87 -7.75 -20.82
CA GLU E 52 -20.48 -7.75 -21.22
C GLU E 52 -20.23 -8.83 -22.28
N PRO E 53 -19.23 -8.65 -23.16
CA PRO E 53 -18.90 -9.74 -24.09
C PRO E 53 -18.32 -10.96 -23.36
N GLY E 54 -18.32 -12.08 -24.07
CA GLY E 54 -17.82 -13.33 -23.52
C GLY E 54 -18.63 -13.77 -22.31
N GLY E 55 -19.94 -13.87 -22.49
CA GLY E 55 -20.84 -14.16 -21.40
C GLY E 55 -22.27 -14.36 -21.90
N PRO E 56 -23.26 -14.10 -21.05
CA PRO E 56 -24.65 -14.18 -21.54
C PRO E 56 -24.93 -13.21 -22.68
N GLU E 57 -24.34 -12.02 -22.65
CA GLU E 57 -24.50 -11.02 -23.70
C GLU E 57 -25.98 -10.67 -23.90
N LEU E 58 -26.59 -10.19 -22.84
CA LEU E 58 -27.95 -9.67 -22.92
C LEU E 58 -27.92 -8.21 -23.37
N PRO E 59 -29.01 -7.71 -23.96
CA PRO E 59 -29.11 -6.26 -24.18
C PRO E 59 -29.11 -5.51 -22.86
N GLU E 60 -28.63 -4.27 -22.89
CA GLU E 60 -28.48 -3.51 -21.65
C GLU E 60 -29.83 -3.16 -21.03
N ASP E 61 -30.88 -3.05 -21.84
CA ASP E 61 -32.19 -2.72 -21.28
C ASP E 61 -32.75 -3.88 -20.46
N GLN E 62 -32.51 -5.11 -20.90
CA GLN E 62 -32.94 -6.26 -20.11
C GLN E 62 -32.19 -6.32 -18.79
N VAL E 63 -30.87 -6.08 -18.83
CA VAL E 63 -30.07 -6.06 -17.61
C VAL E 63 -30.49 -4.90 -16.72
N ARG E 64 -30.86 -3.77 -17.33
CA ARG E 64 -31.34 -2.62 -16.58
C ARG E 64 -32.66 -2.96 -15.87
N ALA E 65 -33.56 -3.65 -16.54
CA ALA E 65 -34.80 -4.10 -15.92
C ALA E 65 -34.56 -5.28 -14.99
N TYR E 66 -33.59 -6.14 -15.32
CA TYR E 66 -33.26 -7.26 -14.44
C TYR E 66 -32.75 -6.76 -13.09
N ALA E 67 -31.94 -5.71 -13.09
CA ALA E 67 -31.37 -5.19 -11.85
C ALA E 67 -32.42 -4.55 -10.95
N THR E 68 -33.59 -4.18 -11.49
CA THR E 68 -34.58 -3.47 -10.70
C THR E 68 -35.27 -4.39 -9.69
N GLN E 69 -35.32 -5.69 -9.95
CA GLN E 69 -36.00 -6.60 -9.02
C GLN E 69 -35.28 -6.65 -7.68
N PHE E 70 -33.97 -6.43 -7.66
CA PHE E 70 -33.21 -6.42 -6.41
C PHE E 70 -33.44 -5.10 -5.68
N THR E 71 -33.54 -5.18 -4.36
CA THR E 71 -33.55 -4.01 -3.49
C THR E 71 -32.16 -3.80 -2.92
N VAL E 72 -31.65 -2.57 -3.06
CA VAL E 72 -30.27 -2.24 -2.71
C VAL E 72 -30.29 -1.01 -1.81
N THR E 73 -29.50 -1.06 -0.74
CA THR E 73 -29.31 0.09 0.13
C THR E 73 -28.29 1.00 -0.52
N ASP E 74 -28.68 2.26 -0.76
CA ASP E 74 -27.79 3.19 -1.43
C ASP E 74 -26.57 3.47 -0.56
N GLU E 75 -25.40 3.47 -1.19
CA GLU E 75 -24.15 3.64 -0.45
C GLU E 75 -24.05 5.02 0.18
N GLU E 76 -24.70 6.02 -0.43
CA GLU E 76 -24.66 7.40 0.06
C GLU E 76 -25.89 7.75 0.89
N THR E 77 -27.08 7.60 0.31
CA THR E 77 -28.30 8.04 0.97
C THR E 77 -28.61 7.18 2.20
N GLY E 78 -28.59 5.86 2.02
CA GLY E 78 -28.96 4.91 3.06
C GLY E 78 -30.36 4.36 2.92
N GLU E 79 -31.23 5.03 2.15
CA GLU E 79 -32.56 4.53 1.89
C GLU E 79 -32.53 3.51 0.76
N ASP E 80 -33.43 2.53 0.84
CA ASP E 80 -33.48 1.49 -0.18
C ASP E 80 -33.93 2.07 -1.52
N ARG E 81 -33.61 1.35 -2.59
CA ARG E 81 -33.94 1.79 -3.94
C ARG E 81 -33.90 0.58 -4.87
N GLU E 82 -34.39 0.80 -6.09
CA GLU E 82 -34.30 -0.24 -7.11
C GLU E 82 -32.87 -0.39 -7.59
N GLY E 83 -32.47 -1.62 -7.89
CA GLY E 83 -31.09 -1.89 -8.25
C GLY E 83 -30.78 -1.48 -9.68
N LYS E 84 -29.56 -1.00 -9.88
CA LYS E 84 -29.03 -0.63 -11.18
C LYS E 84 -28.09 -1.72 -11.68
N PRO E 85 -27.70 -1.67 -12.96
CA PRO E 85 -26.63 -2.58 -13.42
C PRO E 85 -25.30 -2.31 -12.73
N THR E 86 -25.08 -1.11 -12.21
CA THR E 86 -23.83 -0.78 -11.53
C THR E 86 -23.68 -1.52 -10.21
N ASP E 87 -24.76 -2.04 -9.65
CA ASP E 87 -24.72 -2.75 -8.38
C ASP E 87 -24.38 -4.22 -8.61
N HIS E 88 -23.82 -4.83 -7.57
CA HIS E 88 -23.55 -6.25 -7.57
C HIS E 88 -24.81 -7.04 -7.22
N PHE E 89 -24.77 -8.35 -7.49
CA PHE E 89 -25.83 -9.23 -7.04
C PHE E 89 -25.88 -9.20 -5.51
N PRO E 90 -27.03 -9.51 -4.92
CA PRO E 90 -27.15 -9.43 -3.46
C PRO E 90 -26.34 -10.49 -2.77
N HIS E 91 -26.11 -10.27 -1.47
CA HIS E 91 -25.47 -11.27 -0.63
C HIS E 91 -26.38 -12.50 -0.50
N SER E 92 -25.83 -13.57 0.05
CA SER E 92 -26.63 -14.76 0.30
C SER E 92 -27.73 -14.42 1.29
N ALA E 93 -28.99 -14.65 0.89
CA ALA E 93 -30.12 -14.42 1.79
C ALA E 93 -30.01 -15.30 3.02
N LEU E 94 -29.62 -16.55 2.84
CA LEU E 94 -29.42 -17.48 3.94
C LEU E 94 -28.00 -17.35 4.48
N GLU E 95 -27.86 -17.35 5.81
CA GLU E 95 -26.59 -17.02 6.44
C GLU E 95 -25.50 -18.04 6.07
N ASN E 96 -25.76 -19.32 6.32
CA ASN E 96 -24.78 -20.36 6.06
C ASN E 96 -24.77 -20.82 4.60
N ALA E 97 -25.43 -20.08 3.70
CA ALA E 97 -25.33 -20.36 2.27
C ALA E 97 -24.10 -19.64 1.74
N PRO E 98 -23.02 -20.34 1.34
CA PRO E 98 -21.83 -19.62 0.88
C PRO E 98 -22.08 -18.86 -0.41
N ASP E 99 -21.33 -17.78 -0.59
CA ASP E 99 -21.45 -16.97 -1.80
C ASP E 99 -20.99 -17.79 -3.00
N LEU E 100 -21.68 -17.57 -4.14
CA LEU E 100 -21.44 -18.34 -5.35
C LEU E 100 -20.72 -17.53 -6.43
N SER E 101 -20.12 -16.39 -6.08
CA SER E 101 -19.37 -15.62 -7.06
C SER E 101 -18.21 -16.44 -7.61
N LEU E 102 -17.46 -17.09 -6.72
CA LEU E 102 -16.21 -17.77 -7.06
C LEU E 102 -16.27 -19.27 -6.73
N MET E 103 -17.48 -19.84 -6.69
CA MET E 103 -17.62 -21.24 -6.32
C MET E 103 -17.01 -22.17 -7.35
N ALA E 104 -17.04 -21.79 -8.63
CA ALA E 104 -16.48 -22.63 -9.68
C ALA E 104 -14.95 -22.65 -9.71
N LYS E 105 -14.30 -21.79 -8.91
CA LYS E 105 -12.85 -21.85 -8.71
C LYS E 105 -12.46 -22.14 -7.27
N ALA E 106 -13.42 -22.24 -6.35
CA ALA E 106 -13.17 -22.51 -4.95
C ALA E 106 -13.33 -23.98 -4.56
N ARG E 107 -13.66 -24.85 -5.53
CA ARG E 107 -13.83 -26.27 -5.28
C ARG E 107 -13.11 -27.05 -6.36
N ALA E 108 -12.42 -28.11 -5.96
CA ALA E 108 -11.71 -28.99 -6.88
C ALA E 108 -12.53 -30.26 -7.09
N GLY E 109 -12.74 -30.62 -8.35
CA GLY E 109 -13.48 -31.82 -8.68
C GLY E 109 -12.60 -33.05 -8.83
N PHE E 110 -11.41 -32.85 -9.40
CA PHE E 110 -10.46 -33.93 -9.64
C PHE E 110 -9.26 -33.77 -8.70
N HIS E 111 -8.80 -34.88 -8.14
CA HIS E 111 -7.61 -34.91 -7.31
C HIS E 111 -6.79 -36.13 -7.71
N GLY E 112 -5.80 -36.46 -6.88
CA GLY E 112 -5.05 -37.68 -7.03
C GLY E 112 -4.22 -37.73 -8.31
N PRO E 113 -3.78 -38.94 -8.72
CA PRO E 113 -3.95 -40.27 -8.14
C PRO E 113 -3.47 -40.43 -6.69
N MET E 114 -2.25 -40.02 -6.39
CA MET E 114 -1.66 -40.11 -5.04
C MET E 114 -1.13 -38.74 -4.62
N GLY E 115 -1.99 -37.73 -4.69
CA GLY E 115 -1.55 -36.37 -4.44
C GLY E 115 -0.50 -35.89 -5.41
N THR E 116 -0.45 -36.44 -6.62
CA THR E 116 0.55 -36.11 -7.61
C THR E 116 0.07 -35.08 -8.63
N GLY E 117 -1.22 -34.73 -8.61
CA GLY E 117 -1.72 -33.70 -9.51
C GLY E 117 -1.71 -34.08 -10.97
N ILE E 118 -1.64 -35.37 -11.29
CA ILE E 118 -1.69 -35.78 -12.69
C ILE E 118 -3.11 -35.70 -13.22
N SER E 119 -4.11 -35.87 -12.35
CA SER E 119 -5.51 -35.83 -12.81
C SER E 119 -5.91 -34.40 -13.18
N GLN E 120 -5.64 -33.44 -12.31
CA GLN E 120 -5.99 -32.05 -12.61
C GLN E 120 -5.23 -31.54 -13.82
N LEU E 121 -4.04 -32.08 -14.10
CA LEU E 121 -3.27 -31.64 -15.24
C LEU E 121 -4.01 -31.92 -16.54
N PHE E 122 -4.67 -33.08 -16.63
CA PHE E 122 -5.40 -33.49 -17.83
C PHE E 122 -6.91 -33.28 -17.72
N ASN E 123 -7.43 -33.04 -16.51
CA ASN E 123 -8.86 -32.83 -16.30
C ASN E 123 -9.21 -31.45 -15.75
N GLY E 124 -8.22 -30.64 -15.38
CA GLY E 124 -8.49 -29.33 -14.80
C GLY E 124 -8.86 -29.43 -13.34
N ILE E 125 -9.20 -28.28 -12.76
CA ILE E 125 -9.53 -28.22 -11.35
C ILE E 125 -10.83 -28.98 -11.06
N GLY E 126 -11.78 -28.95 -12.00
CA GLY E 126 -13.03 -29.66 -11.83
C GLY E 126 -14.08 -28.92 -11.05
N GLY E 127 -13.97 -27.59 -10.96
CA GLY E 127 -14.92 -26.77 -10.25
C GLY E 127 -16.34 -26.88 -10.78
N PRO E 128 -16.57 -26.43 -12.03
CA PRO E 128 -17.94 -26.50 -12.57
C PRO E 128 -18.46 -27.92 -12.73
N GLU E 129 -17.58 -28.91 -12.77
CA GLU E 129 -17.99 -30.31 -12.84
C GLU E 129 -18.30 -30.88 -11.46
N TYR E 130 -17.75 -30.28 -10.40
CA TYR E 130 -18.08 -30.68 -9.05
C TYR E 130 -19.44 -30.16 -8.62
N ILE E 131 -19.78 -28.93 -9.00
CA ILE E 131 -21.11 -28.39 -8.69
C ILE E 131 -22.18 -29.25 -9.35
N TYR E 132 -21.94 -29.70 -10.58
CA TYR E 132 -22.89 -30.57 -11.25
C TYR E 132 -23.11 -31.85 -10.46
N SER E 133 -22.06 -32.36 -9.81
CA SER E 133 -22.17 -33.59 -9.05
C SER E 133 -22.85 -33.39 -7.70
N VAL E 134 -22.89 -32.16 -7.20
CA VAL E 134 -23.59 -31.89 -5.93
C VAL E 134 -25.09 -31.75 -6.16
N LEU E 135 -25.49 -31.02 -7.21
CA LEU E 135 -26.91 -30.81 -7.48
C LEU E 135 -27.60 -32.13 -7.84
N THR E 136 -26.98 -32.90 -8.74
CA THR E 136 -27.53 -34.18 -9.16
C THR E 136 -27.09 -35.34 -8.26
N GLY E 137 -26.49 -35.05 -7.10
CA GLY E 137 -25.96 -36.06 -6.22
C GLY E 137 -26.82 -36.33 -4.99
N PHE E 138 -28.11 -35.98 -5.06
CA PHE E 138 -29.04 -36.22 -3.96
C PHE E 138 -29.80 -37.51 -4.24
N PRO E 139 -29.47 -38.64 -3.59
CA PRO E 139 -30.17 -39.89 -3.92
C PRO E 139 -31.54 -39.94 -3.27
N GLU E 140 -32.29 -40.99 -3.64
CA GLU E 140 -33.64 -41.16 -3.11
C GLU E 140 -33.61 -41.44 -1.61
N GLU E 141 -32.90 -42.50 -1.21
CA GLU E 141 -32.74 -42.90 0.18
C GLU E 141 -31.28 -42.77 0.61
N PRO E 142 -31.00 -42.68 1.91
CA PRO E 142 -29.60 -42.61 2.35
C PRO E 142 -28.92 -43.96 2.21
N PRO E 143 -27.64 -44.06 2.56
CA PRO E 143 -26.99 -45.38 2.59
C PRO E 143 -27.60 -46.28 3.64
N LYS E 144 -27.20 -47.56 3.61
CA LYS E 144 -27.74 -48.54 4.54
C LYS E 144 -27.25 -48.30 5.96
N CYS E 145 -25.99 -47.86 6.11
CA CYS E 145 -25.44 -47.63 7.44
C CYS E 145 -26.08 -46.43 8.12
N ALA E 146 -26.73 -45.53 7.37
CA ALA E 146 -27.29 -44.30 7.90
C ALA E 146 -28.81 -44.36 8.09
N GLU E 147 -29.42 -45.53 7.91
CA GLU E 147 -30.86 -45.65 8.05
C GLU E 147 -31.28 -45.40 9.49
N GLY E 148 -32.03 -44.33 9.72
CA GLY E 148 -32.50 -44.01 11.05
C GLY E 148 -31.51 -43.23 11.89
N HIS E 149 -30.50 -42.60 11.29
CA HIS E 149 -29.51 -41.83 12.02
C HIS E 149 -29.12 -40.55 11.30
N GLU E 150 -29.93 -40.07 10.36
CA GLU E 150 -29.61 -38.82 9.69
C GLU E 150 -29.71 -37.66 10.68
N PRO E 151 -28.77 -36.71 10.67
CA PRO E 151 -28.97 -35.51 11.49
C PRO E 151 -30.15 -34.69 10.97
N ASP E 152 -30.97 -34.21 11.90
CA ASP E 152 -32.15 -33.45 11.53
C ASP E 152 -31.73 -32.12 10.91
N GLY E 153 -32.35 -31.78 9.78
CA GLY E 153 -32.03 -30.55 9.08
C GLY E 153 -30.90 -30.67 8.07
N PHE E 154 -30.41 -31.89 7.81
CA PHE E 154 -29.35 -32.13 6.84
C PHE E 154 -29.78 -33.23 5.90
N TYR E 155 -29.10 -33.29 4.75
CA TYR E 155 -29.48 -34.19 3.66
C TYR E 155 -28.21 -34.80 3.07
N TYR E 156 -28.31 -36.08 2.73
CA TYR E 156 -27.17 -36.80 2.18
C TYR E 156 -26.95 -36.42 0.73
N ASN E 157 -25.68 -36.28 0.34
CA ASN E 157 -25.28 -36.00 -1.03
C ASN E 157 -24.09 -36.87 -1.38
N ARG E 158 -24.07 -37.37 -2.62
CA ARG E 158 -23.01 -38.27 -3.02
C ARG E 158 -21.68 -37.54 -3.18
N ALA E 159 -21.70 -36.34 -3.75
CA ALA E 159 -20.48 -35.63 -4.07
C ALA E 159 -19.92 -34.87 -2.87
N PHE E 160 -20.78 -34.36 -1.99
CA PHE E 160 -20.32 -33.54 -0.88
C PHE E 160 -19.47 -34.36 0.09
N GLN E 161 -18.28 -33.85 0.41
CA GLN E 161 -17.31 -34.56 1.24
C GLN E 161 -17.08 -33.93 2.60
N ASN E 162 -17.32 -32.63 2.75
CA ASN E 162 -16.97 -31.90 3.97
C ASN E 162 -18.12 -31.81 4.96
N GLY E 163 -19.01 -32.81 4.99
CA GLY E 163 -20.13 -32.85 5.89
C GLY E 163 -19.96 -33.89 6.98
N SER E 164 -20.83 -33.82 7.97
CA SER E 164 -20.81 -34.78 9.06
C SER E 164 -21.27 -36.15 8.56
N VAL E 165 -20.94 -37.17 9.34
CA VAL E 165 -21.32 -38.55 9.04
C VAL E 165 -21.72 -39.21 10.37
N PRO E 166 -22.79 -39.98 10.46
CA PRO E 166 -23.09 -40.66 11.72
C PRO E 166 -22.02 -41.69 12.07
N ASP E 167 -21.92 -41.98 13.36
CA ASP E 167 -20.96 -42.98 13.83
C ASP E 167 -21.25 -44.36 13.25
N THR E 168 -22.51 -44.63 12.90
CA THR E 168 -22.86 -45.91 12.32
C THR E 168 -22.18 -46.16 10.98
N CYS E 169 -21.79 -45.10 10.27
CA CYS E 169 -21.16 -45.22 8.95
C CYS E 169 -19.64 -45.09 8.99
N LYS E 170 -19.05 -44.70 10.13
CA LYS E 170 -17.61 -44.57 10.22
C LYS E 170 -16.95 -45.92 10.45
N ASP E 171 -15.69 -46.03 10.03
CA ASP E 171 -14.93 -47.27 10.19
C ASP E 171 -14.28 -47.27 11.58
N ALA E 172 -13.27 -48.13 11.78
CA ALA E 172 -12.66 -48.27 13.09
C ALA E 172 -11.77 -47.08 13.46
N ASN E 173 -11.36 -46.27 12.49
CA ASN E 173 -10.44 -45.16 12.71
C ASN E 173 -11.00 -43.86 12.13
N GLY E 174 -12.30 -43.65 12.27
CA GLY E 174 -12.92 -42.36 12.00
C GLY E 174 -13.25 -42.09 10.55
N VAL E 175 -12.72 -42.87 9.61
CA VAL E 175 -12.98 -42.62 8.19
C VAL E 175 -14.38 -43.08 7.83
N LYS E 176 -15.02 -42.35 6.92
CA LYS E 176 -16.40 -42.66 6.53
C LYS E 176 -16.42 -43.76 5.47
N THR E 177 -17.42 -44.63 5.55
CA THR E 177 -17.66 -45.65 4.54
C THR E 177 -18.62 -45.19 3.44
N THR E 178 -19.17 -43.98 3.55
CA THR E 178 -20.06 -43.44 2.53
C THR E 178 -19.26 -42.67 1.49
N ALA E 179 -19.83 -42.58 0.29
CA ALA E 179 -19.16 -41.83 -0.78
C ALA E 179 -19.05 -40.36 -0.43
N GLY E 180 -20.17 -39.74 -0.06
CA GLY E 180 -20.22 -38.34 0.31
C GLY E 180 -20.49 -38.10 1.78
N SER E 181 -21.33 -37.13 2.10
CA SER E 181 -21.66 -36.79 3.48
C SER E 181 -22.97 -36.00 3.47
N TRP E 182 -23.33 -35.48 4.63
CA TRP E 182 -24.61 -34.79 4.84
C TRP E 182 -24.42 -33.29 4.70
N ILE E 183 -25.15 -32.68 3.76
CA ILE E 183 -25.07 -31.26 3.48
C ILE E 183 -26.33 -30.58 4.00
N ALA E 184 -26.19 -29.33 4.42
CA ALA E 184 -27.30 -28.55 4.94
C ALA E 184 -28.21 -27.99 3.84
N MET E 185 -27.88 -28.23 2.57
CA MET E 185 -28.68 -27.73 1.46
C MET E 185 -29.75 -28.75 1.10
N PRO E 186 -31.04 -28.41 1.14
CA PRO E 186 -32.05 -29.34 0.62
C PRO E 186 -31.87 -29.54 -0.87
N PRO E 187 -32.38 -30.63 -1.45
CA PRO E 187 -32.28 -30.81 -2.90
C PRO E 187 -32.97 -29.67 -3.64
N PRO E 188 -32.22 -28.77 -4.30
CA PRO E 188 -32.87 -27.57 -4.84
C PRO E 188 -33.50 -27.76 -6.21
N LEU E 189 -33.08 -28.78 -6.97
CA LEU E 189 -33.54 -28.97 -8.35
C LEU E 189 -34.60 -30.07 -8.40
N MET E 190 -35.66 -29.80 -9.15
CA MET E 190 -36.72 -30.74 -9.42
C MET E 190 -37.02 -30.72 -10.91
N ASP E 191 -37.51 -31.84 -11.44
CA ASP E 191 -37.75 -31.96 -12.86
C ASP E 191 -38.71 -30.90 -13.37
N ASP E 192 -38.30 -30.20 -14.43
CA ASP E 192 -39.13 -29.18 -15.08
C ASP E 192 -39.49 -28.03 -14.14
N LEU E 193 -38.63 -27.74 -13.15
CA LEU E 193 -38.89 -26.63 -12.25
C LEU E 193 -38.82 -25.27 -12.94
N VAL E 194 -38.19 -25.19 -14.12
CA VAL E 194 -38.07 -23.95 -14.88
C VAL E 194 -38.59 -24.19 -16.29
N GLU E 195 -39.32 -23.21 -16.81
CA GLU E 195 -39.86 -23.25 -18.17
C GLU E 195 -39.04 -22.27 -19.01
N TYR E 196 -38.20 -22.80 -19.89
CA TYR E 196 -37.36 -21.97 -20.74
C TYR E 196 -38.19 -21.37 -21.88
N ALA E 197 -37.70 -20.25 -22.40
CA ALA E 197 -38.41 -19.54 -23.46
C ALA E 197 -38.49 -20.38 -24.73
N ASP E 198 -37.36 -20.96 -25.14
CA ASP E 198 -37.28 -21.75 -26.36
C ASP E 198 -37.67 -23.22 -26.13
N GLY E 199 -38.33 -23.53 -25.01
CA GLY E 199 -38.75 -24.90 -24.76
C GLY E 199 -37.63 -25.89 -24.59
N HIS E 200 -36.44 -25.42 -24.20
CA HIS E 200 -35.30 -26.30 -24.01
C HIS E 200 -35.56 -27.28 -22.86
N ASP E 201 -34.79 -28.37 -22.86
CA ASP E 201 -34.92 -29.38 -21.82
C ASP E 201 -34.63 -28.78 -20.46
N ALA E 202 -35.53 -29.02 -19.50
CA ALA E 202 -35.45 -28.47 -18.16
C ALA E 202 -35.39 -29.56 -17.10
N SER E 203 -34.88 -30.74 -17.46
CA SER E 203 -34.69 -31.80 -16.48
C SER E 203 -33.64 -31.38 -15.46
N VAL E 204 -33.57 -32.15 -14.37
CA VAL E 204 -32.63 -31.84 -13.30
C VAL E 204 -31.19 -31.89 -13.81
N HIS E 205 -30.91 -32.81 -14.73
CA HIS E 205 -29.57 -32.90 -15.30
C HIS E 205 -29.27 -31.68 -16.18
N ALA E 206 -30.24 -31.26 -16.98
CA ALA E 206 -30.02 -30.14 -17.88
C ALA E 206 -29.86 -28.82 -17.11
N MET E 207 -30.63 -28.65 -16.04
CA MET E 207 -30.52 -27.42 -15.25
C MET E 207 -29.21 -27.37 -14.49
N ALA E 208 -28.80 -28.50 -13.89
CA ALA E 208 -27.54 -28.52 -13.15
C ALA E 208 -26.35 -28.24 -14.05
N GLU E 209 -26.43 -28.66 -15.33
CA GLU E 209 -25.34 -28.37 -16.26
C GLU E 209 -25.32 -26.89 -16.63
N ASP E 210 -26.49 -26.32 -16.92
CA ASP E 210 -26.55 -24.92 -17.35
C ASP E 210 -26.14 -23.98 -16.21
N VAL E 211 -26.66 -24.22 -15.00
CA VAL E 211 -26.32 -23.36 -13.88
C VAL E 211 -24.84 -23.52 -13.51
N SER E 212 -24.28 -24.71 -13.73
CA SER E 212 -22.84 -24.89 -13.52
C SER E 212 -22.03 -24.07 -14.50
N ALA E 213 -22.43 -24.07 -15.78
CA ALA E 213 -21.73 -23.26 -16.78
C ALA E 213 -21.84 -21.78 -16.45
N PHE E 214 -23.02 -21.34 -16.00
CA PHE E 214 -23.18 -19.94 -15.60
C PHE E 214 -22.27 -19.60 -14.43
N LEU E 215 -22.18 -20.49 -13.45
CA LEU E 215 -21.34 -20.24 -12.28
C LEU E 215 -19.85 -20.20 -12.62
N MET E 216 -19.44 -20.84 -13.73
CA MET E 216 -18.06 -20.72 -14.18
C MET E 216 -17.80 -19.30 -14.70
N TRP E 217 -18.72 -18.78 -15.52
CA TRP E 217 -18.57 -17.43 -16.04
C TRP E 217 -18.60 -16.39 -14.92
N ALA E 218 -19.36 -16.65 -13.86
CA ALA E 218 -19.42 -15.71 -12.74
C ALA E 218 -18.09 -15.61 -12.03
N ALA E 219 -17.36 -16.73 -11.93
CA ALA E 219 -16.04 -16.71 -11.29
C ALA E 219 -14.97 -16.12 -12.21
N GLU E 220 -15.04 -16.43 -13.50
CA GLU E 220 -14.12 -15.89 -14.50
C GLU E 220 -14.93 -15.36 -15.67
N PRO E 221 -15.34 -14.08 -15.65
CA PRO E 221 -15.93 -13.51 -16.86
C PRO E 221 -14.96 -13.44 -18.01
N LYS E 222 -13.67 -13.28 -17.73
CA LYS E 222 -12.64 -13.08 -18.74
C LYS E 222 -11.96 -14.38 -19.16
N LEU E 223 -12.71 -15.49 -19.18
CA LEU E 223 -12.13 -16.76 -19.60
C LEU E 223 -11.77 -16.73 -21.09
N MET E 224 -12.71 -16.30 -21.93
CA MET E 224 -12.48 -16.29 -23.37
C MET E 224 -11.41 -15.28 -23.75
N ALA E 225 -11.37 -14.13 -23.07
CA ALA E 225 -10.34 -13.14 -23.36
C ALA E 225 -8.96 -13.67 -22.98
N ARG E 226 -8.88 -14.43 -21.89
CA ARG E 226 -7.60 -14.98 -21.45
C ARG E 226 -7.04 -15.97 -22.48
N LYS E 227 -7.89 -16.86 -22.99
CA LYS E 227 -7.41 -17.87 -23.93
C LYS E 227 -6.98 -17.27 -25.25
N GLN E 228 -7.57 -16.14 -25.65
CA GLN E 228 -7.07 -15.42 -26.81
C GLN E 228 -5.71 -14.79 -26.51
N ALA E 229 -5.56 -14.21 -25.32
CA ALA E 229 -4.26 -13.67 -24.92
C ALA E 229 -3.23 -14.78 -24.80
N GLY E 230 -3.61 -15.92 -24.23
CA GLY E 230 -2.70 -17.04 -24.17
C GLY E 230 -2.29 -17.53 -25.55
N PHE E 231 -3.26 -17.65 -26.46
CA PHE E 231 -2.95 -18.04 -27.83
C PHE E 231 -2.05 -17.03 -28.50
N THR E 232 -2.26 -15.73 -28.25
CA THR E 232 -1.46 -14.70 -28.88
C THR E 232 -0.02 -14.72 -28.37
N ALA E 233 0.17 -14.85 -27.05
CA ALA E 233 1.52 -14.93 -26.50
C ALA E 233 2.28 -16.13 -27.04
N VAL E 234 1.56 -17.23 -27.30
CA VAL E 234 2.19 -18.40 -27.91
C VAL E 234 2.66 -18.08 -29.33
N MET E 235 1.86 -17.31 -30.08
CA MET E 235 2.24 -17.01 -31.46
C MET E 235 3.45 -16.09 -31.52
N PHE E 236 3.50 -15.04 -30.69
CA PHE E 236 4.69 -14.18 -30.66
C PHE E 236 5.91 -14.96 -30.19
N LEU E 237 5.75 -15.73 -29.10
CA LEU E 237 6.91 -16.41 -28.52
C LEU E 237 7.33 -17.62 -29.34
N THR E 238 6.41 -18.24 -30.08
CA THR E 238 6.79 -19.35 -30.95
C THR E 238 7.61 -18.85 -32.12
N VAL E 239 7.17 -17.77 -32.77
CA VAL E 239 7.91 -17.20 -33.89
C VAL E 239 9.25 -16.67 -33.39
N LEU E 240 9.23 -15.88 -32.31
CA LEU E 240 10.47 -15.32 -31.77
C LEU E 240 11.43 -16.42 -31.34
N SER E 241 10.91 -17.54 -30.83
CA SER E 241 11.78 -18.66 -30.48
C SER E 241 12.42 -19.28 -31.71
N VAL E 242 11.64 -19.43 -32.79
CA VAL E 242 12.19 -20.01 -34.02
C VAL E 242 13.23 -19.07 -34.63
N LEU E 243 12.96 -17.77 -34.63
CA LEU E 243 13.94 -16.81 -35.12
C LEU E 243 15.17 -16.78 -34.22
N LEU E 244 14.95 -16.80 -32.90
CA LEU E 244 16.09 -16.81 -31.98
C LEU E 244 16.88 -18.10 -32.08
N TYR E 245 16.24 -19.21 -32.44
CA TYR E 245 16.97 -20.46 -32.63
C TYR E 245 17.92 -20.35 -33.82
N LEU E 246 17.40 -19.99 -34.99
CA LEU E 246 18.23 -19.89 -36.18
C LEU E 246 19.31 -18.82 -36.01
N THR E 247 18.95 -17.71 -35.37
CA THR E 247 19.93 -16.65 -35.10
C THR E 247 21.05 -17.18 -34.21
N ASN E 248 20.70 -17.93 -33.16
CA ASN E 248 21.73 -18.53 -32.32
C ASN E 248 22.57 -19.54 -33.10
N LYS E 249 21.97 -20.22 -34.08
CA LYS E 249 22.72 -21.22 -34.85
C LYS E 249 23.73 -20.55 -35.78
N ARG E 250 23.27 -19.61 -36.60
CA ARG E 250 24.19 -18.91 -37.49
C ARG E 250 25.25 -18.15 -36.71
N LEU E 251 24.86 -17.57 -35.57
CA LEU E 251 25.80 -16.80 -34.77
C LEU E 251 26.88 -17.69 -34.17
N TRP E 252 26.48 -18.89 -33.71
CA TRP E 252 27.42 -19.87 -33.20
C TRP E 252 28.04 -20.74 -34.30
N ALA E 253 27.63 -20.57 -35.55
CA ALA E 253 28.21 -21.35 -36.65
C ALA E 253 29.67 -21.03 -36.86
N GLY E 254 30.13 -19.84 -36.46
CA GLY E 254 31.52 -19.46 -36.59
C GLY E 254 32.39 -19.85 -35.41
N VAL E 255 31.95 -20.85 -34.63
CA VAL E 255 32.71 -21.34 -33.49
C VAL E 255 32.76 -22.87 -33.57
N LYS E 256 31.61 -23.50 -33.69
CA LYS E 256 31.53 -24.95 -33.80
C LYS E 256 31.71 -25.38 -35.26
N ASP F 13 20.74 -11.56 -43.90
CA ASP F 13 20.47 -10.28 -43.25
C ASP F 13 19.03 -10.19 -42.76
N PHE F 14 18.12 -10.91 -43.44
CA PHE F 14 16.72 -10.92 -43.02
C PHE F 14 16.56 -11.47 -41.61
N LEU F 15 17.35 -12.50 -41.27
CA LEU F 15 17.19 -13.17 -39.98
C LEU F 15 17.51 -12.23 -38.82
N TYR F 16 18.63 -11.51 -38.92
CA TYR F 16 19.05 -10.62 -37.85
C TYR F 16 18.13 -9.41 -37.72
N TYR F 17 17.35 -9.09 -38.75
CA TYR F 17 16.37 -8.00 -38.68
C TYR F 17 15.01 -8.48 -38.22
N ALA F 18 14.59 -9.67 -38.64
CA ALA F 18 13.33 -10.23 -38.18
C ALA F 18 13.37 -10.53 -36.68
N THR F 19 14.52 -11.00 -36.19
CA THR F 19 14.66 -11.29 -34.76
C THR F 19 14.59 -10.01 -33.93
N ALA F 20 15.14 -8.91 -34.44
CA ALA F 20 15.07 -7.66 -33.70
C ALA F 20 13.65 -7.09 -33.72
N GLY F 21 12.99 -7.13 -34.87
CA GLY F 21 11.63 -6.60 -34.95
C GLY F 21 10.65 -7.40 -34.12
N ALA F 22 10.80 -8.73 -34.12
CA ALA F 22 9.92 -9.57 -33.31
C ALA F 22 10.11 -9.30 -31.82
N GLY F 23 11.33 -8.97 -31.42
CA GLY F 23 11.56 -8.62 -30.02
C GLY F 23 10.99 -7.26 -29.66
N ALA F 24 11.14 -6.30 -30.56
CA ALA F 24 10.57 -4.97 -30.32
C ALA F 24 9.04 -5.03 -30.29
N VAL F 25 8.43 -5.83 -31.17
CA VAL F 25 6.98 -6.00 -31.14
C VAL F 25 6.56 -6.65 -29.82
N ALA F 26 7.34 -7.65 -29.37
CA ALA F 26 7.03 -8.30 -28.10
C ALA F 26 7.18 -7.31 -26.94
N THR F 27 8.20 -6.47 -26.99
CA THR F 27 8.36 -5.44 -25.97
C THR F 27 7.17 -4.50 -25.97
N GLY F 28 6.78 -4.02 -27.15
CA GLY F 28 5.63 -3.13 -27.24
C GLY F 28 4.35 -3.82 -26.81
N ALA F 29 4.21 -5.10 -27.13
CA ALA F 29 3.02 -5.86 -26.70
C ALA F 29 2.99 -6.03 -25.19
N ALA F 30 4.14 -5.99 -24.52
CA ALA F 30 4.20 -6.09 -23.07
C ALA F 30 4.07 -4.73 -22.38
N VAL F 31 4.42 -3.64 -23.07
CA VAL F 31 4.37 -2.32 -22.45
C VAL F 31 2.96 -1.75 -22.48
N TRP F 32 2.21 -2.00 -23.55
CA TRP F 32 0.89 -1.38 -23.69
C TRP F 32 -0.11 -1.83 -22.63
N PRO F 33 -0.20 -3.10 -22.24
CA PRO F 33 -1.04 -3.43 -21.08
C PRO F 33 -0.62 -2.73 -19.80
N LEU F 34 0.68 -2.43 -19.64
CA LEU F 34 1.14 -1.74 -18.45
C LEU F 34 0.72 -0.27 -18.44
N ILE F 35 0.41 0.30 -19.60
CA ILE F 35 -0.10 1.67 -19.68
C ILE F 35 -1.63 1.67 -19.57
N ASN F 36 -2.31 0.82 -20.35
CA ASN F 36 -3.76 0.81 -20.38
C ASN F 36 -4.39 0.40 -19.06
N GLN F 37 -3.63 -0.27 -18.19
CA GLN F 37 -4.15 -0.64 -16.87
C GLN F 37 -4.55 0.59 -16.07
N MET F 38 -3.87 1.73 -16.28
CA MET F 38 -4.19 2.96 -15.56
C MET F 38 -5.39 3.69 -16.13
N ASN F 39 -5.88 3.31 -17.32
CA ASN F 39 -7.10 3.91 -17.84
C ASN F 39 -8.28 3.55 -16.93
N PRO F 40 -9.43 4.23 -17.07
CA PRO F 40 -10.55 3.96 -16.15
C PRO F 40 -11.01 2.52 -16.18
N SER F 41 -11.29 1.98 -14.99
CA SER F 41 -11.74 0.62 -14.84
C SER F 41 -13.09 0.41 -15.54
N ALA F 42 -13.50 -0.85 -15.63
CA ALA F 42 -14.79 -1.15 -16.24
C ALA F 42 -15.94 -0.58 -15.42
N ASP F 43 -15.77 -0.44 -14.11
CA ASP F 43 -16.83 0.12 -13.27
C ASP F 43 -16.91 1.63 -13.40
N VAL F 44 -15.79 2.30 -13.68
CA VAL F 44 -15.82 3.75 -13.89
C VAL F 44 -16.42 4.08 -15.24
N GLN F 45 -16.09 3.28 -16.27
CA GLN F 45 -16.70 3.46 -17.58
C GLN F 45 -18.21 3.27 -17.53
N ALA F 46 -18.68 2.41 -16.63
CA ALA F 46 -20.12 2.15 -16.53
C ALA F 46 -20.88 3.30 -15.88
N LEU F 47 -20.20 4.14 -15.09
CA LEU F 47 -20.80 5.34 -14.52
C LEU F 47 -20.66 6.55 -15.42
N ALA F 48 -20.22 6.38 -16.67
CA ALA F 48 -20.17 7.51 -17.59
C ALA F 48 -21.57 8.09 -17.86
N SER F 49 -22.58 7.23 -17.85
CA SER F 49 -23.97 7.67 -17.98
C SER F 49 -24.85 6.79 -17.09
N ILE F 50 -26.01 7.33 -16.74
CA ILE F 50 -27.00 6.64 -15.92
C ILE F 50 -28.37 6.86 -16.52
N PHE F 51 -29.34 6.08 -16.03
CA PHE F 51 -30.71 6.12 -16.51
C PHE F 51 -31.66 6.30 -15.33
N VAL F 52 -32.53 7.31 -15.42
CA VAL F 52 -33.47 7.65 -14.37
C VAL F 52 -34.87 7.32 -14.86
N ASP F 53 -35.65 6.63 -14.02
CA ASP F 53 -37.04 6.28 -14.31
C ASP F 53 -37.94 7.32 -13.66
N VAL F 54 -38.47 8.24 -14.48
CA VAL F 54 -39.28 9.35 -14.00
C VAL F 54 -40.76 9.01 -14.19
N SER F 55 -41.12 7.74 -14.03
CA SER F 55 -42.50 7.33 -14.24
C SER F 55 -43.43 7.84 -13.14
N SER F 56 -42.92 7.99 -11.92
CA SER F 56 -43.72 8.41 -10.77
C SER F 56 -43.21 9.73 -10.21
N VAL F 57 -43.03 10.73 -11.07
CA VAL F 57 -42.57 12.07 -10.67
C VAL F 57 -43.65 13.03 -11.10
N GLU F 58 -44.47 13.48 -10.15
CA GLU F 58 -45.52 14.45 -10.43
C GLU F 58 -44.94 15.85 -10.46
N PRO F 59 -45.69 16.83 -10.96
CA PRO F 59 -45.18 18.21 -10.96
C PRO F 59 -44.96 18.73 -9.54
N GLY F 60 -43.91 19.52 -9.38
CA GLY F 60 -43.56 20.10 -8.09
C GLY F 60 -42.62 19.26 -7.25
N VAL F 61 -42.47 17.97 -7.56
CA VAL F 61 -41.61 17.08 -6.79
C VAL F 61 -40.20 17.13 -7.36
N GLN F 62 -39.22 17.29 -6.48
CA GLN F 62 -37.81 17.29 -6.88
C GLN F 62 -37.24 15.88 -6.73
N LEU F 63 -36.34 15.52 -7.65
CA LEU F 63 -35.71 14.21 -7.68
C LEU F 63 -34.19 14.40 -7.76
N THR F 64 -33.50 14.14 -6.66
CA THR F 64 -32.05 14.26 -6.60
C THR F 64 -31.43 12.90 -6.93
N VAL F 65 -30.42 12.92 -7.80
CA VAL F 65 -29.76 11.71 -8.27
C VAL F 65 -28.25 11.92 -8.24
N LYS F 66 -27.53 10.88 -7.83
CA LYS F 66 -26.08 10.92 -7.78
C LYS F 66 -25.49 10.60 -9.13
N PHE F 67 -24.48 11.37 -9.54
CA PHE F 67 -23.85 11.18 -10.84
C PHE F 67 -22.43 11.74 -10.79
N LEU F 68 -21.44 10.86 -11.01
CA LEU F 68 -20.03 11.25 -10.97
C LEU F 68 -19.66 11.84 -9.61
N GLY F 69 -20.23 11.29 -8.54
CA GLY F 69 -19.92 11.69 -7.19
C GLY F 69 -20.79 12.83 -6.66
N LYS F 70 -21.27 13.71 -7.54
CA LYS F 70 -22.04 14.89 -7.17
C LYS F 70 -23.51 14.69 -7.46
N PRO F 71 -24.40 15.49 -6.86
CA PRO F 71 -25.84 15.33 -7.13
C PRO F 71 -26.32 16.16 -8.30
N ILE F 72 -27.33 15.63 -8.97
CA ILE F 72 -28.03 16.32 -10.06
C ILE F 72 -29.49 16.51 -9.64
N PHE F 73 -30.01 17.70 -9.88
CA PHE F 73 -31.40 18.02 -9.57
C PHE F 73 -32.25 17.81 -10.81
N ILE F 74 -33.37 17.11 -10.64
CA ILE F 74 -34.34 16.88 -11.72
C ILE F 74 -35.69 17.28 -11.16
N ARG F 75 -36.08 18.54 -11.37
CA ARG F 75 -37.31 19.11 -10.84
C ARG F 75 -38.30 19.29 -11.98
N ARG F 76 -39.50 18.74 -11.82
CA ARG F 76 -40.59 18.93 -12.76
C ARG F 76 -41.30 20.22 -12.37
N ARG F 77 -41.02 21.30 -13.10
CA ARG F 77 -41.54 22.61 -12.75
C ARG F 77 -43.05 22.67 -12.90
N THR F 78 -43.69 23.46 -12.04
CA THR F 78 -45.13 23.60 -12.01
C THR F 78 -45.55 24.76 -12.91
N GLU F 79 -46.84 25.11 -12.87
CA GLU F 79 -47.35 26.19 -13.70
C GLU F 79 -46.80 27.54 -13.25
N ALA F 80 -46.50 27.71 -11.97
CA ALA F 80 -46.00 28.99 -11.46
C ALA F 80 -44.50 29.13 -11.71
N ASP F 81 -43.74 28.04 -11.59
CA ASP F 81 -42.30 28.11 -11.78
C ASP F 81 -41.94 28.46 -13.22
N ILE F 82 -42.72 27.95 -14.18
CA ILE F 82 -42.44 28.24 -15.59
C ILE F 82 -42.80 29.68 -15.92
N GLU F 83 -43.79 30.26 -15.23
CA GLU F 83 -44.20 31.63 -15.50
C GLU F 83 -43.09 32.60 -15.12
N LEU F 84 -42.52 32.45 -13.92
CA LEU F 84 -41.42 33.32 -13.50
C LEU F 84 -40.19 33.14 -14.39
N GLY F 85 -39.98 31.95 -14.92
CA GLY F 85 -38.81 31.71 -15.75
C GLY F 85 -38.85 32.49 -17.06
N ARG F 86 -39.97 32.39 -17.78
CA ARG F 86 -40.11 33.06 -19.07
C ARG F 86 -40.35 34.55 -18.95
N SER F 87 -40.63 35.06 -17.74
CA SER F 87 -40.91 36.49 -17.57
C SER F 87 -39.62 37.30 -17.44
N VAL F 88 -38.55 36.68 -16.94
CA VAL F 88 -37.29 37.41 -16.75
C VAL F 88 -36.69 37.74 -18.11
N GLN F 89 -36.19 38.96 -18.24
CA GLN F 89 -35.54 39.42 -19.46
C GLN F 89 -34.05 39.04 -19.43
N LEU F 90 -33.41 39.14 -20.60
CA LEU F 90 -32.01 38.76 -20.71
C LEU F 90 -31.08 39.75 -20.03
N GLY F 91 -31.50 41.00 -19.86
CA GLY F 91 -30.67 41.99 -19.20
C GLY F 91 -30.67 41.91 -17.69
N GLN F 92 -31.68 41.28 -17.09
CA GLN F 92 -31.77 41.16 -15.64
C GLN F 92 -30.87 40.08 -15.07
N LEU F 93 -30.32 39.19 -15.90
CA LEU F 93 -29.51 38.09 -15.42
C LEU F 93 -28.05 38.50 -15.25
N VAL F 94 -27.40 37.93 -14.23
CA VAL F 94 -25.98 38.19 -14.01
C VAL F 94 -25.14 37.45 -15.04
N ASP F 95 -25.51 36.21 -15.35
CA ASP F 95 -24.83 35.39 -16.36
C ASP F 95 -25.82 35.08 -17.46
N THR F 96 -25.51 35.54 -18.67
CA THR F 96 -26.39 35.36 -19.83
C THR F 96 -26.13 34.06 -20.59
N ASN F 97 -25.17 33.24 -20.14
CA ASN F 97 -24.87 31.98 -20.80
C ASN F 97 -25.74 30.87 -20.23
N ALA F 98 -26.23 29.99 -21.10
CA ALA F 98 -27.09 28.89 -20.68
C ALA F 98 -26.30 27.81 -19.93
N ARG F 99 -25.02 27.64 -20.28
CA ARG F 99 -24.16 26.63 -19.65
C ARG F 99 -24.74 25.23 -19.87
N ASN F 100 -25.04 24.92 -21.12
CA ASN F 100 -25.62 23.64 -21.52
C ASN F 100 -24.71 22.97 -22.53
N ALA F 101 -24.45 21.68 -22.32
CA ALA F 101 -23.59 20.92 -23.22
C ALA F 101 -24.33 20.41 -24.45
N ASN F 102 -25.66 20.27 -24.38
CA ASN F 102 -26.43 19.80 -25.51
C ASN F 102 -26.39 20.81 -26.65
N ILE F 103 -27.03 21.96 -26.45
CA ILE F 103 -27.02 23.02 -27.46
C ILE F 103 -25.64 23.65 -27.51
N ASP F 104 -25.44 24.59 -28.43
CA ASP F 104 -24.15 25.23 -28.58
C ASP F 104 -23.80 26.06 -27.34
N ALA F 105 -22.50 26.33 -27.18
CA ALA F 105 -22.04 27.09 -26.03
C ALA F 105 -22.46 28.54 -26.10
N GLY F 106 -22.62 29.09 -27.31
CA GLY F 106 -23.02 30.47 -27.50
C GLY F 106 -24.50 30.74 -27.35
N ALA F 107 -25.29 29.76 -26.94
CA ALA F 107 -26.72 29.96 -26.76
C ALA F 107 -27.00 30.89 -25.59
N GLU F 108 -28.07 31.66 -25.71
CA GLU F 108 -28.46 32.60 -24.67
C GLU F 108 -29.17 31.86 -23.54
N ALA F 109 -29.28 32.55 -22.40
CA ALA F 109 -29.85 31.95 -21.19
C ALA F 109 -31.37 32.16 -21.10
N THR F 110 -32.07 31.88 -22.20
CA THR F 110 -33.52 31.93 -22.18
C THR F 110 -34.09 30.69 -21.51
N ASP F 111 -35.31 30.84 -20.99
CA ASP F 111 -35.95 29.73 -20.28
C ASP F 111 -36.22 28.55 -21.21
N GLN F 112 -36.44 28.82 -22.49
CA GLN F 112 -36.67 27.73 -23.45
C GLN F 112 -35.42 26.92 -23.70
N ASN F 113 -34.24 27.49 -23.46
CA ASN F 113 -32.98 26.79 -23.65
C ASN F 113 -32.47 26.11 -22.37
N ARG F 114 -33.13 26.31 -21.24
CA ARG F 114 -32.74 25.71 -19.97
C ARG F 114 -33.46 24.40 -19.68
N THR F 115 -34.26 23.89 -20.61
CA THR F 115 -35.01 22.65 -20.44
C THR F 115 -34.80 21.76 -21.65
N LEU F 116 -35.19 20.50 -21.50
CA LEU F 116 -35.04 19.51 -22.57
C LEU F 116 -36.23 19.51 -23.54
N ASP F 117 -37.45 19.58 -23.02
CA ASP F 117 -38.65 19.57 -23.84
C ASP F 117 -39.08 20.99 -24.17
N GLU F 118 -39.83 21.13 -25.26
CA GLU F 118 -40.31 22.44 -25.68
C GLU F 118 -41.29 23.03 -24.67
N ALA F 119 -42.01 22.18 -23.94
CA ALA F 119 -42.97 22.67 -22.94
C ALA F 119 -42.28 23.28 -21.73
N GLY F 120 -40.99 23.05 -21.54
CA GLY F 120 -40.30 23.58 -20.38
C GLY F 120 -40.76 22.99 -19.07
N GLU F 121 -41.20 21.73 -19.09
CA GLU F 121 -41.73 21.08 -17.90
C GLU F 121 -40.65 20.42 -17.06
N TRP F 122 -39.63 19.84 -17.70
CA TRP F 122 -38.55 19.13 -17.02
C TRP F 122 -37.30 20.00 -17.00
N LEU F 123 -36.77 20.23 -15.81
CA LEU F 123 -35.53 20.99 -15.61
C LEU F 123 -34.47 20.06 -15.05
N VAL F 124 -33.41 19.84 -15.83
CA VAL F 124 -32.29 19.00 -15.45
C VAL F 124 -31.04 19.87 -15.42
N MET F 125 -30.31 19.83 -14.31
CA MET F 125 -29.12 20.66 -14.15
C MET F 125 -28.27 20.10 -13.03
N TRP F 126 -26.98 20.45 -13.06
CA TRP F 126 -26.07 20.07 -12.00
C TRP F 126 -26.46 20.74 -10.69
N GLY F 127 -26.63 19.95 -9.64
CA GLY F 127 -26.91 20.48 -8.32
C GLY F 127 -25.62 20.84 -7.60
N VAL F 128 -24.80 21.69 -8.22
CA VAL F 128 -23.48 22.03 -7.73
C VAL F 128 -23.31 23.53 -7.91
N CYS F 129 -23.23 24.26 -6.80
CA CYS F 129 -23.07 25.71 -6.86
C CYS F 129 -21.76 26.08 -7.52
N THR F 130 -21.82 26.99 -8.49
CA THR F 130 -20.63 27.39 -9.24
C THR F 130 -19.65 28.21 -8.42
N HIS F 131 -20.04 28.70 -7.24
CA HIS F 131 -19.12 29.44 -6.39
C HIS F 131 -17.97 28.54 -5.96
N LEU F 132 -18.27 27.51 -5.16
CA LEU F 132 -17.24 26.60 -4.69
C LEU F 132 -17.75 25.16 -4.59
N GLY F 133 -18.92 24.85 -5.12
CA GLY F 133 -19.37 23.47 -5.25
C GLY F 133 -20.28 22.95 -4.17
N CYS F 134 -20.98 23.81 -3.45
CA CYS F 134 -21.94 23.36 -2.45
C CYS F 134 -23.25 22.92 -3.13
N VAL F 135 -24.12 22.32 -2.34
CA VAL F 135 -25.41 21.79 -2.82
C VAL F 135 -26.49 22.77 -2.38
N PRO F 136 -27.10 23.55 -3.28
CA PRO F 136 -28.18 24.44 -2.84
C PRO F 136 -29.41 23.67 -2.38
N ILE F 137 -30.16 24.28 -1.48
CA ILE F 137 -31.41 23.71 -0.98
C ILE F 137 -32.53 24.04 -1.95
N GLY F 138 -33.31 23.02 -2.32
CA GLY F 138 -34.41 23.18 -3.24
C GLY F 138 -35.75 23.27 -2.55
N GLY F 139 -36.80 22.95 -3.30
CA GLY F 139 -38.15 23.01 -2.77
C GLY F 139 -38.66 24.41 -2.56
N VAL F 140 -38.43 25.30 -3.52
CA VAL F 140 -38.85 26.70 -3.44
C VAL F 140 -38.21 27.35 -2.22
N SER F 141 -37.04 27.96 -2.42
CA SER F 141 -36.31 28.62 -1.35
C SER F 141 -35.61 29.85 -1.92
N GLY F 142 -35.16 30.71 -1.02
CA GLY F 142 -34.49 31.93 -1.40
C GLY F 142 -35.44 33.08 -1.63
N ASP F 143 -34.90 34.15 -2.22
CA ASP F 143 -35.64 35.37 -2.50
C ASP F 143 -36.09 35.46 -3.95
N PHE F 144 -36.07 34.33 -4.69
CA PHE F 144 -36.51 34.30 -6.08
C PHE F 144 -37.33 33.06 -6.42
N GLY F 145 -37.79 32.31 -5.42
CA GLY F 145 -38.60 31.13 -5.68
C GLY F 145 -37.85 30.06 -6.44
N GLY F 146 -36.65 29.73 -5.98
CA GLY F 146 -35.82 28.72 -6.63
C GLY F 146 -34.96 27.94 -5.65
N TRP F 147 -33.65 28.14 -5.74
CA TRP F 147 -32.67 27.44 -4.90
C TRP F 147 -31.85 28.44 -4.12
N PHE F 148 -31.39 28.01 -2.94
CA PHE F 148 -30.60 28.84 -2.04
C PHE F 148 -29.38 28.06 -1.57
N CYS F 149 -28.20 28.65 -1.73
CA CYS F 149 -26.95 28.01 -1.31
C CYS F 149 -26.64 28.43 0.11
N PRO F 150 -26.55 27.50 1.08
CA PRO F 150 -26.30 27.94 2.47
C PRO F 150 -24.83 28.19 2.79
N CYS F 151 -23.91 27.89 1.88
CA CYS F 151 -22.49 28.04 2.17
C CYS F 151 -22.09 29.51 2.23
N HIS F 152 -22.61 30.33 1.32
CA HIS F 152 -22.30 31.76 1.31
C HIS F 152 -23.50 32.64 0.96
N GLY F 153 -24.65 32.08 0.62
CA GLY F 153 -25.84 32.87 0.34
C GLY F 153 -25.98 33.25 -1.12
N SER F 154 -26.06 32.24 -1.99
CA SER F 154 -26.27 32.44 -3.42
C SER F 154 -27.72 32.12 -3.75
N HIS F 155 -28.41 33.09 -4.34
CA HIS F 155 -29.83 32.96 -4.65
C HIS F 155 -30.02 32.64 -6.13
N TYR F 156 -30.88 31.67 -6.43
CA TYR F 156 -31.19 31.26 -7.78
C TYR F 156 -32.70 31.38 -8.02
N ASP F 157 -33.06 31.59 -9.27
CA ASP F 157 -34.45 31.73 -9.67
C ASP F 157 -35.04 30.34 -9.93
N SER F 158 -36.29 30.31 -10.42
CA SER F 158 -36.95 29.04 -10.70
C SER F 158 -36.30 28.30 -11.88
N ALA F 159 -35.56 29.00 -12.73
CA ALA F 159 -34.89 28.40 -13.88
C ALA F 159 -33.47 27.94 -13.57
N GLY F 160 -32.96 28.20 -12.37
CA GLY F 160 -31.61 27.78 -12.03
C GLY F 160 -30.52 28.72 -12.47
N ARG F 161 -30.80 30.02 -12.52
CA ARG F 161 -29.85 31.04 -12.94
C ARG F 161 -29.48 31.92 -11.76
N ILE F 162 -28.21 32.25 -11.64
CA ILE F 162 -27.74 33.07 -10.52
C ILE F 162 -28.33 34.47 -10.63
N ARG F 163 -28.81 35.00 -9.51
CA ARG F 163 -29.34 36.35 -9.42
C ARG F 163 -28.72 37.18 -8.30
N LYS F 164 -28.04 36.57 -7.34
CA LYS F 164 -27.46 37.29 -6.22
C LYS F 164 -26.53 36.36 -5.43
N GLY F 165 -25.25 36.71 -5.35
CA GLY F 165 -24.31 35.97 -4.54
C GLY F 165 -22.94 35.89 -5.17
N PRO F 166 -21.98 35.26 -4.47
CA PRO F 166 -20.63 35.10 -5.04
C PRO F 166 -20.56 34.16 -6.24
N ALA F 167 -21.60 33.40 -6.53
CA ALA F 167 -21.57 32.46 -7.65
C ALA F 167 -21.38 33.21 -8.96
N PRO F 168 -20.30 32.96 -9.73
CA PRO F 168 -20.14 33.69 -11.01
C PRO F 168 -21.16 33.30 -12.06
N GLU F 169 -21.28 32.00 -12.35
CA GLU F 169 -22.03 31.51 -13.50
C GLU F 169 -23.29 30.77 -13.03
N ASN F 170 -24.12 30.42 -14.01
CA ASN F 170 -25.30 29.61 -13.78
C ASN F 170 -24.91 28.16 -13.55
N LEU F 171 -25.85 27.39 -13.02
CA LEU F 171 -25.61 25.96 -12.81
C LEU F 171 -25.50 25.27 -14.17
N PRO F 172 -24.43 24.53 -14.45
CA PRO F 172 -24.34 23.87 -15.77
C PRO F 172 -25.38 22.77 -15.92
N ILE F 173 -25.75 22.51 -17.16
CA ILE F 173 -26.71 21.47 -17.53
C ILE F 173 -25.92 20.34 -18.18
N PRO F 174 -26.07 19.08 -17.74
CA PRO F 174 -25.32 17.99 -18.37
C PRO F 174 -25.93 17.63 -19.73
N LEU F 175 -25.26 16.70 -20.42
CA LEU F 175 -25.79 16.12 -21.65
C LEU F 175 -26.91 15.16 -21.28
N ALA F 176 -28.16 15.61 -21.45
CA ALA F 176 -29.33 14.83 -21.08
C ALA F 176 -30.30 14.79 -22.25
N LYS F 177 -31.06 13.70 -22.33
CA LYS F 177 -32.06 13.54 -23.37
C LYS F 177 -33.03 12.44 -22.96
N PHE F 178 -34.22 12.49 -23.53
CA PHE F 178 -35.25 11.49 -23.28
C PHE F 178 -35.08 10.35 -24.28
N ILE F 179 -34.68 9.18 -23.79
CA ILE F 179 -34.55 8.01 -24.65
C ILE F 179 -35.92 7.42 -24.97
N ASP F 180 -36.89 7.58 -24.08
CA ASP F 180 -38.26 7.13 -24.32
C ASP F 180 -39.21 8.05 -23.56
N GLU F 181 -40.47 7.65 -23.46
CA GLU F 181 -41.50 8.52 -22.88
C GLU F 181 -41.32 8.73 -21.39
N THR F 182 -40.57 7.86 -20.70
CA THR F 182 -40.48 7.91 -19.23
C THR F 182 -39.09 7.50 -18.76
N THR F 183 -38.06 7.94 -19.48
CA THR F 183 -36.68 7.65 -19.09
C THR F 183 -35.77 8.73 -19.64
N ILE F 184 -34.86 9.22 -18.79
CA ILE F 184 -33.89 10.24 -19.15
C ILE F 184 -32.49 9.64 -19.04
N GLN F 185 -31.66 9.91 -20.05
CA GLN F 185 -30.28 9.41 -20.10
C GLN F 185 -29.35 10.57 -19.79
N LEU F 186 -28.80 10.58 -18.58
CA LEU F 186 -27.85 11.61 -18.18
C LEU F 186 -26.45 11.25 -18.66
N GLY F 187 -25.82 12.17 -19.36
CA GLY F 187 -24.48 11.96 -19.89
C GLY F 187 -24.46 11.04 -21.10
#